data_6MX5
# 
_entry.id   6MX5 
# 
_audit_conform.dict_name       mmcif_pdbx.dic 
_audit_conform.dict_version    5.379 
_audit_conform.dict_location   http://mmcif.pdb.org/dictionaries/ascii/mmcif_pdbx.dic 
# 
loop_
_database_2.database_id 
_database_2.database_code 
_database_2.pdbx_database_accession 
_database_2.pdbx_DOI 
PDB   6MX5         pdb_00006mx5 10.2210/pdb6mx5/pdb 
WWPDB D_1000237746 ?            ?                   
# 
_pdbx_database_PDB_obs_spr.id               SPRSDE 
_pdbx_database_PDB_obs_spr.date             2018-11-07 
_pdbx_database_PDB_obs_spr.pdb_id           6MX5 
_pdbx_database_PDB_obs_spr.replace_pdb_id   6DX6 
_pdbx_database_PDB_obs_spr.details          ? 
# 
_pdbx_database_status.status_code                     REL 
_pdbx_database_status.status_code_sf                  REL 
_pdbx_database_status.status_code_mr                  ? 
_pdbx_database_status.entry_id                        6MX5 
_pdbx_database_status.recvd_initial_deposition_date   2018-10-30 
_pdbx_database_status.SG_entry                        N 
_pdbx_database_status.deposit_site                    RCSB 
_pdbx_database_status.process_site                    RCSB 
_pdbx_database_status.status_code_cs                  ? 
_pdbx_database_status.methods_development_category    ? 
_pdbx_database_status.pdb_format_compatible           Y 
_pdbx_database_status.status_code_nmr_data            ? 
# 
loop_
_audit_author.name 
_audit_author.pdbx_ordinal 
_audit_author.identifier_ORCID 
'Weichsel, A.'    1 ? 
'Kievenaar, J.A.' 2 ? 
'Montfort, W.R.'  3 ? 
# 
_citation.abstract                  ? 
_citation.abstract_id_CAS           ? 
_citation.book_id_ISBN              ? 
_citation.book_publisher            ? 
_citation.book_publisher_city       ? 
_citation.book_title                ? 
_citation.coordinate_linkage        ? 
_citation.country                   US 
_citation.database_id_Medline       ? 
_citation.details                   ? 
_citation.id                        primary 
_citation.journal_abbrev            'to be published' 
_citation.journal_id_ASTM           BICHAW 
_citation.journal_id_CSD            0033 
_citation.journal_id_ISSN           ? 
_citation.journal_full              ? 
_citation.journal_issue             ? 
_citation.journal_volume            ? 
_citation.language                  ? 
_citation.page_first                ? 
_citation.page_last                 ? 
_citation.title                     'Structure of H-NOX domain from cyanobacteria Nostoc sp' 
_citation.year                      ? 
_citation.database_id_CSD           ? 
_citation.pdbx_database_id_DOI      ? 
_citation.pdbx_database_id_PubMed   ? 
_citation.unpublished_flag          ? 
# 
loop_
_citation_author.citation_id 
_citation_author.name 
_citation_author.ordinal 
_citation_author.identifier_ORCID 
primary 'Kievenaar, J.A.' 1 ? 
primary 'Croft, J.T.'     2 ? 
primary 'Li, J.'          3 ? 
primary 'Feng, C.'        4 ? 
primary 'Weichsel, A.'    5 ? 
primary 'Montfort, W.R.'  6 ? 
# 
_cell.angle_alpha                  90.00 
_cell.angle_alpha_esd              ? 
_cell.angle_beta                   90.00 
_cell.angle_beta_esd               ? 
_cell.angle_gamma                  120.00 
_cell.angle_gamma_esd              ? 
_cell.entry_id                     6MX5 
_cell.details                      ? 
_cell.formula_units_Z              ? 
_cell.length_a                     65.169 
_cell.length_a_esd                 ? 
_cell.length_b                     65.169 
_cell.length_b_esd                 ? 
_cell.length_c                     103.264 
_cell.length_c_esd                 ? 
_cell.volume                       ? 
_cell.volume_esd                   ? 
_cell.Z_PDB                        6 
_cell.reciprocal_angle_alpha       ? 
_cell.reciprocal_angle_beta        ? 
_cell.reciprocal_angle_gamma       ? 
_cell.reciprocal_angle_alpha_esd   ? 
_cell.reciprocal_angle_beta_esd    ? 
_cell.reciprocal_angle_gamma_esd   ? 
_cell.reciprocal_length_a          ? 
_cell.reciprocal_length_b          ? 
_cell.reciprocal_length_c          ? 
_cell.reciprocal_length_a_esd      ? 
_cell.reciprocal_length_b_esd      ? 
_cell.reciprocal_length_c_esd      ? 
_cell.pdbx_unique_axis             ? 
# 
_symmetry.entry_id                         6MX5 
_symmetry.cell_setting                     ? 
_symmetry.Int_Tables_number                154 
_symmetry.space_group_name_Hall            ? 
_symmetry.space_group_name_H-M             'P 32 2 1' 
_symmetry.pdbx_full_space_group_name_H-M   ? 
# 
loop_
_entity.id 
_entity.type 
_entity.src_method 
_entity.pdbx_description 
_entity.formula_weight 
_entity.pdbx_number_of_molecules 
_entity.pdbx_ec 
_entity.pdbx_mutation 
_entity.pdbx_fragment 
_entity.details 
1 polymer     man 'Alr2278 protein'                 21313.846 1  ? ? ? ? 
2 non-polymer syn 'PROTOPORPHYRIN IX CONTAINING FE' 616.487   1  ? ? ? ? 
3 water       nat water                             18.015    20 ? ? ? ? 
# 
_entity_poly.entity_id                      1 
_entity_poly.type                           'polypeptide(L)' 
_entity_poly.nstd_linkage                   no 
_entity_poly.nstd_monomer                   no 
_entity_poly.pdbx_seq_one_letter_code       
;MYGLVNKAIQDMISKHHGEDTWEAIKQKAGLEDIDFFVGMEAYSDDVTYHLVGAASEVLGKPAEELLIAFGEYWVTYTSE
EGYGELLASAGDSLPEFMENLDNLHARVGLSFPQLRPPAFECQHTSSKSMELHYQSTRCGLAPMVLGLLHGLGKRFQTKV
EVTQTAFRETGEDHDIFSIKYEGAENLYFQ
;
_entity_poly.pdbx_seq_one_letter_code_can   
;MYGLVNKAIQDMISKHHGEDTWEAIKQKAGLEDIDFFVGMEAYSDDVTYHLVGAASEVLGKPAEELLIAFGEYWVTYTSE
EGYGELLASAGDSLPEFMENLDNLHARVGLSFPQLRPPAFECQHTSSKSMELHYQSTRCGLAPMVLGLLHGLGKRFQTKV
EVTQTAFRETGEDHDIFSIKYEGAENLYFQ
;
_entity_poly.pdbx_strand_id                 A 
_entity_poly.pdbx_target_identifier         ? 
# 
loop_
_entity_poly_seq.entity_id 
_entity_poly_seq.num 
_entity_poly_seq.mon_id 
_entity_poly_seq.hetero 
1 1   MET n 
1 2   TYR n 
1 3   GLY n 
1 4   LEU n 
1 5   VAL n 
1 6   ASN n 
1 7   LYS n 
1 8   ALA n 
1 9   ILE n 
1 10  GLN n 
1 11  ASP n 
1 12  MET n 
1 13  ILE n 
1 14  SER n 
1 15  LYS n 
1 16  HIS n 
1 17  HIS n 
1 18  GLY n 
1 19  GLU n 
1 20  ASP n 
1 21  THR n 
1 22  TRP n 
1 23  GLU n 
1 24  ALA n 
1 25  ILE n 
1 26  LYS n 
1 27  GLN n 
1 28  LYS n 
1 29  ALA n 
1 30  GLY n 
1 31  LEU n 
1 32  GLU n 
1 33  ASP n 
1 34  ILE n 
1 35  ASP n 
1 36  PHE n 
1 37  PHE n 
1 38  VAL n 
1 39  GLY n 
1 40  MET n 
1 41  GLU n 
1 42  ALA n 
1 43  TYR n 
1 44  SER n 
1 45  ASP n 
1 46  ASP n 
1 47  VAL n 
1 48  THR n 
1 49  TYR n 
1 50  HIS n 
1 51  LEU n 
1 52  VAL n 
1 53  GLY n 
1 54  ALA n 
1 55  ALA n 
1 56  SER n 
1 57  GLU n 
1 58  VAL n 
1 59  LEU n 
1 60  GLY n 
1 61  LYS n 
1 62  PRO n 
1 63  ALA n 
1 64  GLU n 
1 65  GLU n 
1 66  LEU n 
1 67  LEU n 
1 68  ILE n 
1 69  ALA n 
1 70  PHE n 
1 71  GLY n 
1 72  GLU n 
1 73  TYR n 
1 74  TRP n 
1 75  VAL n 
1 76  THR n 
1 77  TYR n 
1 78  THR n 
1 79  SER n 
1 80  GLU n 
1 81  GLU n 
1 82  GLY n 
1 83  TYR n 
1 84  GLY n 
1 85  GLU n 
1 86  LEU n 
1 87  LEU n 
1 88  ALA n 
1 89  SER n 
1 90  ALA n 
1 91  GLY n 
1 92  ASP n 
1 93  SER n 
1 94  LEU n 
1 95  PRO n 
1 96  GLU n 
1 97  PHE n 
1 98  MET n 
1 99  GLU n 
1 100 ASN n 
1 101 LEU n 
1 102 ASP n 
1 103 ASN n 
1 104 LEU n 
1 105 HIS n 
1 106 ALA n 
1 107 ARG n 
1 108 VAL n 
1 109 GLY n 
1 110 LEU n 
1 111 SER n 
1 112 PHE n 
1 113 PRO n 
1 114 GLN n 
1 115 LEU n 
1 116 ARG n 
1 117 PRO n 
1 118 PRO n 
1 119 ALA n 
1 120 PHE n 
1 121 GLU n 
1 122 CYS n 
1 123 GLN n 
1 124 HIS n 
1 125 THR n 
1 126 SER n 
1 127 SER n 
1 128 LYS n 
1 129 SER n 
1 130 MET n 
1 131 GLU n 
1 132 LEU n 
1 133 HIS n 
1 134 TYR n 
1 135 GLN n 
1 136 SER n 
1 137 THR n 
1 138 ARG n 
1 139 CYS n 
1 140 GLY n 
1 141 LEU n 
1 142 ALA n 
1 143 PRO n 
1 144 MET n 
1 145 VAL n 
1 146 LEU n 
1 147 GLY n 
1 148 LEU n 
1 149 LEU n 
1 150 HIS n 
1 151 GLY n 
1 152 LEU n 
1 153 GLY n 
1 154 LYS n 
1 155 ARG n 
1 156 PHE n 
1 157 GLN n 
1 158 THR n 
1 159 LYS n 
1 160 VAL n 
1 161 GLU n 
1 162 VAL n 
1 163 THR n 
1 164 GLN n 
1 165 THR n 
1 166 ALA n 
1 167 PHE n 
1 168 ARG n 
1 169 GLU n 
1 170 THR n 
1 171 GLY n 
1 172 GLU n 
1 173 ASP n 
1 174 HIS n 
1 175 ASP n 
1 176 ILE n 
1 177 PHE n 
1 178 SER n 
1 179 ILE n 
1 180 LYS n 
1 181 TYR n 
1 182 GLU n 
1 183 GLY n 
1 184 ALA n 
1 185 GLU n 
1 186 ASN n 
1 187 LEU n 
1 188 TYR n 
1 189 PHE n 
1 190 GLN n 
# 
_entity_src_gen.entity_id                          1 
_entity_src_gen.pdbx_src_id                        1 
_entity_src_gen.pdbx_alt_source_flag               sample 
_entity_src_gen.pdbx_seq_type                      'Biological sequence' 
_entity_src_gen.pdbx_beg_seq_num                   1 
_entity_src_gen.pdbx_end_seq_num                   190 
_entity_src_gen.gene_src_common_name               ? 
_entity_src_gen.gene_src_genus                     ? 
_entity_src_gen.pdbx_gene_src_gene                 alr2278 
_entity_src_gen.gene_src_species                   ? 
_entity_src_gen.gene_src_strain                    'PCC 7120 / SAG 25.82 / UTEX 2576' 
_entity_src_gen.gene_src_tissue                    ? 
_entity_src_gen.gene_src_tissue_fraction           ? 
_entity_src_gen.gene_src_details                   ? 
_entity_src_gen.pdbx_gene_src_fragment             ? 
_entity_src_gen.pdbx_gene_src_scientific_name      'Nostoc sp.' 
_entity_src_gen.pdbx_gene_src_ncbi_taxonomy_id     103690 
_entity_src_gen.pdbx_gene_src_variant              ? 
_entity_src_gen.pdbx_gene_src_cell_line            ? 
_entity_src_gen.pdbx_gene_src_atcc                 ? 
_entity_src_gen.pdbx_gene_src_organ                ? 
_entity_src_gen.pdbx_gene_src_organelle            ? 
_entity_src_gen.pdbx_gene_src_cell                 ? 
_entity_src_gen.pdbx_gene_src_cellular_location    ? 
_entity_src_gen.host_org_common_name               ? 
_entity_src_gen.pdbx_host_org_scientific_name      'Escherichia coli' 
_entity_src_gen.pdbx_host_org_ncbi_taxonomy_id     562 
_entity_src_gen.host_org_genus                     ? 
_entity_src_gen.pdbx_host_org_gene                 ? 
_entity_src_gen.pdbx_host_org_organ                ? 
_entity_src_gen.host_org_species                   ? 
_entity_src_gen.pdbx_host_org_tissue               ? 
_entity_src_gen.pdbx_host_org_tissue_fraction      ? 
_entity_src_gen.pdbx_host_org_strain               Rosetta 
_entity_src_gen.pdbx_host_org_variant              pLysS 
_entity_src_gen.pdbx_host_org_cell_line            ? 
_entity_src_gen.pdbx_host_org_atcc                 ? 
_entity_src_gen.pdbx_host_org_culture_collection   ? 
_entity_src_gen.pdbx_host_org_cell                 ? 
_entity_src_gen.pdbx_host_org_organelle            ? 
_entity_src_gen.pdbx_host_org_cellular_location    ? 
_entity_src_gen.pdbx_host_org_vector_type          ? 
_entity_src_gen.pdbx_host_org_vector               ? 
_entity_src_gen.host_org_details                   ? 
_entity_src_gen.expression_system_id               ? 
_entity_src_gen.plasmid_name                       ? 
_entity_src_gen.plasmid_details                    ? 
_entity_src_gen.pdbx_description                   ? 
# 
_struct_ref.id                         1 
_struct_ref.db_name                    UNP 
_struct_ref.db_code                    Q8YUQ7_NOSS1 
_struct_ref.pdbx_db_accession          Q8YUQ7 
_struct_ref.pdbx_db_isoform            ? 
_struct_ref.entity_id                  1 
_struct_ref.pdbx_seq_one_letter_code   
;MYGLVNKAIQDMISKHHGEDTWEAIKQKAGLEDIDFFVGMEAYSDDVTYHLVGAASEVLGKPAEELLIAFGEYWVTYTSE
EGYGELLASAGDSLPEFMENLDNLHARVGLSFPQLRPPAFECQHTSSKSMELHYQSTRCGLAPMVLGLLHGLGKRFQTKV
EVTQTAFRETGEDHDIFSIKYE
;
_struct_ref.pdbx_align_begin           1 
# 
_struct_ref_seq.align_id                      1 
_struct_ref_seq.ref_id                        1 
_struct_ref_seq.pdbx_PDB_id_code              6MX5 
_struct_ref_seq.pdbx_strand_id                A 
_struct_ref_seq.seq_align_beg                 1 
_struct_ref_seq.pdbx_seq_align_beg_ins_code   ? 
_struct_ref_seq.seq_align_end                 182 
_struct_ref_seq.pdbx_seq_align_end_ins_code   ? 
_struct_ref_seq.pdbx_db_accession             Q8YUQ7 
_struct_ref_seq.db_align_beg                  1 
_struct_ref_seq.pdbx_db_align_beg_ins_code    ? 
_struct_ref_seq.db_align_end                  182 
_struct_ref_seq.pdbx_db_align_end_ins_code    ? 
_struct_ref_seq.pdbx_auth_seq_align_beg       1 
_struct_ref_seq.pdbx_auth_seq_align_end       182 
# 
loop_
_struct_ref_seq_dif.align_id 
_struct_ref_seq_dif.pdbx_pdb_id_code 
_struct_ref_seq_dif.mon_id 
_struct_ref_seq_dif.pdbx_pdb_strand_id 
_struct_ref_seq_dif.seq_num 
_struct_ref_seq_dif.pdbx_pdb_ins_code 
_struct_ref_seq_dif.pdbx_seq_db_name 
_struct_ref_seq_dif.pdbx_seq_db_accession_code 
_struct_ref_seq_dif.db_mon_id 
_struct_ref_seq_dif.pdbx_seq_db_seq_num 
_struct_ref_seq_dif.details 
_struct_ref_seq_dif.pdbx_auth_seq_num 
_struct_ref_seq_dif.pdbx_ordinal 
1 6MX5 GLY A 183 ? UNP Q8YUQ7 ? ? 'expression tag' 183 1 
1 6MX5 ALA A 184 ? UNP Q8YUQ7 ? ? 'expression tag' 184 2 
1 6MX5 GLU A 185 ? UNP Q8YUQ7 ? ? 'expression tag' 185 3 
1 6MX5 ASN A 186 ? UNP Q8YUQ7 ? ? 'expression tag' 186 4 
1 6MX5 LEU A 187 ? UNP Q8YUQ7 ? ? 'expression tag' 187 5 
1 6MX5 TYR A 188 ? UNP Q8YUQ7 ? ? 'expression tag' 188 6 
1 6MX5 PHE A 189 ? UNP Q8YUQ7 ? ? 'expression tag' 189 7 
1 6MX5 GLN A 190 ? UNP Q8YUQ7 ? ? 'expression tag' 190 8 
# 
loop_
_chem_comp.id 
_chem_comp.type 
_chem_comp.mon_nstd_flag 
_chem_comp.name 
_chem_comp.pdbx_synonyms 
_chem_comp.formula 
_chem_comp.formula_weight 
ALA 'L-peptide linking' y ALANINE                           ?    'C3 H7 N O2'       89.093  
ARG 'L-peptide linking' y ARGININE                          ?    'C6 H15 N4 O2 1'   175.209 
ASN 'L-peptide linking' y ASPARAGINE                        ?    'C4 H8 N2 O3'      132.118 
ASP 'L-peptide linking' y 'ASPARTIC ACID'                   ?    'C4 H7 N O4'       133.103 
CYS 'L-peptide linking' y CYSTEINE                          ?    'C3 H7 N O2 S'     121.158 
GLN 'L-peptide linking' y GLUTAMINE                         ?    'C5 H10 N2 O3'     146.144 
GLU 'L-peptide linking' y 'GLUTAMIC ACID'                   ?    'C5 H9 N O4'       147.129 
GLY 'peptide linking'   y GLYCINE                           ?    'C2 H5 N O2'       75.067  
HEM non-polymer         . 'PROTOPORPHYRIN IX CONTAINING FE' HEME 'C34 H32 Fe N4 O4' 616.487 
HIS 'L-peptide linking' y HISTIDINE                         ?    'C6 H10 N3 O2 1'   156.162 
HOH non-polymer         . WATER                             ?    'H2 O'             18.015  
ILE 'L-peptide linking' y ISOLEUCINE                        ?    'C6 H13 N O2'      131.173 
LEU 'L-peptide linking' y LEUCINE                           ?    'C6 H13 N O2'      131.173 
LYS 'L-peptide linking' y LYSINE                            ?    'C6 H15 N2 O2 1'   147.195 
MET 'L-peptide linking' y METHIONINE                        ?    'C5 H11 N O2 S'    149.211 
PHE 'L-peptide linking' y PHENYLALANINE                     ?    'C9 H11 N O2'      165.189 
PRO 'L-peptide linking' y PROLINE                           ?    'C5 H9 N O2'       115.130 
SER 'L-peptide linking' y SERINE                            ?    'C3 H7 N O3'       105.093 
THR 'L-peptide linking' y THREONINE                         ?    'C4 H9 N O3'       119.119 
TRP 'L-peptide linking' y TRYPTOPHAN                        ?    'C11 H12 N2 O2'    204.225 
TYR 'L-peptide linking' y TYROSINE                          ?    'C9 H11 N O3'      181.189 
VAL 'L-peptide linking' y VALINE                            ?    'C5 H11 N O2'      117.146 
# 
_exptl.absorpt_coefficient_mu     ? 
_exptl.absorpt_correction_T_max   ? 
_exptl.absorpt_correction_T_min   ? 
_exptl.absorpt_correction_type    ? 
_exptl.absorpt_process_details    ? 
_exptl.entry_id                   6MX5 
_exptl.crystals_number            1 
_exptl.details                    ? 
_exptl.method                     'X-RAY DIFFRACTION' 
_exptl.method_details             ? 
# 
_exptl_crystal.colour                      ? 
_exptl_crystal.density_diffrn              ? 
_exptl_crystal.density_Matthews            3.0 
_exptl_crystal.density_method              ? 
_exptl_crystal.density_percent_sol         59 
_exptl_crystal.description                 'hexagonal rod' 
_exptl_crystal.F_000                       ? 
_exptl_crystal.id                          1 
_exptl_crystal.preparation                 ? 
_exptl_crystal.size_max                    ? 
_exptl_crystal.size_mid                    ? 
_exptl_crystal.size_min                    ? 
_exptl_crystal.size_rad                    ? 
_exptl_crystal.colour_lustre               ? 
_exptl_crystal.colour_modifier             ? 
_exptl_crystal.colour_primary              ? 
_exptl_crystal.density_meas                ? 
_exptl_crystal.density_meas_esd            ? 
_exptl_crystal.density_meas_gt             ? 
_exptl_crystal.density_meas_lt             ? 
_exptl_crystal.density_meas_temp           ? 
_exptl_crystal.density_meas_temp_esd       ? 
_exptl_crystal.density_meas_temp_gt        ? 
_exptl_crystal.density_meas_temp_lt        ? 
_exptl_crystal.pdbx_crystal_image_url      ? 
_exptl_crystal.pdbx_crystal_image_format   ? 
_exptl_crystal.pdbx_mosaicity              ? 
_exptl_crystal.pdbx_mosaicity_esd          ? 
# 
_exptl_crystal_grow.apparatus       ? 
_exptl_crystal_grow.atmosphere      ? 
_exptl_crystal_grow.crystal_id      1 
_exptl_crystal_grow.details         ? 
_exptl_crystal_grow.method          'VAPOR DIFFUSION, HANGING DROP' 
_exptl_crystal_grow.method_ref      ? 
_exptl_crystal_grow.pH              7.4 
_exptl_crystal_grow.pressure        ? 
_exptl_crystal_grow.pressure_esd    ? 
_exptl_crystal_grow.seeding         ? 
_exptl_crystal_grow.seeding_ref     ? 
_exptl_crystal_grow.temp            289 
_exptl_crystal_grow.temp_details    ? 
_exptl_crystal_grow.temp_esd        ? 
_exptl_crystal_grow.time            ? 
_exptl_crystal_grow.pdbx_details    'sodium phosphate, potassium phosphate' 
_exptl_crystal_grow.pdbx_pH_range   ? 
# 
_diffrn.ambient_environment              ? 
_diffrn.ambient_temp                     100 
_diffrn.ambient_temp_details             ? 
_diffrn.ambient_temp_esd                 ? 
_diffrn.crystal_id                       1 
_diffrn.crystal_support                  ? 
_diffrn.crystal_treatment                ? 
_diffrn.details                          ? 
_diffrn.id                               1 
_diffrn.ambient_pressure                 ? 
_diffrn.ambient_pressure_esd             ? 
_diffrn.ambient_pressure_gt              ? 
_diffrn.ambient_pressure_lt              ? 
_diffrn.ambient_temp_gt                  ? 
_diffrn.ambient_temp_lt                  ? 
_diffrn.pdbx_serial_crystal_experiment   N 
# 
_diffrn_detector.details                      'Flat Si Rh coated M0' 
_diffrn_detector.detector                     PIXEL 
_diffrn_detector.diffrn_id                    1 
_diffrn_detector.type                         'DECTRIS PILATUS3 6M' 
_diffrn_detector.area_resol_mean              ? 
_diffrn_detector.dtime                        ? 
_diffrn_detector.pdbx_frames_total            ? 
_diffrn_detector.pdbx_collection_time_total   ? 
_diffrn_detector.pdbx_collection_date         2018-04-04 
_diffrn_detector.pdbx_frequency               ? 
# 
_diffrn_radiation.collimation                      ? 
_diffrn_radiation.diffrn_id                        1 
_diffrn_radiation.filter_edge                      ? 
_diffrn_radiation.inhomogeneity                    ? 
_diffrn_radiation.monochromator                    'S(111)' 
_diffrn_radiation.polarisn_norm                    ? 
_diffrn_radiation.polarisn_ratio                   ? 
_diffrn_radiation.probe                            ? 
_diffrn_radiation.type                             ? 
_diffrn_radiation.xray_symbol                      ? 
_diffrn_radiation.wavelength_id                    1 
_diffrn_radiation.pdbx_monochromatic_or_laue_m_l   M 
_diffrn_radiation.pdbx_wavelength_list             ? 
_diffrn_radiation.pdbx_wavelength                  ? 
_diffrn_radiation.pdbx_diffrn_protocol             'SINGLE WAVELENGTH' 
_diffrn_radiation.pdbx_analyzer                    ? 
_diffrn_radiation.pdbx_scattering_type             x-ray 
# 
_diffrn_radiation_wavelength.id           1 
_diffrn_radiation_wavelength.wavelength   0.97946 
_diffrn_radiation_wavelength.wt           1.0 
# 
_diffrn_source.current                     ? 
_diffrn_source.details                     ? 
_diffrn_source.diffrn_id                   1 
_diffrn_source.power                       ? 
_diffrn_source.size                        ? 
_diffrn_source.source                      SYNCHROTRON 
_diffrn_source.target                      ? 
_diffrn_source.type                        'SSRL BEAMLINE BL12-2' 
_diffrn_source.voltage                     ? 
_diffrn_source.take-off_angle              ? 
_diffrn_source.pdbx_wavelength_list        0.97946 
_diffrn_source.pdbx_wavelength             ? 
_diffrn_source.pdbx_synchrotron_beamline   BL12-2 
_diffrn_source.pdbx_synchrotron_site       SSRL 
# 
_reflns.B_iso_Wilson_estimate            52.7 
_reflns.entry_id                         6MX5 
_reflns.data_reduction_details           ? 
_reflns.data_reduction_method            ? 
_reflns.d_resolution_high                2.35 
_reflns.d_resolution_low                 30.0 
_reflns.details                          ? 
_reflns.limit_h_max                      ? 
_reflns.limit_h_min                      ? 
_reflns.limit_k_max                      ? 
_reflns.limit_k_min                      ? 
_reflns.limit_l_max                      ? 
_reflns.limit_l_min                      ? 
_reflns.number_all                       ? 
_reflns.number_obs                       11073 
_reflns.observed_criterion               ? 
_reflns.observed_criterion_F_max         ? 
_reflns.observed_criterion_F_min         ? 
_reflns.observed_criterion_I_max         ? 
_reflns.observed_criterion_I_min         ? 
_reflns.observed_criterion_sigma_F       0.0 
_reflns.observed_criterion_sigma_I       0.0 
_reflns.percent_possible_obs             99.9 
_reflns.R_free_details                   ? 
_reflns.Rmerge_F_all                     ? 
_reflns.Rmerge_F_obs                     ? 
_reflns.Friedel_coverage                 ? 
_reflns.number_gt                        ? 
_reflns.threshold_expression             ? 
_reflns.pdbx_redundancy                  9.7 
_reflns.pdbx_Rmerge_I_obs                0.068 
_reflns.pdbx_Rmerge_I_all                ? 
_reflns.pdbx_Rsym_value                  ? 
_reflns.pdbx_netI_over_av_sigmaI         ? 
_reflns.pdbx_netI_over_sigmaI            21.4 
_reflns.pdbx_res_netI_over_av_sigmaI_2   ? 
_reflns.pdbx_res_netI_over_sigmaI_2      ? 
_reflns.pdbx_chi_squared                 ? 
_reflns.pdbx_scaling_rejects             ? 
_reflns.pdbx_d_res_high_opt              ? 
_reflns.pdbx_d_res_low_opt               ? 
_reflns.pdbx_d_res_opt_method            ? 
_reflns.phase_calculation_details        ? 
_reflns.pdbx_Rrim_I_all                  ? 
_reflns.pdbx_Rpim_I_all                  ? 
_reflns.pdbx_d_opt                       ? 
_reflns.pdbx_number_measured_all         ? 
_reflns.pdbx_diffrn_id                   1 
_reflns.pdbx_ordinal                     1 
_reflns.pdbx_CC_half                     ? 
_reflns.pdbx_R_split                     ? 
# 
_reflns_shell.d_res_high                  2.35 
_reflns_shell.d_res_low                   2.43 
_reflns_shell.meanI_over_sigI_all         ? 
_reflns_shell.meanI_over_sigI_obs         2.5 
_reflns_shell.number_measured_all         ? 
_reflns_shell.number_measured_obs         ? 
_reflns_shell.number_possible             ? 
_reflns_shell.number_unique_all           ? 
_reflns_shell.number_unique_obs           1056 
_reflns_shell.percent_possible_all        99.4 
_reflns_shell.percent_possible_obs        ? 
_reflns_shell.Rmerge_F_all                ? 
_reflns_shell.Rmerge_F_obs                ? 
_reflns_shell.Rmerge_I_all                ? 
_reflns_shell.Rmerge_I_obs                0.923 
_reflns_shell.meanI_over_sigI_gt          ? 
_reflns_shell.meanI_over_uI_all           ? 
_reflns_shell.meanI_over_uI_gt            ? 
_reflns_shell.number_measured_gt          ? 
_reflns_shell.number_unique_gt            ? 
_reflns_shell.percent_possible_gt         ? 
_reflns_shell.Rmerge_F_gt                 ? 
_reflns_shell.Rmerge_I_gt                 ? 
_reflns_shell.pdbx_redundancy             9.5 
_reflns_shell.pdbx_Rsym_value             ? 
_reflns_shell.pdbx_chi_squared            0.95 
_reflns_shell.pdbx_netI_over_sigmaI_all   ? 
_reflns_shell.pdbx_netI_over_sigmaI_obs   ? 
_reflns_shell.pdbx_Rrim_I_all             ? 
_reflns_shell.pdbx_Rpim_I_all             ? 
_reflns_shell.pdbx_rejects                ? 
_reflns_shell.pdbx_ordinal                1 
_reflns_shell.pdbx_diffrn_id              1 
_reflns_shell.pdbx_CC_half                ? 
_reflns_shell.pdbx_R_split                ? 
# 
_refine.aniso_B[1][1]                            0.03 
_refine.aniso_B[1][2]                            0.02 
_refine.aniso_B[1][3]                            0.00 
_refine.aniso_B[2][2]                            0.03 
_refine.aniso_B[2][3]                            0.00 
_refine.aniso_B[3][3]                            -0.11 
_refine.B_iso_max                                ? 
_refine.B_iso_mean                               60.564 
_refine.B_iso_min                                ? 
_refine.correlation_coeff_Fo_to_Fc               0.957 
_refine.correlation_coeff_Fo_to_Fc_free          0.948 
_refine.details                                  'HYDROGENS HAVE BEEN ADDED IN THE RIDING POSITIONS' 
_refine.diff_density_max                         ? 
_refine.diff_density_max_esd                     ? 
_refine.diff_density_min                         ? 
_refine.diff_density_min_esd                     ? 
_refine.diff_density_rms                         ? 
_refine.diff_density_rms_esd                     ? 
_refine.entry_id                                 6MX5 
_refine.pdbx_refine_id                           'X-RAY DIFFRACTION' 
_refine.ls_abs_structure_details                 ? 
_refine.ls_abs_structure_Flack                   ? 
_refine.ls_abs_structure_Flack_esd               ? 
_refine.ls_abs_structure_Rogers                  ? 
_refine.ls_abs_structure_Rogers_esd              ? 
_refine.ls_d_res_high                            2.35 
_refine.ls_d_res_low                             28.23 
_refine.ls_extinction_coef                       ? 
_refine.ls_extinction_coef_esd                   ? 
_refine.ls_extinction_expression                 ? 
_refine.ls_extinction_method                     ? 
_refine.ls_goodness_of_fit_all                   ? 
_refine.ls_goodness_of_fit_all_esd               ? 
_refine.ls_goodness_of_fit_obs                   ? 
_refine.ls_goodness_of_fit_obs_esd               ? 
_refine.ls_hydrogen_treatment                    ? 
_refine.ls_matrix_type                           ? 
_refine.ls_number_constraints                    ? 
_refine.ls_number_parameters                     ? 
_refine.ls_number_reflns_all                     ? 
_refine.ls_number_reflns_obs                     10487 
_refine.ls_number_reflns_R_free                  552 
_refine.ls_number_reflns_R_work                  ? 
_refine.ls_number_restraints                     ? 
_refine.ls_percent_reflns_obs                    99.38 
_refine.ls_percent_reflns_R_free                 5.0 
_refine.ls_R_factor_all                          ? 
_refine.ls_R_factor_obs                          0.21101 
_refine.ls_R_factor_R_free                       0.26176 
_refine.ls_R_factor_R_free_error                 ? 
_refine.ls_R_factor_R_free_error_details         ? 
_refine.ls_R_factor_R_work                       0.20807 
_refine.ls_R_Fsqd_factor_obs                     ? 
_refine.ls_R_I_factor_obs                        ? 
_refine.ls_redundancy_reflns_all                 ? 
_refine.ls_redundancy_reflns_obs                 ? 
_refine.ls_restrained_S_all                      ? 
_refine.ls_restrained_S_obs                      ? 
_refine.ls_shift_over_esd_max                    ? 
_refine.ls_shift_over_esd_mean                   ? 
_refine.ls_structure_factor_coef                 ? 
_refine.ls_weighting_details                     ? 
_refine.ls_weighting_scheme                      ? 
_refine.ls_wR_factor_all                         ? 
_refine.ls_wR_factor_obs                         ? 
_refine.ls_wR_factor_R_free                      ? 
_refine.ls_wR_factor_R_work                      ? 
_refine.occupancy_max                            ? 
_refine.occupancy_min                            ? 
_refine.solvent_model_details                    ? 
_refine.solvent_model_param_bsol                 ? 
_refine.solvent_model_param_ksol                 ? 
_refine.ls_R_factor_gt                           ? 
_refine.ls_goodness_of_fit_gt                    ? 
_refine.ls_goodness_of_fit_ref                   ? 
_refine.ls_shift_over_su_max                     ? 
_refine.ls_shift_over_su_max_lt                  ? 
_refine.ls_shift_over_su_mean                    ? 
_refine.ls_shift_over_su_mean_lt                 ? 
_refine.pdbx_ls_sigma_I                          ? 
_refine.pdbx_ls_sigma_F                          ? 
_refine.pdbx_ls_sigma_Fsqd                       ? 
_refine.pdbx_data_cutoff_high_absF               ? 
_refine.pdbx_data_cutoff_high_rms_absF           ? 
_refine.pdbx_data_cutoff_low_absF                ? 
_refine.pdbx_isotropic_thermal_model             ? 
_refine.pdbx_ls_cross_valid_method               THROUGHOUT 
_refine.pdbx_method_to_determine_struct          'MOLECULAR REPLACEMENT' 
_refine.pdbx_starting_model                      2O09 
_refine.pdbx_stereochemistry_target_values       ? 
_refine.pdbx_R_Free_selection_details            RANDOM 
_refine.pdbx_stereochem_target_val_spec_case     ? 
_refine.pdbx_overall_ESU_R                       0.300 
_refine.pdbx_overall_ESU_R_Free                  0.241 
_refine.pdbx_solvent_vdw_probe_radii             1.20 
_refine.pdbx_solvent_ion_probe_radii             0.80 
_refine.pdbx_solvent_shrinkage_radii             0.80 
_refine.pdbx_real_space_R                        ? 
_refine.pdbx_density_correlation                 ? 
_refine.pdbx_pd_number_of_powder_patterns        ? 
_refine.pdbx_pd_number_of_points                 ? 
_refine.pdbx_pd_meas_number_of_points            ? 
_refine.pdbx_pd_proc_ls_prof_R_factor            ? 
_refine.pdbx_pd_proc_ls_prof_wR_factor           ? 
_refine.pdbx_pd_Marquardt_correlation_coeff      ? 
_refine.pdbx_pd_Fsqrd_R_factor                   ? 
_refine.pdbx_pd_ls_matrix_band_width             ? 
_refine.pdbx_overall_phase_error                 ? 
_refine.pdbx_overall_SU_R_free_Cruickshank_DPI   ? 
_refine.pdbx_overall_SU_R_free_Blow_DPI          ? 
_refine.pdbx_overall_SU_R_Blow_DPI               ? 
_refine.pdbx_TLS_residual_ADP_flag               ? 
_refine.pdbx_diffrn_id                           1 
_refine.overall_SU_B                             10.534 
_refine.overall_SU_ML                            0.233 
_refine.overall_SU_R_Cruickshank_DPI             ? 
_refine.overall_SU_R_free                        ? 
_refine.overall_FOM_free_R_set                   ? 
_refine.overall_FOM_work_R_set                   ? 
_refine.pdbx_average_fsc_overall                 ? 
_refine.pdbx_average_fsc_work                    ? 
_refine.pdbx_average_fsc_free                    ? 
# 
_refine_hist.pdbx_refine_id                   'X-RAY DIFFRACTION' 
_refine_hist.cycle_id                         1 
_refine_hist.pdbx_number_atoms_protein        1490 
_refine_hist.pdbx_number_atoms_nucleic_acid   0 
_refine_hist.pdbx_number_atoms_ligand         43 
_refine_hist.number_atoms_solvent             20 
_refine_hist.number_atoms_total               1553 
_refine_hist.d_res_high                       2.35 
_refine_hist.d_res_low                        28.23 
# 
loop_
_refine_ls_restr.pdbx_refine_id 
_refine_ls_restr.criterion 
_refine_ls_restr.dev_ideal 
_refine_ls_restr.dev_ideal_target 
_refine_ls_restr.number 
_refine_ls_restr.rejects 
_refine_ls_restr.type 
_refine_ls_restr.weight 
_refine_ls_restr.pdbx_restraint_function 
'X-RAY DIFFRACTION' ? 0.009  0.013  1577 ? r_bond_refined_d             ? ? 
'X-RAY DIFFRACTION' ? 0.001  0.017  1388 ? r_bond_other_d               ? ? 
'X-RAY DIFFRACTION' ? 1.742  1.688  2145 ? r_angle_refined_deg          ? ? 
'X-RAY DIFFRACTION' ? 1.306  1.599  3223 ? r_angle_other_deg            ? ? 
'X-RAY DIFFRACTION' ? 7.387  5.000  188  ? r_dihedral_angle_1_deg       ? ? 
'X-RAY DIFFRACTION' ? 35.697 23.875 80   ? r_dihedral_angle_2_deg       ? ? 
'X-RAY DIFFRACTION' ? 19.450 15.000 254  ? r_dihedral_angle_3_deg       ? ? 
'X-RAY DIFFRACTION' ? 19.129 15.000 5    ? r_dihedral_angle_4_deg       ? ? 
'X-RAY DIFFRACTION' ? 0.064  0.200  189  ? r_chiral_restr               ? ? 
'X-RAY DIFFRACTION' ? 0.007  0.020  1790 ? r_gen_planes_refined         ? ? 
'X-RAY DIFFRACTION' ? 0.004  0.020  342  ? r_gen_planes_other           ? ? 
'X-RAY DIFFRACTION' ? ?      ?      ?    ? r_nbd_refined                ? ? 
'X-RAY DIFFRACTION' ? ?      ?      ?    ? r_nbd_other                  ? ? 
'X-RAY DIFFRACTION' ? ?      ?      ?    ? r_nbtor_refined              ? ? 
'X-RAY DIFFRACTION' ? ?      ?      ?    ? r_nbtor_other                ? ? 
'X-RAY DIFFRACTION' ? ?      ?      ?    ? r_xyhbond_nbd_refined        ? ? 
'X-RAY DIFFRACTION' ? ?      ?      ?    ? r_xyhbond_nbd_other          ? ? 
'X-RAY DIFFRACTION' ? ?      ?      ?    ? r_metal_ion_refined          ? ? 
'X-RAY DIFFRACTION' ? ?      ?      ?    ? r_metal_ion_other            ? ? 
'X-RAY DIFFRACTION' ? ?      ?      ?    ? r_symmetry_vdw_refined       ? ? 
'X-RAY DIFFRACTION' ? ?      ?      ?    ? r_symmetry_vdw_other         ? ? 
'X-RAY DIFFRACTION' ? ?      ?      ?    ? r_symmetry_hbond_refined     ? ? 
'X-RAY DIFFRACTION' ? ?      ?      ?    ? r_symmetry_hbond_other       ? ? 
'X-RAY DIFFRACTION' ? ?      ?      ?    ? r_symmetry_metal_ion_refined ? ? 
'X-RAY DIFFRACTION' ? ?      ?      ?    ? r_symmetry_metal_ion_other   ? ? 
'X-RAY DIFFRACTION' ? 5.395  6.187  755  ? r_mcbond_it                  ? ? 
'X-RAY DIFFRACTION' ? 5.356  6.187  754  ? r_mcbond_other               ? ? 
'X-RAY DIFFRACTION' ? 7.271  9.292  942  ? r_mcangle_it                 ? ? 
'X-RAY DIFFRACTION' ? 7.267  9.291  943  ? r_mcangle_other              ? ? 
'X-RAY DIFFRACTION' ? 6.774  6.784  822  ? r_scbond_it                  ? ? 
'X-RAY DIFFRACTION' ? 6.779  6.789  820  ? r_scbond_other               ? ? 
'X-RAY DIFFRACTION' ? ?      ?      ?    ? r_scangle_it                 ? ? 
'X-RAY DIFFRACTION' ? 10.124 9.849  1203 ? r_scangle_other              ? ? 
'X-RAY DIFFRACTION' ? 11.924 70.381 1752 ? r_long_range_B_refined       ? ? 
'X-RAY DIFFRACTION' ? 11.921 70.377 1753 ? r_long_range_B_other         ? ? 
'X-RAY DIFFRACTION' ? ?      ?      ?    ? r_rigid_bond_restr           ? ? 
'X-RAY DIFFRACTION' ? ?      ?      ?    ? r_sphericity_free            ? ? 
'X-RAY DIFFRACTION' ? ?      ?      ?    ? r_sphericity_bonded          ? ? 
# 
_refine_ls_shell.pdbx_refine_id                   'X-RAY DIFFRACTION' 
_refine_ls_shell.d_res_high                       2.346 
_refine_ls_shell.d_res_low                        2.406 
_refine_ls_shell.number_reflns_all                ? 
_refine_ls_shell.number_reflns_obs                ? 
_refine_ls_shell.number_reflns_R_free             38 
_refine_ls_shell.number_reflns_R_work             729 
_refine_ls_shell.percent_reflns_obs               94.00 
_refine_ls_shell.percent_reflns_R_free            ? 
_refine_ls_shell.R_factor_all                     ? 
_refine_ls_shell.R_factor_obs                     ? 
_refine_ls_shell.R_factor_R_free                  0.469 
_refine_ls_shell.R_factor_R_free_error            ? 
_refine_ls_shell.R_factor_R_work                  0.329 
_refine_ls_shell.redundancy_reflns_all            ? 
_refine_ls_shell.redundancy_reflns_obs            ? 
_refine_ls_shell.wR_factor_all                    ? 
_refine_ls_shell.wR_factor_obs                    ? 
_refine_ls_shell.wR_factor_R_free                 ? 
_refine_ls_shell.wR_factor_R_work                 ? 
_refine_ls_shell.pdbx_total_number_of_bins_used   20 
_refine_ls_shell.pdbx_phase_error                 ? 
_refine_ls_shell.pdbx_fsc_work                    ? 
_refine_ls_shell.pdbx_fsc_free                    ? 
# 
_struct.entry_id                     6MX5 
_struct.title                        'Crystal structure of H-NOX protein from Nostoc sp.' 
_struct.pdbx_model_details           ? 
_struct.pdbx_formula_weight          ? 
_struct.pdbx_formula_weight_method   ? 
_struct.pdbx_model_type_details      ? 
_struct.pdbx_CASP_flag               N 
# 
_struct_keywords.entry_id        6MX5 
_struct_keywords.text            'NO-sensing, ferrous heme, cyanobacteria, SIGNALING PROTEIN' 
_struct_keywords.pdbx_keywords   'SIGNALING PROTEIN' 
# 
loop_
_struct_asym.id 
_struct_asym.pdbx_blank_PDB_chainid_flag 
_struct_asym.pdbx_modified 
_struct_asym.entity_id 
_struct_asym.details 
A N N 1 ? 
B N N 2 ? 
C N N 3 ? 
# 
loop_
_struct_conf.conf_type_id 
_struct_conf.id 
_struct_conf.pdbx_PDB_helix_id 
_struct_conf.beg_label_comp_id 
_struct_conf.beg_label_asym_id 
_struct_conf.beg_label_seq_id 
_struct_conf.pdbx_beg_PDB_ins_code 
_struct_conf.end_label_comp_id 
_struct_conf.end_label_asym_id 
_struct_conf.end_label_seq_id 
_struct_conf.pdbx_end_PDB_ins_code 
_struct_conf.beg_auth_comp_id 
_struct_conf.beg_auth_asym_id 
_struct_conf.beg_auth_seq_id 
_struct_conf.end_auth_comp_id 
_struct_conf.end_auth_asym_id 
_struct_conf.end_auth_seq_id 
_struct_conf.pdbx_PDB_helix_class 
_struct_conf.details 
_struct_conf.pdbx_PDB_helix_length 
HELX_P HELX_P1 AA1 TYR A 2   ? ALA A 29  ? TYR A 2   ALA A 29  1 ? 28 
HELX_P HELX_P2 AA2 ASP A 45  ? GLY A 60  ? ASP A 45  GLY A 60  1 ? 16 
HELX_P HELX_P3 AA3 PRO A 62  ? GLU A 81  ? PRO A 62  GLU A 81  1 ? 20 
HELX_P HELX_P4 AA4 TYR A 83  ? GLY A 91  ? TYR A 83  GLY A 91  1 ? 9  
HELX_P HELX_P5 AA5 SER A 93  ? ASN A 100 ? SER A 93  ASN A 100 1 ? 8  
HELX_P HELX_P6 AA6 ASN A 100 ? PHE A 112 ? ASN A 100 PHE A 112 1 ? 13 
HELX_P HELX_P7 AA7 LEU A 141 ? PHE A 156 ? LEU A 141 PHE A 156 1 ? 16 
HELX_P HELX_P8 AA8 PHE A 167 ? GLY A 171 ? PHE A 167 GLY A 171 5 ? 5  
HELX_P HELX_P9 AA9 GLY A 183 ? PHE A 189 ? GLY A 183 PHE A 189 1 ? 7  
# 
_struct_conf_type.id          HELX_P 
_struct_conf_type.criteria    ? 
_struct_conf_type.reference   ? 
# 
_struct_conn.id                            metalc1 
_struct_conn.conn_type_id                  metalc 
_struct_conn.pdbx_leaving_atom_flag        ? 
_struct_conn.pdbx_PDB_id                   ? 
_struct_conn.ptnr1_label_asym_id           A 
_struct_conn.ptnr1_label_comp_id           HIS 
_struct_conn.ptnr1_label_seq_id            105 
_struct_conn.ptnr1_label_atom_id           NE2 
_struct_conn.pdbx_ptnr1_label_alt_id       ? 
_struct_conn.pdbx_ptnr1_PDB_ins_code       ? 
_struct_conn.pdbx_ptnr1_standard_comp_id   ? 
_struct_conn.ptnr1_symmetry                1_555 
_struct_conn.ptnr2_label_asym_id           B 
_struct_conn.ptnr2_label_comp_id           HEM 
_struct_conn.ptnr2_label_seq_id            . 
_struct_conn.ptnr2_label_atom_id           FE 
_struct_conn.pdbx_ptnr2_label_alt_id       ? 
_struct_conn.pdbx_ptnr2_PDB_ins_code       ? 
_struct_conn.ptnr1_auth_asym_id            A 
_struct_conn.ptnr1_auth_comp_id            HIS 
_struct_conn.ptnr1_auth_seq_id             105 
_struct_conn.ptnr2_auth_asym_id            A 
_struct_conn.ptnr2_auth_comp_id            HEM 
_struct_conn.ptnr2_auth_seq_id             500 
_struct_conn.ptnr2_symmetry                1_555 
_struct_conn.pdbx_ptnr3_label_atom_id      ? 
_struct_conn.pdbx_ptnr3_label_seq_id       ? 
_struct_conn.pdbx_ptnr3_label_comp_id      ? 
_struct_conn.pdbx_ptnr3_label_asym_id      ? 
_struct_conn.pdbx_ptnr3_label_alt_id       ? 
_struct_conn.pdbx_ptnr3_PDB_ins_code       ? 
_struct_conn.details                       ? 
_struct_conn.pdbx_dist_value               2.229 
_struct_conn.pdbx_value_order              ? 
_struct_conn.pdbx_role                     ? 
# 
_struct_conn_type.id          metalc 
_struct_conn_type.criteria    ? 
_struct_conn_type.reference   ? 
# 
_struct_sheet.id               AA1 
_struct_sheet.type             ? 
_struct_sheet.number_strands   4 
_struct_sheet.details          ? 
# 
loop_
_struct_sheet_order.sheet_id 
_struct_sheet_order.range_id_1 
_struct_sheet_order.range_id_2 
_struct_sheet_order.offset 
_struct_sheet_order.sense 
AA1 1 2 ? anti-parallel 
AA1 2 3 ? anti-parallel 
AA1 3 4 ? anti-parallel 
# 
loop_
_struct_sheet_range.sheet_id 
_struct_sheet_range.id 
_struct_sheet_range.beg_label_comp_id 
_struct_sheet_range.beg_label_asym_id 
_struct_sheet_range.beg_label_seq_id 
_struct_sheet_range.pdbx_beg_PDB_ins_code 
_struct_sheet_range.end_label_comp_id 
_struct_sheet_range.end_label_asym_id 
_struct_sheet_range.end_label_seq_id 
_struct_sheet_range.pdbx_end_PDB_ins_code 
_struct_sheet_range.beg_auth_comp_id 
_struct_sheet_range.beg_auth_asym_id 
_struct_sheet_range.beg_auth_seq_id 
_struct_sheet_range.end_auth_comp_id 
_struct_sheet_range.end_auth_asym_id 
_struct_sheet_range.end_auth_seq_id 
AA1 1 ALA A 119 ? HIS A 124 ? ALA A 119 HIS A 124 
AA1 2 SER A 129 ? GLN A 135 ? SER A 129 GLN A 135 
AA1 3 ASP A 175 ? GLU A 182 ? ASP A 175 GLU A 182 
AA1 4 LYS A 159 ? ALA A 166 ? LYS A 159 ALA A 166 
# 
loop_
_pdbx_struct_sheet_hbond.sheet_id 
_pdbx_struct_sheet_hbond.range_id_1 
_pdbx_struct_sheet_hbond.range_id_2 
_pdbx_struct_sheet_hbond.range_1_label_atom_id 
_pdbx_struct_sheet_hbond.range_1_label_comp_id 
_pdbx_struct_sheet_hbond.range_1_label_asym_id 
_pdbx_struct_sheet_hbond.range_1_label_seq_id 
_pdbx_struct_sheet_hbond.range_1_PDB_ins_code 
_pdbx_struct_sheet_hbond.range_1_auth_atom_id 
_pdbx_struct_sheet_hbond.range_1_auth_comp_id 
_pdbx_struct_sheet_hbond.range_1_auth_asym_id 
_pdbx_struct_sheet_hbond.range_1_auth_seq_id 
_pdbx_struct_sheet_hbond.range_2_label_atom_id 
_pdbx_struct_sheet_hbond.range_2_label_comp_id 
_pdbx_struct_sheet_hbond.range_2_label_asym_id 
_pdbx_struct_sheet_hbond.range_2_label_seq_id 
_pdbx_struct_sheet_hbond.range_2_PDB_ins_code 
_pdbx_struct_sheet_hbond.range_2_auth_atom_id 
_pdbx_struct_sheet_hbond.range_2_auth_comp_id 
_pdbx_struct_sheet_hbond.range_2_auth_asym_id 
_pdbx_struct_sheet_hbond.range_2_auth_seq_id 
AA1 1 2 N ALA A 119 ? N ALA A 119 O GLN A 135 ? O GLN A 135 
AA1 2 3 N LEU A 132 ? N LEU A 132 O PHE A 177 ? O PHE A 177 
AA1 3 4 O LYS A 180 ? O LYS A 180 N GLU A 161 ? N GLU A 161 
# 
_struct_site.id                   AC1 
_struct_site.pdbx_evidence_code   Software 
_struct_site.pdbx_auth_asym_id    A 
_struct_site.pdbx_auth_comp_id    HEM 
_struct_site.pdbx_auth_seq_id     500 
_struct_site.pdbx_auth_ins_code   ? 
_struct_site.pdbx_num_residues    16 
_struct_site.details              'binding site for residue HEM A 500' 
# 
loop_
_struct_site_gen.id 
_struct_site_gen.site_id 
_struct_site_gen.pdbx_num_res 
_struct_site_gen.label_comp_id 
_struct_site_gen.label_asym_id 
_struct_site_gen.label_seq_id 
_struct_site_gen.pdbx_auth_ins_code 
_struct_site_gen.auth_comp_id 
_struct_site_gen.auth_asym_id 
_struct_site_gen.auth_seq_id 
_struct_site_gen.label_atom_id 
_struct_site_gen.label_alt_id 
_struct_site_gen.symmetry 
_struct_site_gen.details 
1  AC1 16 MET A 1   ? MET A 1   . ? 1_555 ? 
2  AC1 16 TYR A 2   ? TYR A 2   . ? 1_555 ? 
3  AC1 16 VAL A 5   ? VAL A 5   . ? 1_555 ? 
4  AC1 16 TRP A 74  ? TRP A 74  . ? 1_555 ? 
5  AC1 16 THR A 78  ? THR A 78  . ? 1_555 ? 
6  AC1 16 TYR A 83  ? TYR A 83  . ? 1_555 ? 
7  AC1 16 PHE A 97  ? PHE A 97  . ? 1_555 ? 
8  AC1 16 LEU A 101 ? LEU A 101 . ? 1_555 ? 
9  AC1 16 HIS A 105 ? HIS A 105 . ? 1_555 ? 
10 AC1 16 LEU A 115 ? LEU A 115 . ? 1_555 ? 
11 AC1 16 ARG A 116 ? ARG A 116 . ? 1_555 ? 
12 AC1 16 PRO A 118 ? PRO A 118 . ? 1_555 ? 
13 AC1 16 TYR A 134 ? TYR A 134 . ? 1_555 ? 
14 AC1 16 SER A 136 ? SER A 136 . ? 1_555 ? 
15 AC1 16 ARG A 138 ? ARG A 138 . ? 1_555 ? 
16 AC1 16 LEU A 148 ? LEU A 148 . ? 1_555 ? 
# 
_atom_sites.entry_id                    6MX5 
_atom_sites.fract_transf_matrix[1][1]   0.01469563 
_atom_sites.fract_transf_matrix[1][2]   0.00636396 
_atom_sites.fract_transf_matrix[1][3]   0.00758218 
_atom_sites.fract_transf_matrix[2][1]   0.00896639 
_atom_sites.fract_transf_matrix[2][2]   -0.00990542 
_atom_sites.fract_transf_matrix[2][3]   0.01163828 
_atom_sites.fract_transf_matrix[3][1]   0.00531289 
_atom_sites.fract_transf_matrix[3][2]   -0.00367015 
_atom_sites.fract_transf_matrix[3][3]   -0.00721686 
_atom_sites.fract_transf_vector[1]      0.283285 
_atom_sites.fract_transf_vector[2]      -0.265966 
_atom_sites.fract_transf_vector[3]      -0.057745 
# 
loop_
_atom_type.symbol 
C  
FE 
N  
O  
S  
# 
loop_
_atom_site.group_PDB 
_atom_site.id 
_atom_site.type_symbol 
_atom_site.label_atom_id 
_atom_site.label_alt_id 
_atom_site.label_comp_id 
_atom_site.label_asym_id 
_atom_site.label_entity_id 
_atom_site.label_seq_id 
_atom_site.pdbx_PDB_ins_code 
_atom_site.Cartn_x 
_atom_site.Cartn_y 
_atom_site.Cartn_z 
_atom_site.occupancy 
_atom_site.B_iso_or_equiv 
_atom_site.pdbx_formal_charge 
_atom_site.auth_seq_id 
_atom_site.auth_comp_id 
_atom_site.auth_asym_id 
_atom_site.auth_atom_id 
_atom_site.pdbx_PDB_model_num 
ATOM   1    N  N   . MET A 1 1   ? 5.654   -12.284 -0.700  1.00 46.80  ? 1   MET A N   1 
ATOM   2    C  CA  . MET A 1 1   ? 5.602   -11.239 0.350   1.00 52.08  ? 1   MET A CA  1 
ATOM   3    C  C   . MET A 1 1   ? 5.138   -11.926 1.643   1.00 51.88  ? 1   MET A C   1 
ATOM   4    O  O   . MET A 1 1   ? 4.593   -13.051 1.558   1.00 53.17  ? 1   MET A O   1 
ATOM   5    C  CB  . MET A 1 1   ? 4.635   -10.107 -0.017  1.00 51.10  ? 1   MET A CB  1 
ATOM   6    C  CG  . MET A 1 1   ? 4.912   -9.434  -1.354  1.00 55.69  ? 1   MET A CG  1 
ATOM   7    S  SD  . MET A 1 1   ? 4.028   -7.836  -1.569  1.00 58.21  ? 1   MET A SD  1 
ATOM   8    C  CE  . MET A 1 1   ? 3.599   -7.949  -3.305  1.00 64.88  ? 1   MET A CE  1 
ATOM   9    N  N   . TYR A 1 2   ? 5.320   -11.292 2.796   1.00 52.42  ? 2   TYR A N   1 
ATOM   10   C  CA  . TYR A 1 2   ? 4.920   -11.895 4.101   1.00 59.47  ? 2   TYR A CA  1 
ATOM   11   C  C   . TYR A 1 2   ? 3.405   -12.181 4.079   1.00 60.79  ? 2   TYR A C   1 
ATOM   12   O  O   . TYR A 1 2   ? 2.681   -11.435 3.415   1.00 61.53  ? 2   TYR A O   1 
ATOM   13   C  CB  . TYR A 1 2   ? 5.438   -11.041 5.265   1.00 52.40  ? 2   TYR A CB  1 
ATOM   14   C  CG  . TYR A 1 2   ? 6.815   -11.449 5.722   1.00 57.04  ? 2   TYR A CG  1 
ATOM   15   C  CD1 . TYR A 1 2   ? 7.955   -10.837 5.229   1.00 60.70  ? 2   TYR A CD1 1 
ATOM   16   C  CD2 . TYR A 1 2   ? 6.981   -12.513 6.596   1.00 59.94  ? 2   TYR A CD2 1 
ATOM   17   C  CE1 . TYR A 1 2   ? 9.220   -11.252 5.620   1.00 72.06  ? 2   TYR A CE1 1 
ATOM   18   C  CE2 . TYR A 1 2   ? 8.238   -12.933 7.001   1.00 63.14  ? 2   TYR A CE2 1 
ATOM   19   C  CZ  . TYR A 1 2   ? 9.365   -12.303 6.514   1.00 68.98  ? 2   TYR A CZ  1 
ATOM   20   O  OH  . TYR A 1 2   ? 10.592  -12.746 6.913   1.00 73.54  ? 2   TYR A OH  1 
ATOM   21   N  N   . GLY A 1 3   ? 2.952   -13.265 4.724   1.00 58.03  ? 3   GLY A N   1 
ATOM   22   C  CA  . GLY A 1 3   ? 1.527   -13.622 4.812   1.00 53.49  ? 3   GLY A CA  1 
ATOM   23   C  C   . GLY A 1 3   ? 0.679   -12.443 5.278   1.00 60.35  ? 3   GLY A C   1 
ATOM   24   O  O   . GLY A 1 3   ? -0.514  -12.408 4.957   1.00 63.56  ? 3   GLY A O   1 
ATOM   25   N  N   . LEU A 1 4   ? 1.252   -11.476 5.994   1.00 57.96  ? 4   LEU A N   1 
ATOM   26   C  CA  . LEU A 1 4   ? 0.478   -10.297 6.464   1.00 61.50  ? 4   LEU A CA  1 
ATOM   27   C  C   . LEU A 1 4   ? -0.206  -9.588  5.282   1.00 60.27  ? 4   LEU A C   1 
ATOM   28   O  O   . LEU A 1 4   ? -1.329  -9.049  5.481   1.00 51.45  ? 4   LEU A O   1 
ATOM   29   C  CB  . LEU A 1 4   ? 1.404   -9.319  7.189   1.00 56.42  ? 4   LEU A CB  1 
ATOM   30   C  CG  . LEU A 1 4   ? 0.673   -8.204  7.940   1.00 58.34  ? 4   LEU A CG  1 
ATOM   31   C  CD1 . LEU A 1 4   ? -0.142  -8.753  9.113   1.00 57.09  ? 4   LEU A CD1 1 
ATOM   32   C  CD2 . LEU A 1 4   ? 1.647   -7.161  8.436   1.00 62.08  ? 4   LEU A CD2 1 
ATOM   33   N  N   . VAL A 1 5   ? 0.485   -9.478  4.141   1.00 51.59  ? 5   VAL A N   1 
ATOM   34   C  CA  . VAL A 1 5   ? -0.047  -8.804  2.922   1.00 52.92  ? 5   VAL A CA  1 
ATOM   35   C  C   . VAL A 1 5   ? -1.243  -9.634  2.439   1.00 50.33  ? 5   VAL A C   1 
ATOM   36   O  O   . VAL A 1 5   ? -2.286  -9.056  2.190   1.00 52.23  ? 5   VAL A O   1 
ATOM   37   C  CB  . VAL A 1 5   ? 1.043   -8.605  1.842   1.00 50.87  ? 5   VAL A CB  1 
ATOM   38   C  CG1 . VAL A 1 5   ? 0.518   -8.012  0.536   1.00 50.78  ? 5   VAL A CG1 1 
ATOM   39   C  CG2 . VAL A 1 5   ? 2.158   -7.716  2.371   1.00 54.63  ? 5   VAL A CG2 1 
ATOM   40   N  N   . ASN A 1 6   ? -1.091  -10.951 2.387   1.00 55.75  ? 6   ASN A N   1 
ATOM   41   C  CA  . ASN A 1 6   ? -2.047  -11.900 1.762   1.00 56.36  ? 6   ASN A CA  1 
ATOM   42   C  C   . ASN A 1 6   ? -3.316  -12.006 2.626   1.00 61.75  ? 6   ASN A C   1 
ATOM   43   O  O   . ASN A 1 6   ? -4.420  -12.133 2.065   1.00 63.75  ? 6   ASN A O   1 
ATOM   44   C  CB  . ASN A 1 6   ? -1.326  -13.227 1.521   1.00 53.96  ? 6   ASN A CB  1 
ATOM   45   C  CG  . ASN A 1 6   ? -0.176  -13.078 0.546   1.00 61.84  ? 6   ASN A CG  1 
ATOM   46   O  OD1 . ASN A 1 6   ? -0.330  -12.509 -0.541  1.00 59.58  ? 6   ASN A OD1 1 
ATOM   47   N  ND2 . ASN A 1 6   ? 0.985   -13.597 0.907   1.00 63.42  ? 6   ASN A ND2 1 
ATOM   48   N  N   . LYS A 1 7   ? -3.175  -11.976 3.951   1.00 63.66  ? 7   LYS A N   1 
ATOM   49   C  CA  . LYS A 1 7   ? -4.319  -11.950 4.891   1.00 63.03  ? 7   LYS A CA  1 
ATOM   50   C  C   . LYS A 1 7   ? -5.036  -10.626 4.677   1.00 61.97  ? 7   LYS A C   1 
ATOM   51   O  O   . LYS A 1 7   ? -6.266  -10.608 4.609   1.00 65.29  ? 7   LYS A O   1 
ATOM   52   C  CB  . LYS A 1 7   ? -3.878  -12.015 6.353   1.00 75.40  ? 7   LYS A CB  1 
ATOM   53   C  CG  . LYS A 1 7   ? -3.527  -13.390 6.905   1.00 79.83  ? 7   LYS A CG  1 
ATOM   54   C  CD  . LYS A 1 7   ? -2.527  -13.312 8.053   1.00 89.54  ? 7   LYS A CD  1 
ATOM   55   C  CE  . LYS A 1 7   ? -2.925  -12.380 9.186   1.00 92.19  ? 7   LYS A CE  1 
ATOM   56   N  NZ  . LYS A 1 7   ? -3.684  -13.103 10.230  1.00 88.97  ? 7   LYS A NZ  1 
ATOM   57   N  N   . ALA A 1 8   ? -4.271  -9.549  4.589   1.00 53.51  ? 8   ALA A N   1 
ATOM   58   C  CA  . ALA A 1 8   ? -4.848  -8.208  4.421   1.00 55.63  ? 8   ALA A CA  1 
ATOM   59   C  C   . ALA A 1 8   ? -5.724  -8.241  3.168   1.00 52.52  ? 8   ALA A C   1 
ATOM   60   O  O   . ALA A 1 8   ? -6.785  -7.653  3.219   1.00 54.00  ? 8   ALA A O   1 
ATOM   61   C  CB  . ALA A 1 8   ? -3.760  -7.167  4.349   1.00 54.05  ? 8   ALA A CB  1 
ATOM   62   N  N   . ILE A 1 9   ? -5.286  -8.930  2.107   1.00 53.58  ? 9   ILE A N   1 
ATOM   63   C  CA  . ILE A 1 9   ? -6.038  -9.053  0.819   1.00 58.27  ? 9   ILE A CA  1 
ATOM   64   C  C   . ILE A 1 9   ? -7.280  -9.905  1.100   1.00 55.84  ? 9   ILE A C   1 
ATOM   65   O  O   . ILE A 1 9   ? -8.393  -9.511  0.710   1.00 54.43  ? 9   ILE A O   1 
ATOM   66   C  CB  . ILE A 1 9   ? -5.164  -9.629  -0.321  1.00 52.56  ? 9   ILE A CB  1 
ATOM   67   C  CG1 . ILE A 1 9   ? -4.062  -8.642  -0.714  1.00 52.98  ? 9   ILE A CG1 1 
ATOM   68   C  CG2 . ILE A 1 9   ? -6.016  -10.002 -1.525  1.00 52.06  ? 9   ILE A CG2 1 
ATOM   69   C  CD1 . ILE A 1 9   ? -2.971  -9.243  -1.540  1.00 54.62  ? 9   ILE A CD1 1 
ATOM   70   N  N   . GLN A 1 10  ? -7.100  -11.020 1.788   1.00 58.48  ? 10  GLN A N   1 
ATOM   71   C  CA  . GLN A 1 10  ? -8.230  -11.901 2.167   1.00 65.18  ? 10  GLN A CA  1 
ATOM   72   C  C   . GLN A 1 10  ? -9.255  -11.095 2.967   1.00 69.57  ? 10  GLN A C   1 
ATOM   73   O  O   . GLN A 1 10  ? -10.433 -11.138 2.602   1.00 88.37  ? 10  GLN A O   1 
ATOM   74   C  CB  . GLN A 1 10  ? -7.722  -13.081 2.977   1.00 65.21  ? 10  GLN A CB  1 
ATOM   75   C  CG  . GLN A 1 10  ? -8.824  -14.014 3.401   1.00 64.47  ? 10  GLN A CG  1 
ATOM   76   C  CD  . GLN A 1 10  ? -8.250  -15.190 4.141   1.00 65.58  ? 10  GLN A CD  1 
ATOM   77   O  OE1 . GLN A 1 10  ? -7.096  -15.577 3.962   1.00 74.45  ? 10  GLN A OE1 1 
ATOM   78   N  NE2 . GLN A 1 10  ? -9.065  -15.754 5.006   1.00 66.15  ? 10  GLN A NE2 1 
ATOM   79   N  N   . ASP A 1 11  ? -8.817  -10.365 3.992   1.00 71.69  ? 11  ASP A N   1 
ATOM   80   C  CA  . ASP A 1 11  ? -9.716  -9.609  4.904   1.00 70.97  ? 11  ASP A CA  1 
ATOM   81   C  C   . ASP A 1 11  ? -10.410 -8.498  4.112   1.00 71.76  ? 11  ASP A C   1 
ATOM   82   O  O   . ASP A 1 11  ? -11.636 -8.312  4.308   1.00 73.68  ? 11  ASP A O   1 
ATOM   83   C  CB  . ASP A 1 11  ? -8.970  -9.028  6.112   1.00 76.68  ? 11  ASP A CB  1 
ATOM   84   C  CG  . ASP A 1 11  ? -8.648  -10.041 7.200   1.00 85.74  ? 11  ASP A CG  1 
ATOM   85   O  OD1 . ASP A 1 11  ? -9.043  -11.235 7.056   1.00 76.68  ? 11  ASP A OD1 1 
ATOM   86   O  OD2 . ASP A 1 11  ? -8.001  -9.634  8.190   1.00 91.70  ? 11  ASP A OD2 1 
ATOM   87   N  N   . MET A 1 12  ? -9.672  -7.782  3.260   1.00 62.92  ? 12  MET A N   1 
ATOM   88   C  CA  . MET A 1 12  ? -10.264 -6.678  2.463   1.00 61.42  ? 12  MET A CA  1 
ATOM   89   C  C   . MET A 1 12  ? -11.400 -7.213  1.581   1.00 64.47  ? 12  MET A C   1 
ATOM   90   O  O   . MET A 1 12  ? -12.422 -6.527  1.485   1.00 63.95  ? 12  MET A O   1 
ATOM   91   C  CB  . MET A 1 12  ? -9.263  -5.966  1.558   1.00 55.69  ? 12  MET A CB  1 
ATOM   92   C  CG  . MET A 1 12  ? -9.929  -4.793  0.917   1.00 61.41  ? 12  MET A CG  1 
ATOM   93   S  SD  . MET A 1 12  ? -8.877  -3.732  -0.041  1.00 59.49  ? 12  MET A SD  1 
ATOM   94   C  CE  . MET A 1 12  ? -8.889  -4.639  -1.592  1.00 71.27  ? 12  MET A CE  1 
ATOM   95   N  N   . ILE A 1 13  ? -11.215 -8.382  0.967   1.00 61.71  ? 13  ILE A N   1 
ATOM   96   C  CA  . ILE A 1 13  ? -12.176 -8.978  -0.010  1.00 74.16  ? 13  ILE A CA  1 
ATOM   97   C  C   . ILE A 1 13  ? -13.367 -9.592  0.750   1.00 76.15  ? 13  ILE A C   1 
ATOM   98   O  O   . ILE A 1 13  ? -14.530 -9.375  0.333   1.00 72.98  ? 13  ILE A O   1 
ATOM   99   C  CB  . ILE A 1 13  ? -11.445 -9.997  -0.917  1.00 73.61  ? 13  ILE A CB  1 
ATOM   100  C  CG1 . ILE A 1 13  ? -10.691 -9.291  -2.055  1.00 70.69  ? 13  ILE A CG1 1 
ATOM   101  C  CG2 . ILE A 1 13  ? -12.384 -11.078 -1.438  1.00 61.96  ? 13  ILE A CG2 1 
ATOM   102  C  CD1 . ILE A 1 13  ? -9.575  -10.119 -2.671  1.00 63.40  ? 13  ILE A CD1 1 
ATOM   103  N  N   . SER A 1 14  ? -13.082 -10.348 1.812   1.00 73.02  ? 14  SER A N   1 
ATOM   104  C  CA  . SER A 1 14  ? -14.089 -10.991 2.698   1.00 78.35  ? 14  SER A CA  1 
ATOM   105  C  C   . SER A 1 14  ? -15.001 -9.925  3.329   1.00 76.46  ? 14  SER A C   1 
ATOM   106  O  O   . SER A 1 14  ? -16.168 -10.249 3.552   1.00 81.87  ? 14  SER A O   1 
ATOM   107  C  CB  . SER A 1 14  ? -13.422 -11.862 3.744   1.00 75.03  ? 14  SER A CB  1 
ATOM   108  O  OG  . SER A 1 14  ? -12.796 -12.987 3.132   1.00 79.38  ? 14  SER A OG  1 
ATOM   109  N  N   . LYS A 1 15  ? -14.505 -8.703  3.561   1.00 75.02  ? 15  LYS A N   1 
ATOM   110  C  CA  . LYS A 1 15  ? -15.289 -7.576  4.139   1.00 83.57  ? 15  LYS A CA  1 
ATOM   111  C  C   . LYS A 1 15  ? -16.238 -7.012  3.077   1.00 80.10  ? 15  LYS A C   1 
ATOM   112  O  O   . LYS A 1 15  ? -17.431 -6.892  3.366   1.00 82.97  ? 15  LYS A O   1 
ATOM   113  C  CB  . LYS A 1 15  ? -14.378 -6.466  4.680   1.00 94.13  ? 15  LYS A CB  1 
ATOM   114  C  CG  . LYS A 1 15  ? -15.083 -5.183  5.115   1.00 101.74 ? 15  LYS A CG  1 
ATOM   115  C  CD  . LYS A 1 15  ? -14.167 -4.173  5.806   1.00 114.89 ? 15  LYS A CD  1 
ATOM   116  C  CE  . LYS A 1 15  ? -14.690 -2.747  5.768   1.00 126.93 ? 15  LYS A CE  1 
ATOM   117  N  NZ  . LYS A 1 15  ? -16.038 -2.624  6.381   1.00 127.34 ? 15  LYS A NZ  1 
ATOM   118  N  N   . HIS A 1 16  ? -15.729 -6.643  1.906   1.00 79.60  ? 16  HIS A N   1 
ATOM   119  C  CA  . HIS A 1 16  ? -16.507 -5.876  0.901   1.00 85.31  ? 16  HIS A CA  1 
ATOM   120  C  C   . HIS A 1 16  ? -17.366 -6.811  0.051   1.00 78.23  ? 16  HIS A C   1 
ATOM   121  O  O   . HIS A 1 16  ? -18.263 -6.258  -0.611  1.00 79.94  ? 16  HIS A O   1 
ATOM   122  C  CB  . HIS A 1 16  ? -15.595 -4.996  0.025   1.00 96.67  ? 16  HIS A CB  1 
ATOM   123  C  CG  . HIS A 1 16  ? -14.907 -3.899  0.773   1.00 104.00 ? 16  HIS A CG  1 
ATOM   124  N  ND1 . HIS A 1 16  ? -13.569 -3.591  0.578   1.00 102.54 ? 16  HIS A ND1 1 
ATOM   125  C  CD2 . HIS A 1 16  ? -15.356 -3.037  1.714   1.00 118.62 ? 16  HIS A CD2 1 
ATOM   126  C  CE1 . HIS A 1 16  ? -13.225 -2.588  1.365   1.00 101.60 ? 16  HIS A CE1 1 
ATOM   127  N  NE2 . HIS A 1 16  ? -14.303 -2.233  2.078   1.00 120.69 ? 16  HIS A NE2 1 
ATOM   128  N  N   . HIS A 1 17  ? -17.090 -8.133  0.036   1.00 72.15  ? 17  HIS A N   1 
ATOM   129  C  CA  . HIS A 1 17  ? -17.637 -9.097  -0.972  1.00 71.67  ? 17  HIS A CA  1 
ATOM   130  C  C   . HIS A 1 17  ? -18.095 -10.438 -0.376  1.00 70.48  ? 17  HIS A C   1 
ATOM   131  O  O   . HIS A 1 17  ? -18.601 -11.274 -1.156  1.00 74.56  ? 17  HIS A O   1 
ATOM   132  C  CB  . HIS A 1 17  ? -16.633 -9.355  -2.119  1.00 71.54  ? 17  HIS A CB  1 
ATOM   133  C  CG  . HIS A 1 17  ? -16.232 -8.115  -2.842  1.00 77.71  ? 17  HIS A CG  1 
ATOM   134  N  ND1 . HIS A 1 17  ? -17.132 -7.372  -3.596  1.00 74.12  ? 17  HIS A ND1 1 
ATOM   135  C  CD2 . HIS A 1 17  ? -15.049 -7.461  -2.905  1.00 87.41  ? 17  HIS A CD2 1 
ATOM   136  C  CE1 . HIS A 1 17  ? -16.516 -6.318  -4.102  1.00 84.46  ? 17  HIS A CE1 1 
ATOM   137  N  NE2 . HIS A 1 17  ? -15.235 -6.343  -3.689  1.00 89.78  ? 17  HIS A NE2 1 
ATOM   138  N  N   . GLY A 1 18  ? -17.941 -10.671 0.928   1.00 71.93  ? 18  GLY A N   1 
ATOM   139  C  CA  . GLY A 1 18  ? -18.414 -11.916 1.562   1.00 76.91  ? 18  GLY A CA  1 
ATOM   140  C  C   . GLY A 1 18  ? -17.555 -13.114 1.191   1.00 81.07  ? 18  GLY A C   1 
ATOM   141  O  O   . GLY A 1 18  ? -16.851 -13.076 0.170   1.00 79.06  ? 18  GLY A O   1 
ATOM   142  N  N   . GLU A 1 19  ? -17.627 -14.168 1.999   1.00 99.93  ? 19  GLU A N   1 
ATOM   143  C  CA  . GLU A 1 19  ? -16.574 -15.215 2.099   1.00 102.74 ? 19  GLU A CA  1 
ATOM   144  C  C   . GLU A 1 19  ? -16.603 -16.137 0.877   1.00 94.86  ? 19  GLU A C   1 
ATOM   145  O  O   . GLU A 1 19  ? -15.539 -16.668 0.534   1.00 90.13  ? 19  GLU A O   1 
ATOM   146  C  CB  . GLU A 1 19  ? -16.744 -15.994 3.404   1.00 113.75 ? 19  GLU A CB  1 
ATOM   147  C  CG  . GLU A 1 19  ? -16.534 -15.127 4.643   1.00 127.41 ? 19  GLU A CG  1 
ATOM   148  C  CD  . GLU A 1 19  ? -17.526 -15.312 5.787   1.00 134.67 ? 19  GLU A CD  1 
ATOM   149  O  OE1 . GLU A 1 19  ? -17.087 -15.278 6.959   1.00 119.52 ? 19  GLU A OE1 1 
ATOM   150  O  OE2 . GLU A 1 19  ? -18.744 -15.459 5.513   1.00 129.82 ? 19  GLU A OE2 1 
ATOM   151  N  N   . ASP A 1 20  ? -17.770 -16.337 0.260   1.00 102.88 ? 20  ASP A N   1 
ATOM   152  C  CA  . ASP A 1 20  ? -17.944 -17.256 -0.901  1.00 96.69  ? 20  ASP A CA  1 
ATOM   153  C  C   . ASP A 1 20  ? -17.040 -16.762 -2.034  1.00 91.94  ? 20  ASP A C   1 
ATOM   154  O  O   . ASP A 1 20  ? -16.232 -17.548 -2.540  1.00 86.19  ? 20  ASP A O   1 
ATOM   155  C  CB  . ASP A 1 20  ? -19.404 -17.332 -1.375  1.00 109.98 ? 20  ASP A CB  1 
ATOM   156  C  CG  . ASP A 1 20  ? -20.438 -17.482 -0.267  1.00 118.64 ? 20  ASP A CG  1 
ATOM   157  O  OD1 . ASP A 1 20  ? -20.074 -17.977 0.821   1.00 121.11 ? 20  ASP A OD1 1 
ATOM   158  O  OD2 . ASP A 1 20  ? -21.602 -17.079 -0.493  1.00 115.54 ? 20  ASP A OD2 1 
ATOM   159  N  N   . THR A 1 21  ? -17.176 -15.483 -2.388  1.00 85.63  ? 21  THR A N   1 
ATOM   160  C  CA  . THR A 1 21  ? -16.314 -14.750 -3.344  1.00 83.20  ? 21  THR A CA  1 
ATOM   161  C  C   . THR A 1 21  ? -14.833 -15.037 -3.030  1.00 76.91  ? 21  THR A C   1 
ATOM   162  O  O   . THR A 1 21  ? -14.203 -15.719 -3.841  1.00 74.37  ? 21  THR A O   1 
ATOM   163  C  CB  . THR A 1 21  ? -16.702 -13.270 -3.315  1.00 78.10  ? 21  THR A CB  1 
ATOM   164  O  OG1 . THR A 1 21  ? -18.115 -13.220 -3.514  1.00 74.68  ? 21  THR A OG1 1 
ATOM   165  C  CG2 . THR A 1 21  ? -15.984 -12.449 -4.357  1.00 77.71  ? 21  THR A CG2 1 
ATOM   166  N  N   . TRP A 1 22  ? -14.316 -14.603 -1.871  1.00 79.48  ? 22  TRP A N   1 
ATOM   167  C  CA  . TRP A 1 22  ? -12.886 -14.778 -1.465  1.00 83.28  ? 22  TRP A CA  1 
ATOM   168  C  C   . TRP A 1 22  ? -12.363 -16.195 -1.781  1.00 77.63  ? 22  TRP A C   1 
ATOM   169  O  O   . TRP A 1 22  ? -11.167 -16.322 -2.125  1.00 72.85  ? 22  TRP A O   1 
ATOM   170  C  CB  . TRP A 1 22  ? -12.631 -14.456 0.018   1.00 73.61  ? 22  TRP A CB  1 
ATOM   171  C  CG  . TRP A 1 22  ? -11.363 -15.117 0.461   1.00 77.26  ? 22  TRP A CG  1 
ATOM   172  C  CD1 . TRP A 1 22  ? -11.240 -16.225 1.248   1.00 79.22  ? 22  TRP A CD1 1 
ATOM   173  C  CD2 . TRP A 1 22  ? -10.032 -14.803 0.010   1.00 66.50  ? 22  TRP A CD2 1 
ATOM   174  N  NE1 . TRP A 1 22  ? -9.927  -16.596 1.353   1.00 74.65  ? 22  TRP A NE1 1 
ATOM   175  C  CE2 . TRP A 1 22  ? -9.163  -15.741 0.609   1.00 68.98  ? 22  TRP A CE2 1 
ATOM   176  C  CE3 . TRP A 1 22  ? -9.497  -13.815 -0.818  1.00 60.68  ? 22  TRP A CE3 1 
ATOM   177  C  CZ2 . TRP A 1 22  ? -7.785  -15.702 0.428   1.00 69.85  ? 22  TRP A CZ2 1 
ATOM   178  C  CZ3 . TRP A 1 22  ? -8.135  -13.791 -1.016  1.00 70.83  ? 22  TRP A CZ3 1 
ATOM   179  C  CH2 . TRP A 1 22  ? -7.291  -14.727 -0.408  1.00 70.49  ? 22  TRP A CH2 1 
ATOM   180  N  N   . GLU A 1 23  ? -13.191 -17.227 -1.621  1.00 71.42  ? 23  GLU A N   1 
ATOM   181  C  CA  . GLU A 1 23  ? -12.778 -18.645 -1.814  1.00 72.35  ? 23  GLU A CA  1 
ATOM   182  C  C   . GLU A 1 23  ? -12.886 -19.027 -3.291  1.00 72.38  ? 23  GLU A C   1 
ATOM   183  O  O   . GLU A 1 23  ? -12.257 -20.013 -3.701  1.00 71.09  ? 23  GLU A O   1 
ATOM   184  C  CB  . GLU A 1 23  ? -13.636 -19.588 -0.969  1.00 80.96  ? 23  GLU A CB  1 
ATOM   185  C  CG  . GLU A 1 23  ? -12.839 -20.746 -0.388  1.00 88.97  ? 23  GLU A CG  1 
ATOM   186  C  CD  . GLU A 1 23  ? -11.970 -20.391 0.812   1.00 87.17  ? 23  GLU A CD  1 
ATOM   187  O  OE1 . GLU A 1 23  ? -12.444 -19.633 1.702   1.00 78.23  ? 23  GLU A OE1 1 
ATOM   188  O  OE2 . GLU A 1 23  ? -10.816 -20.871 0.856   1.00 89.31  ? 23  GLU A OE2 1 
ATOM   189  N  N   . ALA A 1 24  ? -13.684 -18.287 -4.060  1.00 73.20  ? 24  ALA A N   1 
ATOM   190  C  CA  . ALA A 1 24  ? -13.702 -18.371 -5.534  1.00 68.51  ? 24  ALA A CA  1 
ATOM   191  C  C   . ALA A 1 24  ? -12.386 -17.780 -6.028  1.00 67.93  ? 24  ALA A C   1 
ATOM   192  O  O   . ALA A 1 24  ? -11.722 -18.394 -6.872  1.00 79.69  ? 24  ALA A O   1 
ATOM   193  C  CB  . ALA A 1 24  ? -14.897 -17.622 -6.086  1.00 69.30  ? 24  ALA A CB  1 
ATOM   194  N  N   . ILE A 1 25  ? -12.036 -16.615 -5.489  1.00 60.73  ? 25  ILE A N   1 
ATOM   195  C  CA  . ILE A 1 25  ? -10.809 -15.872 -5.864  1.00 59.69  ? 25  ILE A CA  1 
ATOM   196  C  C   . ILE A 1 25  ? -9.602  -16.729 -5.512  1.00 57.21  ? 25  ILE A C   1 
ATOM   197  O  O   . ILE A 1 25  ? -8.698  -16.842 -6.356  1.00 65.95  ? 25  ILE A O   1 
ATOM   198  C  CB  . ILE A 1 25  ? -10.788 -14.499 -5.186  1.00 66.53  ? 25  ILE A CB  1 
ATOM   199  C  CG1 . ILE A 1 25  ? -11.797 -13.550 -5.863  1.00 62.95  ? 25  ILE A CG1 1 
ATOM   200  C  CG2 . ILE A 1 25  ? -9.360  -13.954 -5.163  1.00 67.18  ? 25  ILE A CG2 1 
ATOM   201  C  CD1 . ILE A 1 25  ? -12.174 -12.309 -5.048  1.00 53.17  ? 25  ILE A CD1 1 
ATOM   202  N  N   . LYS A 1 26  ? -9.619  -17.339 -4.330  1.00 63.15  ? 26  LYS A N   1 
ATOM   203  C  CA  . LYS A 1 26  ? -8.518  -18.188 -3.812  1.00 64.63  ? 26  LYS A CA  1 
ATOM   204  C  C   . LYS A 1 26  ? -8.287  -19.372 -4.759  1.00 67.31  ? 26  LYS A C   1 
ATOM   205  O  O   . LYS A 1 26  ? -7.142  -19.764 -4.938  1.00 82.83  ? 26  LYS A O   1 
ATOM   206  C  CB  . LYS A 1 26  ? -8.867  -18.608 -2.389  1.00 67.02  ? 26  LYS A CB  1 
ATOM   207  C  CG  . LYS A 1 26  ? -7.818  -19.471 -1.710  1.00 80.09  ? 26  LYS A CG  1 
ATOM   208  C  CD  . LYS A 1 26  ? -7.848  -19.363 -0.196  1.00 91.94  ? 26  LYS A CD  1 
ATOM   209  C  CE  . LYS A 1 26  ? -7.108  -20.483 0.510   1.00 97.37  ? 26  LYS A CE  1 
ATOM   210  N  NZ  . LYS A 1 26  ? -7.276  -20.405 1.983   1.00 98.33  ? 26  LYS A NZ  1 
ATOM   211  N  N   . GLN A 1 27  ? -9.341  -19.880 -5.390  1.00 74.13  ? 27  GLN A N   1 
ATOM   212  C  CA  . GLN A 1 27  ? -9.303  -21.045 -6.309  1.00 77.74  ? 27  GLN A CA  1 
ATOM   213  C  C   . GLN A 1 27  ? -8.694  -20.619 -7.652  1.00 77.81  ? 27  GLN A C   1 
ATOM   214  O  O   . GLN A 1 27  ? -7.735  -21.258 -8.110  1.00 80.51  ? 27  GLN A O   1 
ATOM   215  C  CB  . GLN A 1 27  ? -10.729 -21.578 -6.501  1.00 91.58  ? 27  GLN A CB  1 
ATOM   216  C  CG  . GLN A 1 27  ? -10.824 -22.936 -7.192  1.00 94.89  ? 27  GLN A CG  1 
ATOM   217  C  CD  . GLN A 1 27  ? -10.645 -24.090 -6.230  1.00 107.14 ? 27  GLN A CD  1 
ATOM   218  O  OE1 . GLN A 1 27  ? -11.352 -24.215 -5.227  1.00 107.77 ? 27  GLN A OE1 1 
ATOM   219  N  NE2 . GLN A 1 27  ? -9.689  -24.955 -6.533  1.00 112.64 ? 27  GLN A NE2 1 
ATOM   220  N  N   . LYS A 1 28  ? -9.262  -19.598 -8.288  1.00 73.11  ? 28  LYS A N   1 
ATOM   221  C  CA  . LYS A 1 28  ? -8.747  -19.062 -9.570  1.00 73.37  ? 28  LYS A CA  1 
ATOM   222  C  C   . LYS A 1 28  ? -7.234  -18.874 -9.450  1.00 73.47  ? 28  LYS A C   1 
ATOM   223  O  O   . LYS A 1 28  ? -6.514  -19.272 -10.379 1.00 87.94  ? 28  LYS A O   1 
ATOM   224  C  CB  . LYS A 1 28  ? -9.428  -17.735 -9.901  1.00 76.38  ? 28  LYS A CB  1 
ATOM   225  C  CG  . LYS A 1 28  ? -9.956  -17.621 -11.323 1.00 82.56  ? 28  LYS A CG  1 
ATOM   226  C  CD  . LYS A 1 28  ? -11.371 -17.056 -11.360 1.00 86.93  ? 28  LYS A CD  1 
ATOM   227  C  CE  . LYS A 1 28  ? -12.215 -17.499 -12.540 1.00 93.13  ? 28  LYS A CE  1 
ATOM   228  N  NZ  . LYS A 1 28  ? -11.896 -18.869 -13.008 1.00 97.82  ? 28  LYS A NZ  1 
ATOM   229  N  N   . ALA A 1 29  ? -6.780  -18.313 -8.332  1.00 71.52  ? 29  ALA A N   1 
ATOM   230  C  CA  . ALA A 1 29  ? -5.366  -17.957 -8.070  1.00 74.56  ? 29  ALA A CA  1 
ATOM   231  C  C   . ALA A 1 29  ? -4.504  -19.217 -7.945  1.00 71.17  ? 29  ALA A C   1 
ATOM   232  O  O   . ALA A 1 29  ? -3.280  -19.107 -8.128  1.00 70.55  ? 29  ALA A O   1 
ATOM   233  C  CB  . ALA A 1 29  ? -5.277  -17.127 -6.818  1.00 77.93  ? 29  ALA A CB  1 
ATOM   234  N  N   . GLY A 1 30  ? -5.114  -20.345 -7.585  1.00 79.11  ? 30  GLY A N   1 
ATOM   235  C  CA  . GLY A 1 30  ? -4.460  -21.665 -7.469  1.00 84.39  ? 30  GLY A CA  1 
ATOM   236  C  C   . GLY A 1 30  ? -3.917  -21.938 -6.068  1.00 86.15  ? 30  GLY A C   1 
ATOM   237  O  O   . GLY A 1 30  ? -2.855  -22.573 -5.977  1.00 72.85  ? 30  GLY A O   1 
ATOM   238  N  N   . LEU A 1 31  ? -4.619  -21.510 -5.006  1.00 89.71  ? 31  LEU A N   1 
ATOM   239  C  CA  . LEU A 1 31  ? -4.052  -21.445 -3.625  1.00 91.66  ? 31  LEU A CA  1 
ATOM   240  C  C   . LEU A 1 31  ? -4.925  -22.181 -2.589  1.00 95.65  ? 31  LEU A C   1 
ATOM   241  O  O   . LEU A 1 31  ? -4.708  -21.943 -1.379  1.00 111.20 ? 31  LEU A O   1 
ATOM   242  C  CB  . LEU A 1 31  ? -3.868  -19.972 -3.234  1.00 78.53  ? 31  LEU A CB  1 
ATOM   243  C  CG  . LEU A 1 31  ? -3.043  -19.117 -4.190  1.00 69.66  ? 31  LEU A CG  1 
ATOM   244  C  CD1 . LEU A 1 31  ? -3.045  -17.666 -3.752  1.00 70.92  ? 31  LEU A CD1 1 
ATOM   245  C  CD2 . LEU A 1 31  ? -1.620  -19.634 -4.290  1.00 76.36  ? 31  LEU A CD2 1 
ATOM   246  N  N   . GLU A 1 32  ? -5.836  -23.065 -3.010  1.00 99.91  ? 32  GLU A N   1 
ATOM   247  C  CA  . GLU A 1 32  ? -6.685  -23.879 -2.085  1.00 119.58 ? 32  GLU A CA  1 
ATOM   248  C  C   . GLU A 1 32  ? -5.799  -24.631 -1.073  1.00 123.87 ? 32  GLU A C   1 
ATOM   249  O  O   . GLU A 1 32  ? -6.187  -24.690 0.110   1.00 126.49 ? 32  GLU A O   1 
ATOM   250  C  CB  . GLU A 1 32  ? -7.564  -24.907 -2.809  1.00 120.97 ? 32  GLU A CB  1 
ATOM   251  C  CG  . GLU A 1 32  ? -7.819  -24.621 -4.277  1.00 123.79 ? 32  GLU A CG  1 
ATOM   252  C  CD  . GLU A 1 32  ? -6.611  -24.751 -5.195  1.00 132.49 ? 32  GLU A CD  1 
ATOM   253  O  OE1 . GLU A 1 32  ? -6.767  -24.533 -6.419  1.00 120.04 ? 32  GLU A OE1 1 
ATOM   254  O  OE2 . GLU A 1 32  ? -5.506  -25.044 -4.682  1.00 138.17 ? 32  GLU A OE2 1 
ATOM   255  N  N   . ASP A 1 33  ? -4.669  -25.194 -1.526  1.00 119.09 ? 33  ASP A N   1 
ATOM   256  C  CA  . ASP A 1 33  ? -3.746  -26.042 -0.720  1.00 122.98 ? 33  ASP A CA  1 
ATOM   257  C  C   . ASP A 1 33  ? -3.336  -25.300 0.556   1.00 125.32 ? 33  ASP A C   1 
ATOM   258  O  O   . ASP A 1 33  ? -3.459  -25.884 1.656   1.00 130.58 ? 33  ASP A O   1 
ATOM   259  C  CB  . ASP A 1 33  ? -2.520  -26.460 -1.535  1.00 120.94 ? 33  ASP A CB  1 
ATOM   260  C  CG  . ASP A 1 33  ? -2.817  -27.598 -2.499  1.00 120.72 ? 33  ASP A CG  1 
ATOM   261  O  OD1 . ASP A 1 33  ? -3.921  -28.186 -2.389  1.00 108.66 ? 33  ASP A OD1 1 
ATOM   262  O  OD2 . ASP A 1 33  ? -1.948  -27.895 -3.346  1.00 109.72 ? 33  ASP A OD2 1 
ATOM   263  N  N   . ILE A 1 34  ? -2.862  -24.065 0.407   1.00 112.21 ? 34  ILE A N   1 
ATOM   264  C  CA  . ILE A 1 34  ? -2.709  -23.112 1.540   1.00 102.29 ? 34  ILE A CA  1 
ATOM   265  C  C   . ILE A 1 34  ? -4.076  -23.022 2.225   1.00 99.16  ? 34  ILE A C   1 
ATOM   266  O  O   . ILE A 1 34  ? -4.962  -22.402 1.612   1.00 98.33  ? 34  ILE A O   1 
ATOM   267  C  CB  . ILE A 1 34  ? -2.223  -21.743 1.028   1.00 102.45 ? 34  ILE A CB  1 
ATOM   268  C  CG1 . ILE A 1 34  ? -0.847  -21.846 0.360   1.00 99.53  ? 34  ILE A CG1 1 
ATOM   269  C  CG2 . ILE A 1 34  ? -2.239  -20.705 2.143   1.00 103.81 ? 34  ILE A CG2 1 
ATOM   270  C  CD1 . ILE A 1 34  ? -0.248  -20.511 -0.045  1.00 97.25  ? 34  ILE A CD1 1 
ATOM   271  N  N   . ASP A 1 35  ? -4.249  -23.642 3.402   1.00 92.26  ? 35  ASP A N   1 
ATOM   272  C  CA  . ASP A 1 35  ? -5.549  -23.672 4.130   1.00 98.47  ? 35  ASP A CA  1 
ATOM   273  C  C   . ASP A 1 35  ? -5.800  -22.280 4.733   1.00 88.76  ? 35  ASP A C   1 
ATOM   274  O  O   . ASP A 1 35  ? -6.987  -21.906 4.882   1.00 88.96  ? 35  ASP A O   1 
ATOM   275  C  CB  . ASP A 1 35  ? -5.631  -24.819 5.155   1.00 109.21 ? 35  ASP A CB  1 
ATOM   276  C  CG  . ASP A 1 35  ? -6.905  -25.666 5.061   1.00 121.96 ? 35  ASP A CG  1 
ATOM   277  O  OD1 . ASP A 1 35  ? -7.391  -25.904 3.928   1.00 115.62 ? 35  ASP A OD1 1 
ATOM   278  O  OD2 . ASP A 1 35  ? -7.410  -26.095 6.119   1.00 128.99 ? 35  ASP A OD2 1 
ATOM   279  N  N   . PHE A 1 36  ? -4.735  -21.524 5.031   1.00 77.18  ? 36  PHE A N   1 
ATOM   280  C  CA  . PHE A 1 36  ? -4.799  -20.114 5.509   1.00 80.10  ? 36  PHE A CA  1 
ATOM   281  C  C   . PHE A 1 36  ? -3.390  -19.505 5.489   1.00 73.93  ? 36  PHE A C   1 
ATOM   282  O  O   . PHE A 1 36  ? -2.422  -20.273 5.500   1.00 72.56  ? 36  PHE A O   1 
ATOM   283  C  CB  . PHE A 1 36  ? -5.410  -20.041 6.912   1.00 87.72  ? 36  PHE A CB  1 
ATOM   284  C  CG  . PHE A 1 36  ? -4.610  -20.761 7.970   1.00 93.49  ? 36  PHE A CG  1 
ATOM   285  C  CD1 . PHE A 1 36  ? -4.589  -22.150 8.023   1.00 99.16  ? 36  PHE A CD1 1 
ATOM   286  C  CD2 . PHE A 1 36  ? -3.860  -20.054 8.901   1.00 98.98  ? 36  PHE A CD2 1 
ATOM   287  C  CE1 . PHE A 1 36  ? -3.839  -22.815 8.982   1.00 100.41 ? 36  PHE A CE1 1 
ATOM   288  C  CE2 . PHE A 1 36  ? -3.116  -20.720 9.867   1.00 100.24 ? 36  PHE A CE2 1 
ATOM   289  C  CZ  . PHE A 1 36  ? -3.108  -22.098 9.906   1.00 100.72 ? 36  PHE A CZ  1 
ATOM   290  N  N   . PHE A 1 37  ? -3.286  -18.170 5.500   1.00 69.85  ? 37  PHE A N   1 
ATOM   291  C  CA  . PHE A 1 37  ? -2.003  -17.423 5.509   1.00 66.09  ? 37  PHE A CA  1 
ATOM   292  C  C   . PHE A 1 37  ? -1.537  -17.135 6.949   1.00 71.44  ? 37  PHE A C   1 
ATOM   293  O  O   . PHE A 1 37  ? -2.336  -16.599 7.762   1.00 67.46  ? 37  PHE A O   1 
ATOM   294  C  CB  . PHE A 1 37  ? -2.136  -16.090 4.774   1.00 70.74  ? 37  PHE A CB  1 
ATOM   295  C  CG  . PHE A 1 37  ? -2.585  -16.182 3.341   1.00 75.02  ? 37  PHE A CG  1 
ATOM   296  C  CD1 . PHE A 1 37  ? -1.733  -16.673 2.361   1.00 68.89  ? 37  PHE A CD1 1 
ATOM   297  C  CD2 . PHE A 1 37  ? -3.847  -15.755 2.971   1.00 68.60  ? 37  PHE A CD2 1 
ATOM   298  C  CE1 . PHE A 1 37  ? -2.154  -16.765 1.047   1.00 67.44  ? 37  PHE A CE1 1 
ATOM   299  C  CE2 . PHE A 1 37  ? -4.259  -15.850 1.651   1.00 73.21  ? 37  PHE A CE2 1 
ATOM   300  C  CZ  . PHE A 1 37  ? -3.413  -16.346 0.695   1.00 66.23  ? 37  PHE A CZ  1 
ATOM   301  N  N   . VAL A 1 38  ? -0.258  -17.415 7.238   1.00 71.90  ? 38  VAL A N   1 
ATOM   302  C  CA  . VAL A 1 38  ? 0.449   -16.986 8.483   1.00 69.61  ? 38  VAL A CA  1 
ATOM   303  C  C   . VAL A 1 38  ? 1.145   -15.655 8.205   1.00 65.99  ? 38  VAL A C   1 
ATOM   304  O  O   . VAL A 1 38  ? 2.000   -15.618 7.293   1.00 72.27  ? 38  VAL A O   1 
ATOM   305  C  CB  . VAL A 1 38  ? 1.488   -18.017 8.965   1.00 77.05  ? 38  VAL A CB  1 
ATOM   306  C  CG1 . VAL A 1 38  ? 2.265   -17.488 10.177  1.00 72.57  ? 38  VAL A CG1 1 
ATOM   307  C  CG2 . VAL A 1 38  ? 0.861   -19.377 9.244   1.00 70.64  ? 38  VAL A CG2 1 
ATOM   308  N  N   . GLY A 1 39  ? 0.813   -14.637 9.000   1.00 71.69  ? 39  GLY A N   1 
ATOM   309  C  CA  . GLY A 1 39  ? 1.357   -13.272 8.915   1.00 66.92  ? 39  GLY A CA  1 
ATOM   310  C  C   . GLY A 1 39  ? 2.854   -13.285 8.735   1.00 68.93  ? 39  GLY A C   1 
ATOM   311  O  O   . GLY A 1 39  ? 3.320   -12.612 7.816   1.00 81.45  ? 39  GLY A O   1 
ATOM   312  N  N   . MET A 1 40  ? 3.568   -14.055 9.561   1.00 76.82  ? 40  MET A N   1 
ATOM   313  C  CA  . MET A 1 40  ? 5.043   -13.953 9.736   1.00 79.34  ? 40  MET A CA  1 
ATOM   314  C  C   . MET A 1 40  ? 5.737   -14.937 8.791   1.00 71.31  ? 40  MET A C   1 
ATOM   315  O  O   . MET A 1 40  ? 6.972   -15.053 8.847   1.00 67.52  ? 40  MET A O   1 
ATOM   316  C  CB  . MET A 1 40  ? 5.445   -14.261 11.183  1.00 87.24  ? 40  MET A CB  1 
ATOM   317  C  CG  . MET A 1 40  ? 4.902   -13.280 12.193  1.00 93.66  ? 40  MET A CG  1 
ATOM   318  S  SD  . MET A 1 40  ? 5.644   -11.647 12.005  1.00 111.65 ? 40  MET A SD  1 
ATOM   319  C  CE  . MET A 1 40  ? 5.966   -11.238 13.726  1.00 117.59 ? 40  MET A CE  1 
ATOM   320  N  N   . GLU A 1 41  ? 4.979   -15.639 7.960   1.00 61.51  ? 41  GLU A N   1 
ATOM   321  C  CA  . GLU A 1 41  ? 5.553   -16.635 7.035   1.00 64.55  ? 41  GLU A CA  1 
ATOM   322  C  C   . GLU A 1 41  ? 5.738   -15.935 5.692   1.00 68.60  ? 41  GLU A C   1 
ATOM   323  O  O   . GLU A 1 41  ? 4.770   -15.327 5.189   1.00 69.18  ? 41  GLU A O   1 
ATOM   324  C  CB  . GLU A 1 41  ? 4.655   -17.872 6.971   1.00 71.74  ? 41  GLU A CB  1 
ATOM   325  C  CG  . GLU A 1 41  ? 5.172   -18.995 6.079   1.00 75.09  ? 41  GLU A CG  1 
ATOM   326  C  CD  . GLU A 1 41  ? 4.488   -20.350 6.282   1.00 82.75  ? 41  GLU A CD  1 
ATOM   327  O  OE1 . GLU A 1 41  ? 3.839   -20.553 7.335   1.00 83.24  ? 41  GLU A OE1 1 
ATOM   328  O  OE2 . GLU A 1 41  ? 4.605   -21.216 5.388   1.00 90.20  ? 41  GLU A OE2 1 
ATOM   329  N  N   . ALA A 1 42  ? 6.957   -15.971 5.168   1.00 66.79  ? 42  ALA A N   1 
ATOM   330  C  CA  . ALA A 1 42  ? 7.282   -15.453 3.825   1.00 73.19  ? 42  ALA A CA  1 
ATOM   331  C  C   . ALA A 1 42  ? 6.620   -16.396 2.819   1.00 68.10  ? 42  ALA A C   1 
ATOM   332  O  O   . ALA A 1 42  ? 6.569   -17.595 3.111   1.00 72.29  ? 42  ALA A O   1 
ATOM   333  C  CB  . ALA A 1 42  ? 8.784   -15.319 3.631   1.00 62.84  ? 42  ALA A CB  1 
ATOM   334  N  N   . TYR A 1 43  ? 6.045   -15.834 1.750   1.00 67.26  ? 43  TYR A N   1 
ATOM   335  C  CA  . TYR A 1 43  ? 5.403   -16.546 0.622   1.00 61.64  ? 43  TYR A CA  1 
ATOM   336  C  C   . TYR A 1 43  ? 6.090   -16.138 -0.670  1.00 61.62  ? 43  TYR A C   1 
ATOM   337  O  O   . TYR A 1 43  ? 6.647   -15.035 -0.710  1.00 60.64  ? 43  TYR A O   1 
ATOM   338  C  CB  . TYR A 1 43  ? 3.928   -16.185 0.564   1.00 67.36  ? 43  TYR A CB  1 
ATOM   339  C  CG  . TYR A 1 43  ? 3.149   -16.859 1.658   1.00 73.43  ? 43  TYR A CG  1 
ATOM   340  C  CD1 . TYR A 1 43  ? 2.948   -16.238 2.882   1.00 69.34  ? 43  TYR A CD1 1 
ATOM   341  C  CD2 . TYR A 1 43  ? 2.649   -18.140 1.477   1.00 68.12  ? 43  TYR A CD2 1 
ATOM   342  C  CE1 . TYR A 1 43  ? 2.247   -16.866 3.897   1.00 71.83  ? 43  TYR A CE1 1 
ATOM   343  C  CE2 . TYR A 1 43  ? 1.951   -18.784 2.484   1.00 70.26  ? 43  TYR A CE2 1 
ATOM   344  C  CZ  . TYR A 1 43  ? 1.752   -18.146 3.696   1.00 67.70  ? 43  TYR A CZ  1 
ATOM   345  O  OH  . TYR A 1 43  ? 1.078   -18.796 4.683   1.00 66.55  ? 43  TYR A OH  1 
ATOM   346  N  N   . SER A 1 44  ? 6.041   -16.979 -1.701  1.00 59.96  ? 44  SER A N   1 
ATOM   347  C  CA  . SER A 1 44  ? 6.369   -16.534 -3.075  1.00 61.29  ? 44  SER A CA  1 
ATOM   348  C  C   . SER A 1 44  ? 5.489   -15.315 -3.398  1.00 64.26  ? 44  SER A C   1 
ATOM   349  O  O   . SER A 1 44  ? 4.291   -15.299 -3.002  1.00 68.16  ? 44  SER A O   1 
ATOM   350  C  CB  . SER A 1 44  ? 6.216   -17.631 -4.093  1.00 68.53  ? 44  SER A CB  1 
ATOM   351  O  OG  . SER A 1 44  ? 6.688   -17.202 -5.377  1.00 72.83  ? 44  SER A OG  1 
ATOM   352  N  N   . ASP A 1 45  ? 6.083   -14.305 -4.036  1.00 61.19  ? 45  ASP A N   1 
ATOM   353  C  CA  . ASP A 1 45  ? 5.386   -13.084 -4.520  1.00 63.60  ? 45  ASP A CA  1 
ATOM   354  C  C   . ASP A 1 45  ? 4.213   -13.501 -5.423  1.00 55.81  ? 45  ASP A C   1 
ATOM   355  O  O   . ASP A 1 45  ? 3.189   -12.828 -5.380  1.00 57.48  ? 45  ASP A O   1 
ATOM   356  C  CB  . ASP A 1 45  ? 6.376   -12.128 -5.197  1.00 55.98  ? 45  ASP A CB  1 
ATOM   357  C  CG  . ASP A 1 45  ? 7.066   -11.195 -4.217  1.00 58.27  ? 45  ASP A CG  1 
ATOM   358  O  OD1 . ASP A 1 45  ? 6.848   -11.345 -3.012  1.00 58.71  ? 45  ASP A OD1 1 
ATOM   359  O  OD2 . ASP A 1 45  ? 7.797   -10.312 -4.667  1.00 54.51  ? 45  ASP A OD2 1 
ATOM   360  N  N   . ASP A 1 46  ? 4.376   -14.579 -6.185  1.00 60.75  ? 46  ASP A N   1 
ATOM   361  C  CA  . ASP A 1 46  ? 3.328   -15.185 -7.045  1.00 67.06  ? 46  ASP A CA  1 
ATOM   362  C  C   . ASP A 1 46  ? 2.003   -15.150 -6.304  1.00 56.63  ? 46  ASP A C   1 
ATOM   363  O  O   . ASP A 1 46  ? 0.967   -14.845 -6.924  1.00 68.41  ? 46  ASP A O   1 
ATOM   364  C  CB  . ASP A 1 46  ? 3.637   -16.646 -7.396  1.00 66.76  ? 46  ASP A CB  1 
ATOM   365  C  CG  . ASP A 1 46  ? 4.866   -16.843 -8.267  1.00 76.47  ? 46  ASP A CG  1 
ATOM   366  O  OD1 . ASP A 1 46  ? 5.358   -15.846 -8.856  1.00 65.74  ? 46  ASP A OD1 1 
ATOM   367  O  OD2 . ASP A 1 46  ? 5.336   -18.002 -8.335  1.00 89.25  ? 46  ASP A OD2 1 
ATOM   368  N  N   . VAL A 1 47  ? 2.036   -15.474 -5.023  1.00 55.01  ? 47  VAL A N   1 
ATOM   369  C  CA  . VAL A 1 47  ? 0.786   -15.665 -4.240  1.00 55.33  ? 47  VAL A CA  1 
ATOM   370  C  C   . VAL A 1 47  ? 0.001   -14.358 -4.306  1.00 53.74  ? 47  VAL A C   1 
ATOM   371  O  O   . VAL A 1 47  ? -1.177  -14.399 -4.640  1.00 55.90  ? 47  VAL A O   1 
ATOM   372  C  CB  . VAL A 1 47  ? 1.102   -16.104 -2.806  1.00 59.81  ? 47  VAL A CB  1 
ATOM   373  C  CG1 . VAL A 1 47  ? -0.141  -16.113 -1.914  1.00 57.37  ? 47  VAL A CG1 1 
ATOM   374  C  CG2 . VAL A 1 47  ? 1.802   -17.452 -2.831  1.00 59.29  ? 47  VAL A CG2 1 
ATOM   375  N  N   . THR A 1 48  ? 0.670   -13.237 -4.046  1.00 54.13  ? 48  THR A N   1 
ATOM   376  C  CA  . THR A 1 48  ? 0.054   -11.888 -4.047  1.00 50.99  ? 48  THR A CA  1 
ATOM   377  C  C   . THR A 1 48  ? -0.416  -11.564 -5.464  1.00 50.80  ? 48  THR A C   1 
ATOM   378  O  O   . THR A 1 48  ? -1.609  -11.332 -5.626  1.00 52.18  ? 48  THR A O   1 
ATOM   379  C  CB  . THR A 1 48  ? 1.039   -10.871 -3.468  1.00 47.55  ? 48  THR A CB  1 
ATOM   380  O  OG1 . THR A 1 48  ? 1.480   -11.426 -2.224  1.00 45.17  ? 48  THR A OG1 1 
ATOM   381  C  CG2 . THR A 1 48  ? 0.427   -9.499  -3.299  1.00 43.64  ? 48  THR A CG2 1 
ATOM   382  N  N   . TYR A 1 49  ? 0.489   -11.551 -6.452  1.00 51.47  ? 49  TYR A N   1 
ATOM   383  C  CA  . TYR A 1 49  ? 0.181   -11.151 -7.855  1.00 53.70  ? 49  TYR A CA  1 
ATOM   384  C  C   . TYR A 1 49  ? -0.939  -12.040 -8.411  1.00 51.83  ? 49  TYR A C   1 
ATOM   385  O  O   . TYR A 1 49  ? -1.854  -11.509 -9.009  1.00 57.95  ? 49  TYR A O   1 
ATOM   386  C  CB  . TYR A 1 49  ? 1.427   -11.204 -8.741  1.00 56.35  ? 49  TYR A CB  1 
ATOM   387  C  CG  . TYR A 1 49  ? 2.447   -10.119 -8.494  1.00 54.31  ? 49  TYR A CG  1 
ATOM   388  C  CD1 . TYR A 1 49  ? 2.229   -8.814  -8.897  1.00 59.62  ? 49  TYR A CD1 1 
ATOM   389  C  CD2 . TYR A 1 49  ? 3.672   -10.405 -7.912  1.00 59.28  ? 49  TYR A CD2 1 
ATOM   390  C  CE1 . TYR A 1 49  ? 3.161   -7.806  -8.678  1.00 53.92  ? 49  TYR A CE1 1 
ATOM   391  C  CE2 . TYR A 1 49  ? 4.625   -9.417  -7.710  1.00 61.57  ? 49  TYR A CE2 1 
ATOM   392  C  CZ  . TYR A 1 49  ? 4.361   -8.110  -8.082  1.00 52.84  ? 49  TYR A CZ  1 
ATOM   393  O  OH  . TYR A 1 49  ? 5.293   -7.152  -7.861  1.00 62.77  ? 49  TYR A OH  1 
ATOM   394  N  N   . HIS A 1 50  ? -0.908  -13.350 -8.166  1.00 57.17  ? 50  HIS A N   1 
ATOM   395  C  CA  . HIS A 1 50  ? -1.956  -14.296 -8.636  1.00 62.30  ? 50  HIS A CA  1 
ATOM   396  C  C   . HIS A 1 50  ? -3.316  -13.982 -7.993  1.00 60.17  ? 50  HIS A C   1 
ATOM   397  O  O   . HIS A 1 50  ? -4.298  -14.046 -8.724  1.00 65.81  ? 50  HIS A O   1 
ATOM   398  C  CB  . HIS A 1 50  ? -1.521  -15.753 -8.434  1.00 67.82  ? 50  HIS A CB  1 
ATOM   399  C  CG  . HIS A 1 50  ? -0.423  -16.185 -9.350  1.00 71.25  ? 50  HIS A CG  1 
ATOM   400  N  ND1 . HIS A 1 50  ? 0.060   -15.374 -10.368 1.00 75.51  ? 50  HIS A ND1 1 
ATOM   401  C  CD2 . HIS A 1 50  ? 0.283   -17.332 -9.417  1.00 71.05  ? 50  HIS A CD2 1 
ATOM   402  C  CE1 . HIS A 1 50  ? 1.042   -15.993 -10.991 1.00 72.90  ? 50  HIS A CE1 1 
ATOM   403  N  NE2 . HIS A 1 50  ? 1.192   -17.194 -10.434 1.00 68.66  ? 50  HIS A NE2 1 
ATOM   404  N  N   . LEU A 1 51  ? -3.373  -13.632 -6.699  1.00 66.85  ? 51  LEU A N   1 
ATOM   405  C  CA  . LEU A 1 51  ? -4.622  -13.196 -5.987  1.00 60.85  ? 51  LEU A CA  1 
ATOM   406  C  C   . LEU A 1 51  ? -5.196  -11.953 -6.659  1.00 59.00  ? 51  LEU A C   1 
ATOM   407  O  O   . LEU A 1 51  ? -6.414  -11.859 -6.826  1.00 64.53  ? 51  LEU A O   1 
ATOM   408  C  CB  . LEU A 1 51  ? -4.344  -12.845 -4.521  1.00 66.32  ? 51  LEU A CB  1 
ATOM   409  C  CG  . LEU A 1 51  ? -4.256  -14.010 -3.537  1.00 66.91  ? 51  LEU A CG  1 
ATOM   410  C  CD1 . LEU A 1 51  ? -3.789  -13.509 -2.174  1.00 64.50  ? 51  LEU A CD1 1 
ATOM   411  C  CD2 . LEU A 1 51  ? -5.583  -14.750 -3.429  1.00 67.14  ? 51  LEU A CD2 1 
ATOM   412  N  N   . VAL A 1 52  ? -4.340  -10.998 -6.977  1.00 54.88  ? 52  VAL A N   1 
ATOM   413  C  CA  . VAL A 1 52  ? -4.788  -9.721  -7.579  1.00 57.38  ? 52  VAL A CA  1 
ATOM   414  C  C   . VAL A 1 52  ? -5.445  -10.027 -8.920  1.00 57.11  ? 52  VAL A C   1 
ATOM   415  O  O   . VAL A 1 52  ? -6.509  -9.456  -9.165  1.00 65.27  ? 52  VAL A O   1 
ATOM   416  C  CB  . VAL A 1 52  ? -3.625  -8.728  -7.709  1.00 61.63  ? 52  VAL A CB  1 
ATOM   417  C  CG1 . VAL A 1 52  ? -3.999  -7.528  -8.565  1.00 60.83  ? 52  VAL A CG1 1 
ATOM   418  C  CG2 . VAL A 1 52  ? -3.158  -8.303  -6.328  1.00 64.86  ? 52  VAL A CG2 1 
ATOM   419  N  N   . GLY A 1 53  ? -4.840  -10.894 -9.739  1.00 53.97  ? 53  GLY A N   1 
ATOM   420  C  CA  . GLY A 1 53  ? -5.370  -11.229 -11.069 1.00 52.08  ? 53  GLY A CA  1 
ATOM   421  C  C   . GLY A 1 53  ? -6.641  -12.033 -10.957 1.00 54.39  ? 53  GLY A C   1 
ATOM   422  O  O   . GLY A 1 53  ? -7.599  -11.752 -11.702 1.00 58.68  ? 53  GLY A O   1 
ATOM   423  N  N   . ALA A 1 54  ? -6.669  -12.984 -10.026 1.00 52.45  ? 54  ALA A N   1 
ATOM   424  C  CA  . ALA A 1 54  ? -7.880  -13.771 -9.693  1.00 58.16  ? 54  ALA A CA  1 
ATOM   425  C  C   . ALA A 1 54  ? -8.989  -12.824 -9.191  1.00 61.77  ? 54  ALA A C   1 
ATOM   426  O  O   . ALA A 1 54  ? -10.170 -13.003 -9.572  1.00 56.61  ? 54  ALA A O   1 
ATOM   427  C  CB  . ALA A 1 54  ? -7.536  -14.829 -8.670  1.00 60.74  ? 54  ALA A CB  1 
ATOM   428  N  N   . ALA A 1 55  ? -8.644  -11.843 -8.356  1.00 54.62  ? 55  ALA A N   1 
ATOM   429  C  CA  . ALA A 1 55  ? -9.642  -10.924 -7.769  1.00 54.49  ? 55  ALA A CA  1 
ATOM   430  C  C   . ALA A 1 55  ? -10.200 -10.064 -8.892  1.00 55.50  ? 55  ALA A C   1 
ATOM   431  O  O   . ALA A 1 55  ? -11.412 -9.863  -8.904  1.00 58.45  ? 55  ALA A O   1 
ATOM   432  C  CB  . ALA A 1 55  ? -9.051  -10.074 -6.682  1.00 52.63  ? 55  ALA A CB  1 
ATOM   433  N  N   . SER A 1 56  ? -9.336  -9.601  -9.799  1.00 52.92  ? 56  SER A N   1 
ATOM   434  C  CA  . SER A 1 56  ? -9.708  -8.682  -10.906 1.00 50.53  ? 56  SER A CA  1 
ATOM   435  C  C   . SER A 1 56  ? -10.832 -9.305  -11.737 1.00 49.07  ? 56  SER A C   1 
ATOM   436  O  O   . SER A 1 56  ? -11.791 -8.592  -12.074 1.00 53.87  ? 56  SER A O   1 
ATOM   437  C  CB  . SER A 1 56  ? -8.533  -8.374  -11.770 1.00 51.00  ? 56  SER A CB  1 
ATOM   438  O  OG  . SER A 1 56  ? -8.926  -7.548  -12.849 1.00 53.05  ? 56  SER A OG  1 
ATOM   439  N  N   . GLU A 1 57  ? -10.679 -10.595 -12.017 1.00 49.71  ? 57  GLU A N   1 
ATOM   440  C  CA  . GLU A 1 57  ? -11.532 -11.434 -12.892 1.00 55.28  ? 57  GLU A CA  1 
ATOM   441  C  C   . GLU A 1 57  ? -12.863 -11.706 -12.184 1.00 56.68  ? 57  GLU A C   1 
ATOM   442  O  O   . GLU A 1 57  ? -13.925 -11.379 -12.728 1.00 67.56  ? 57  GLU A O   1 
ATOM   443  C  CB  . GLU A 1 57  ? -10.749 -12.711 -13.185 1.00 55.37  ? 57  GLU A CB  1 
ATOM   444  C  CG  . GLU A 1 57  ? -11.447 -13.710 -14.093 1.00 54.40  ? 57  GLU A CG  1 
ATOM   445  C  CD  . GLU A 1 57  ? -10.538 -14.844 -14.528 1.00 59.75  ? 57  GLU A CD  1 
ATOM   446  O  OE1 . GLU A 1 57  ? -9.287  -14.633 -14.610 1.00 68.94  ? 57  GLU A OE1 1 
ATOM   447  O  OE2 . GLU A 1 57  ? -11.063 -15.935 -14.782 1.00 67.07  ? 57  GLU A OE2 1 
ATOM   448  N  N   . VAL A 1 58  ? -12.799 -12.232 -10.968 1.00 56.70  ? 58  VAL A N   1 
ATOM   449  C  CA  . VAL A 1 58  ? -14.001 -12.654 -10.204 1.00 56.94  ? 58  VAL A CA  1 
ATOM   450  C  C   . VAL A 1 58  ? -14.837 -11.422 -9.870  1.00 50.85  ? 58  VAL A C   1 
ATOM   451  O  O   . VAL A 1 58  ? -16.026 -11.521 -9.982  1.00 56.33  ? 58  VAL A O   1 
ATOM   452  C  CB  . VAL A 1 58  ? -13.618 -13.462 -8.954  1.00 60.24  ? 58  VAL A CB  1 
ATOM   453  C  CG1 . VAL A 1 58  ? -14.813 -13.675 -8.027  1.00 58.52  ? 58  VAL A CG1 1 
ATOM   454  C  CG2 . VAL A 1 58  ? -12.993 -14.793 -9.344  1.00 53.45  ? 58  VAL A CG2 1 
ATOM   455  N  N   . LEU A 1 59  ? -14.209 -10.309 -9.519  1.00 50.72  ? 59  LEU A N   1 
ATOM   456  C  CA  . LEU A 1 59  ? -14.871 -9.053  -9.085  1.00 51.85  ? 59  LEU A CA  1 
ATOM   457  C  C   . LEU A 1 59  ? -15.130 -8.124  -10.268 1.00 54.59  ? 59  LEU A C   1 
ATOM   458  O  O   . LEU A 1 59  ? -15.797 -7.098  -10.054 1.00 54.27  ? 59  LEU A O   1 
ATOM   459  C  CB  . LEU A 1 59  ? -13.978 -8.321  -8.071  1.00 52.34  ? 59  LEU A CB  1 
ATOM   460  C  CG  . LEU A 1 59  ? -13.742 -9.061  -6.750  1.00 60.10  ? 59  LEU A CG  1 
ATOM   461  C  CD1 . LEU A 1 59  ? -12.830 -8.270  -5.819  1.00 56.93  ? 59  LEU A CD1 1 
ATOM   462  C  CD2 . LEU A 1 59  ? -15.062 -9.367  -6.052  1.00 63.24  ? 59  LEU A CD2 1 
ATOM   463  N  N   . GLY A 1 60  ? -14.553 -8.394  -11.434 1.00 59.32  ? 60  GLY A N   1 
ATOM   464  C  CA  . GLY A 1 60  ? -14.647 -7.466  -12.571 1.00 57.54  ? 60  GLY A CA  1 
ATOM   465  C  C   . GLY A 1 60  ? -14.111 -6.091  -12.204 1.00 58.01  ? 60  GLY A C   1 
ATOM   466  O  O   . GLY A 1 60  ? -14.723 -5.074  -12.585 1.00 51.46  ? 60  GLY A O   1 
ATOM   467  N  N   . LYS A 1 61  ? -12.964 -6.029  -11.534 1.00 57.69  ? 61  LYS A N   1 
ATOM   468  C  CA  . LYS A 1 61  ? -12.285 -4.732  -11.287 1.00 54.88  ? 61  LYS A CA  1 
ATOM   469  C  C   . LYS A 1 61  ? -10.859 -4.837  -11.801 1.00 49.43  ? 61  LYS A C   1 
ATOM   470  O  O   . LYS A 1 61  ? -10.214 -5.862  -11.599 1.00 51.81  ? 61  LYS A O   1 
ATOM   471  C  CB  . LYS A 1 61  ? -12.397 -4.378  -9.802  1.00 64.76  ? 61  LYS A CB  1 
ATOM   472  C  CG  . LYS A 1 61  ? -13.744 -3.766  -9.433  1.00 70.98  ? 61  LYS A CG  1 
ATOM   473  C  CD  . LYS A 1 61  ? -14.533 -4.530  -8.384  1.00 82.44  ? 61  LYS A CD  1 
ATOM   474  C  CE  . LYS A 1 61  ? -14.689 -3.781  -7.077  1.00 87.14  ? 61  LYS A CE  1 
ATOM   475  N  NZ  . LYS A 1 61  ? -15.292 -2.443  -7.290  1.00 88.64  ? 61  LYS A NZ  1 
ATOM   476  N  N   . PRO A 1 62  ? -10.339 -3.821  -12.524 1.00 43.40  ? 62  PRO A N   1 
ATOM   477  C  CA  . PRO A 1 62  ? -8.922  -3.804  -12.899 1.00 52.22  ? 62  PRO A CA  1 
ATOM   478  C  C   . PRO A 1 62  ? -7.956  -3.952  -11.697 1.00 52.42  ? 62  PRO A C   1 
ATOM   479  O  O   . PRO A 1 62  ? -8.233  -3.485  -10.586 1.00 46.97  ? 62  PRO A O   1 
ATOM   480  C  CB  . PRO A 1 62  ? -8.759  -2.442  -13.597 1.00 47.65  ? 62  PRO A CB  1 
ATOM   481  C  CG  . PRO A 1 62  ? -10.139 -2.162  -14.140 1.00 47.19  ? 62  PRO A CG  1 
ATOM   482  C  CD  . PRO A 1 62  ? -11.057 -2.646  -13.031 1.00 45.06  ? 62  PRO A CD  1 
ATOM   483  N  N   . ALA A 1 63  ? -6.843  -4.635  -11.941 1.00 50.21  ? 63  ALA A N   1 
ATOM   484  C  CA  . ALA A 1 63  ? -5.706  -4.723  -11.002 1.00 51.06  ? 63  ALA A CA  1 
ATOM   485  C  C   . ALA A 1 63  ? -5.476  -3.338  -10.413 1.00 48.80  ? 63  ALA A C   1 
ATOM   486  O  O   . ALA A 1 63  ? -5.516  -3.215  -9.180  1.00 49.55  ? 63  ALA A O   1 
ATOM   487  C  CB  . ALA A 1 63  ? -4.485  -5.269  -11.694 1.00 46.17  ? 63  ALA A CB  1 
ATOM   488  N  N   . GLU A 1 64  ? -5.324  -2.315  -11.246 1.00 49.93  ? 64  GLU A N   1 
ATOM   489  C  CA  . GLU A 1 64  ? -4.983  -0.967  -10.731 1.00 49.59  ? 64  GLU A CA  1 
ATOM   490  C  C   . GLU A 1 64  ? -6.007  -0.540  -9.669  1.00 55.12  ? 64  GLU A C   1 
ATOM   491  O  O   . GLU A 1 64  ? -5.602  -0.090  -8.586  1.00 53.33  ? 64  GLU A O   1 
ATOM   492  C  CB  . GLU A 1 64  ? -4.854  0.039   -11.870 1.00 53.51  ? 64  GLU A CB  1 
ATOM   493  C  CG  . GLU A 1 64  ? -4.600  1.443   -11.357 1.00 54.40  ? 64  GLU A CG  1 
ATOM   494  C  CD  . GLU A 1 64  ? -4.105  2.459   -12.360 1.00 60.60  ? 64  GLU A CD  1 
ATOM   495  O  OE1 . GLU A 1 64  ? -3.150  2.113   -13.115 1.00 56.69  ? 64  GLU A OE1 1 
ATOM   496  O  OE2 . GLU A 1 64  ? -4.715  3.582   -12.404 1.00 61.29  ? 64  GLU A OE2 1 
ATOM   497  N  N   . GLU A 1 65  ? -7.297  -0.680  -9.948  1.00 65.19  ? 65  GLU A N   1 
ATOM   498  C  CA  . GLU A 1 65  ? -8.393  -0.306  -9.013  1.00 60.40  ? 65  GLU A CA  1 
ATOM   499  C  C   . GLU A 1 65  ? -8.260  -1.048  -7.673  1.00 58.41  ? 65  GLU A C   1 
ATOM   500  O  O   . GLU A 1 65  ? -8.446  -0.425  -6.633  1.00 48.37  ? 65  GLU A O   1 
ATOM   501  C  CB  . GLU A 1 65  ? -9.722  -0.636  -9.680  1.00 69.97  ? 65  GLU A CB  1 
ATOM   502  C  CG  . GLU A 1 65  ? -10.907 -0.526  -8.740  1.00 75.49  ? 65  GLU A CG  1 
ATOM   503  C  CD  . GLU A 1 65  ? -12.251 -0.306  -9.423  1.00 78.40  ? 65  GLU A CD  1 
ATOM   504  O  OE1 . GLU A 1 65  ? -12.297 0.450   -10.433 1.00 75.79  ? 65  GLU A OE1 1 
ATOM   505  O  OE2 . GLU A 1 65  ? -13.243 -0.892  -8.947  1.00 77.83  ? 65  GLU A OE2 1 
ATOM   506  N  N   . LEU A 1 66  ? -8.009  -2.359  -7.694  1.00 60.88  ? 66  LEU A N   1 
ATOM   507  C  CA  . LEU A 1 66  ? -7.855  -3.185  -6.464  1.00 57.34  ? 66  LEU A CA  1 
ATOM   508  C  C   . LEU A 1 66  ? -6.619  -2.733  -5.666  1.00 57.95  ? 66  LEU A C   1 
ATOM   509  O  O   . LEU A 1 66  ? -6.735  -2.579  -4.453  1.00 63.02  ? 66  LEU A O   1 
ATOM   510  C  CB  . LEU A 1 66  ? -7.755  -4.653  -6.874  1.00 55.49  ? 66  LEU A CB  1 
ATOM   511  C  CG  . LEU A 1 66  ? -9.030  -5.251  -7.470  1.00 58.53  ? 66  LEU A CG  1 
ATOM   512  C  CD1 . LEU A 1 66  ? -8.782  -6.648  -8.013  1.00 58.76  ? 66  LEU A CD1 1 
ATOM   513  C  CD2 . LEU A 1 66  ? -10.158 -5.291  -6.442  1.00 60.85  ? 66  LEU A CD2 1 
ATOM   514  N  N   . LEU A 1 67  ? -5.499  -2.468  -6.343  1.00 56.50  ? 67  LEU A N   1 
ATOM   515  C  CA  . LEU A 1 67  ? -4.232  -1.951  -5.753  1.00 54.62  ? 67  LEU A CA  1 
ATOM   516  C  C   . LEU A 1 67  ? -4.461  -0.623  -5.054  1.00 54.10  ? 67  LEU A C   1 
ATOM   517  O  O   . LEU A 1 67  ? -3.965  -0.467  -3.933  1.00 54.05  ? 67  LEU A O   1 
ATOM   518  C  CB  . LEU A 1 67  ? -3.168  -1.782  -6.839  1.00 56.77  ? 67  LEU A CB  1 
ATOM   519  C  CG  . LEU A 1 67  ? -2.114  -2.889  -6.928  1.00 60.89  ? 67  LEU A CG  1 
ATOM   520  C  CD1 . LEU A 1 67  ? -2.647  -4.225  -6.452  1.00 69.64  ? 67  LEU A CD1 1 
ATOM   521  C  CD2 . LEU A 1 67  ? -1.571  -3.014  -8.339  1.00 61.43  ? 67  LEU A CD2 1 
ATOM   522  N  N   . ILE A 1 68  ? -5.147  0.307   -5.706  1.00 54.82  ? 68  ILE A N   1 
ATOM   523  C  CA  . ILE A 1 68  ? -5.448  1.637   -5.118  1.00 51.20  ? 68  ILE A CA  1 
ATOM   524  C  C   . ILE A 1 68  ? -6.271  1.427   -3.842  1.00 54.94  ? 68  ILE A C   1 
ATOM   525  O  O   . ILE A 1 68  ? -5.989  2.116   -2.834  1.00 52.09  ? 68  ILE A O   1 
ATOM   526  C  CB  . ILE A 1 68  ? -6.148  2.581   -6.115  1.00 56.93  ? 68  ILE A CB  1 
ATOM   527  C  CG1 . ILE A 1 68  ? -5.312  2.814   -7.369  1.00 56.82  ? 68  ILE A CG1 1 
ATOM   528  C  CG2 . ILE A 1 68  ? -6.497  3.916   -5.450  1.00 50.22  ? 68  ILE A CG2 1 
ATOM   529  C  CD1 . ILE A 1 68  ? -5.827  3.954   -8.249  1.00 55.54  ? 68  ILE A CD1 1 
ATOM   530  N  N   . ALA A 1 69  ? -7.241  0.513   -3.854  1.00 51.78  ? 69  ALA A N   1 
ATOM   531  C  CA  . ALA A 1 69  ? -8.105  0.277   -2.680  1.00 48.54  ? 69  ALA A CA  1 
ATOM   532  C  C   . ALA A 1 69  ? -7.265  -0.385  -1.581  1.00 55.46  ? 69  ALA A C   1 
ATOM   533  O  O   . ALA A 1 69  ? -7.337  0.093   -0.440  1.00 61.02  ? 69  ALA A O   1 
ATOM   534  C  CB  . ALA A 1 69  ? -9.304  -0.562  -3.031  1.00 48.52  ? 69  ALA A CB  1 
ATOM   535  N  N   . PHE A 1 70  ? -6.539  -1.458  -1.905  1.00 51.24  ? 70  PHE A N   1 
ATOM   536  C  CA  . PHE A 1 70  ? -5.619  -2.167  -0.971  1.00 50.32  ? 70  PHE A CA  1 
ATOM   537  C  C   . PHE A 1 70  ? -4.689  -1.157  -0.274  1.00 52.63  ? 70  PHE A C   1 
ATOM   538  O  O   . PHE A 1 70  ? -4.593  -1.132  0.948   1.00 57.26  ? 70  PHE A O   1 
ATOM   539  C  CB  . PHE A 1 70  ? -4.773  -3.203  -1.713  1.00 50.64  ? 70  PHE A CB  1 
ATOM   540  C  CG  . PHE A 1 70  ? -3.953  -4.027  -0.765  1.00 52.23  ? 70  PHE A CG  1 
ATOM   541  C  CD1 . PHE A 1 70  ? -4.574  -4.850  0.158   1.00 59.87  ? 70  PHE A CD1 1 
ATOM   542  C  CD2 . PHE A 1 70  ? -2.574  -3.916  -0.729  1.00 56.39  ? 70  PHE A CD2 1 
ATOM   543  C  CE1 . PHE A 1 70  ? -3.828  -5.579  1.074   1.00 64.09  ? 70  PHE A CE1 1 
ATOM   544  C  CE2 . PHE A 1 70  ? -1.826  -4.644  0.187   1.00 55.73  ? 70  PHE A CE2 1 
ATOM   545  C  CZ  . PHE A 1 70  ? -2.454  -5.462  1.094   1.00 59.56  ? 70  PHE A CZ  1 
ATOM   546  N  N   . GLY A 1 71  ? -4.057  -0.282  -1.042  1.00 51.93  ? 71  GLY A N   1 
ATOM   547  C  CA  . GLY A 1 71  ? -3.064  0.672   -0.524  1.00 58.50  ? 71  GLY A CA  1 
ATOM   548  C  C   . GLY A 1 71  ? -3.638  1.502   0.598   1.00 59.70  ? 71  GLY A C   1 
ATOM   549  O  O   . GLY A 1 71  ? -2.942  1.688   1.601   1.00 61.92  ? 71  GLY A O   1 
ATOM   550  N  N   . GLU A 1 72  ? -4.859  2.005   0.417   1.00 63.45  ? 72  GLU A N   1 
ATOM   551  C  CA  . GLU A 1 72  ? -5.630  2.713   1.473   1.00 64.40  ? 72  GLU A CA  1 
ATOM   552  C  C   . GLU A 1 72  ? -5.939  1.758   2.642   1.00 61.34  ? 72  GLU A C   1 
ATOM   553  O  O   . GLU A 1 72  ? -5.713  2.153   3.809   1.00 65.29  ? 72  GLU A O   1 
ATOM   554  C  CB  . GLU A 1 72  ? -6.907  3.307   0.889   1.00 68.38  ? 72  GLU A CB  1 
ATOM   555  C  CG  . GLU A 1 72  ? -7.917  3.709   1.944   1.00 71.21  ? 72  GLU A CG  1 
ATOM   556  C  CD  . GLU A 1 72  ? -8.984  4.695   1.486   1.00 76.27  ? 72  GLU A CD  1 
ATOM   557  O  OE1 . GLU A 1 72  ? -9.712  5.215   2.389   1.00 73.29  ? 72  GLU A OE1 1 
ATOM   558  O  OE2 . GLU A 1 72  ? -9.092  4.952   0.241   1.00 58.28  ? 72  GLU A OE2 1 
ATOM   559  N  N   . TYR A 1 73  ? -6.446  0.555   2.367   1.00 51.27  ? 73  TYR A N   1 
ATOM   560  C  CA  . TYR A 1 73  ? -6.804  -0.447  3.411   1.00 50.10  ? 73  TYR A CA  1 
ATOM   561  C  C   . TYR A 1 73  ? -5.603  -0.735  4.340   1.00 52.36  ? 73  TYR A C   1 
ATOM   562  O  O   . TYR A 1 73  ? -5.768  -0.723  5.544   1.00 60.00  ? 73  TYR A O   1 
ATOM   563  C  CB  . TYR A 1 73  ? -7.313  -1.733  2.759   1.00 48.25  ? 73  TYR A CB  1 
ATOM   564  C  CG  . TYR A 1 73  ? -7.927  -2.717  3.719   1.00 49.49  ? 73  TYR A CG  1 
ATOM   565  C  CD1 . TYR A 1 73  ? -9.163  -2.463  4.296   1.00 47.82  ? 73  TYR A CD1 1 
ATOM   566  C  CD2 . TYR A 1 73  ? -7.298  -3.917  4.020   1.00 49.66  ? 73  TYR A CD2 1 
ATOM   567  C  CE1 . TYR A 1 73  ? -9.743  -3.360  5.175   1.00 57.99  ? 73  TYR A CE1 1 
ATOM   568  C  CE2 . TYR A 1 73  ? -7.861  -4.824  4.906   1.00 56.49  ? 73  TYR A CE2 1 
ATOM   569  C  CZ  . TYR A 1 73  ? -9.084  -4.538  5.503   1.00 60.38  ? 73  TYR A CZ  1 
ATOM   570  O  OH  . TYR A 1 73  ? -9.674  -5.428  6.366   1.00 61.48  ? 73  TYR A OH  1 
ATOM   571  N  N   . TRP A 1 74  ? -4.424  -0.974  3.766   1.00 54.44  ? 74  TRP A N   1 
ATOM   572  C  CA  . TRP A 1 74  ? -3.152  -1.352  4.440   1.00 50.94  ? 74  TRP A CA  1 
ATOM   573  C  C   . TRP A 1 74  ? -2.810  -0.356  5.545   1.00 45.44  ? 74  TRP A C   1 
ATOM   574  O  O   . TRP A 1 74  ? -2.289  -0.783  6.582   1.00 48.71  ? 74  TRP A O   1 
ATOM   575  C  CB  . TRP A 1 74  ? -2.023  -1.422  3.396   1.00 52.64  ? 74  TRP A CB  1 
ATOM   576  C  CG  . TRP A 1 74  ? -0.733  -2.009  3.879   1.00 47.27  ? 74  TRP A CG  1 
ATOM   577  C  CD1 . TRP A 1 74  ? 0.463   -1.366  4.044   1.00 45.29  ? 74  TRP A CD1 1 
ATOM   578  C  CD2 . TRP A 1 74  ? -0.518  -3.367  4.279   1.00 43.81  ? 74  TRP A CD2 1 
ATOM   579  N  NE1 . TRP A 1 74  ? 1.414   -2.245  4.472   1.00 44.57  ? 74  TRP A NE1 1 
ATOM   580  C  CE2 . TRP A 1 74  ? 0.839   -3.473  4.642   1.00 43.97  ? 74  TRP A CE2 1 
ATOM   581  C  CE3 . TRP A 1 74  ? -1.333  -4.500  4.359   1.00 49.84  ? 74  TRP A CE3 1 
ATOM   582  C  CZ2 . TRP A 1 74  ? 1.395   -4.673  5.065   1.00 45.60  ? 74  TRP A CZ2 1 
ATOM   583  C  CZ3 . TRP A 1 74  ? -0.777  -5.695  4.777   1.00 49.52  ? 74  TRP A CZ3 1 
ATOM   584  C  CH2 . TRP A 1 74  ? 0.567   -5.773  5.130   1.00 50.74  ? 74  TRP A CH2 1 
ATOM   585  N  N   . VAL A 1 75  ? -3.070  0.925   5.318   1.00 43.11  ? 75  VAL A N   1 
ATOM   586  C  CA  . VAL A 1 75  ? -2.784  1.983   6.319   1.00 53.01  ? 75  VAL A CA  1 
ATOM   587  C  C   . VAL A 1 75  ? -3.546  1.652   7.602   1.00 58.23  ? 75  VAL A C   1 
ATOM   588  O  O   . VAL A 1 75  ? -2.937  1.665   8.677   1.00 54.49  ? 75  VAL A O   1 
ATOM   589  C  CB  . VAL A 1 75  ? -3.187  3.371   5.815   1.00 52.72  ? 75  VAL A CB  1 
ATOM   590  C  CG1 . VAL A 1 75  ? -3.005  4.426   6.911   1.00 51.94  ? 75  VAL A CG1 1 
ATOM   591  C  CG2 . VAL A 1 75  ? -2.410  3.716   4.569   1.00 57.34  ? 75  VAL A CG2 1 
ATOM   592  N  N   . THR A 1 76  ? -4.840  1.412   7.437   1.00 63.50  ? 76  THR A N   1 
ATOM   593  C  CA  . THR A 1 76  ? -5.827  1.016   8.468   1.00 60.25  ? 76  THR A CA  1 
ATOM   594  C  C   . THR A 1 76  ? -5.421  -0.338  9.045   1.00 58.46  ? 76  THR A C   1 
ATOM   595  O  O   . THR A 1 76  ? -5.379  -0.465  10.276  1.00 57.90  ? 76  THR A O   1 
ATOM   596  C  CB  . THR A 1 76  ? -7.228  1.036   7.829   1.00 67.67  ? 76  THR A CB  1 
ATOM   597  O  OG1 . THR A 1 76  ? -7.754  2.309   8.204   1.00 56.40  ? 76  THR A OG1 1 
ATOM   598  C  CG2 . THR A 1 76  ? -8.151  -0.101  8.234   1.00 73.72  ? 76  THR A CG2 1 
ATOM   599  N  N   . TYR A 1 77  ? -5.195  -1.322  8.180   1.00 53.44  ? 77  TYR A N   1 
ATOM   600  C  CA  . TYR A 1 77  ? -5.033  -2.747  8.576   1.00 57.02  ? 77  TYR A CA  1 
ATOM   601  C  C   . TYR A 1 77  ? -3.825  -2.869  9.512   1.00 60.16  ? 77  TYR A C   1 
ATOM   602  O  O   . TYR A 1 77  ? -3.920  -3.607  10.524  1.00 63.34  ? 77  TYR A O   1 
ATOM   603  C  CB  . TYR A 1 77  ? -4.924  -3.644  7.337   1.00 54.30  ? 77  TYR A CB  1 
ATOM   604  C  CG  . TYR A 1 77  ? -4.736  -5.118  7.601   1.00 54.80  ? 77  TYR A CG  1 
ATOM   605  C  CD1 . TYR A 1 77  ? -5.813  -5.972  7.748   1.00 55.09  ? 77  TYR A CD1 1 
ATOM   606  C  CD2 . TYR A 1 77  ? -3.470  -5.660  7.716   1.00 51.53  ? 77  TYR A CD2 1 
ATOM   607  C  CE1 . TYR A 1 77  ? -5.636  -7.327  7.985   1.00 59.58  ? 77  TYR A CE1 1 
ATOM   608  C  CE2 . TYR A 1 77  ? -3.279  -7.008  7.968   1.00 54.91  ? 77  TYR A CE2 1 
ATOM   609  C  CZ  . TYR A 1 77  ? -4.362  -7.852  8.102   1.00 57.54  ? 77  TYR A CZ  1 
ATOM   610  O  OH  . TYR A 1 77  ? -4.163  -9.184  8.337   1.00 60.39  ? 77  TYR A OH  1 
ATOM   611  N  N   . THR A 1 78  ? -2.734  -2.167  9.185   1.00 56.05  ? 78  THR A N   1 
ATOM   612  C  CA  . THR A 1 78  ? -1.451  -2.258  9.924   1.00 55.39  ? 78  THR A CA  1 
ATOM   613  C  C   . THR A 1 78  ? -1.650  -1.674  11.328  1.00 54.14  ? 78  THR A C   1 
ATOM   614  O  O   . THR A 1 78  ? -1.248  -2.362  12.270  1.00 63.12  ? 78  THR A O   1 
ATOM   615  C  CB  . THR A 1 78  ? -0.280  -1.647  9.143   1.00 48.71  ? 78  THR A CB  1 
ATOM   616  O  OG1 . THR A 1 78  ? -0.558  -0.306  8.722   1.00 49.09  ? 78  THR A OG1 1 
ATOM   617  C  CG2 . THR A 1 78  ? 0.074   -2.486  7.940   1.00 47.48  ? 78  THR A CG2 1 
ATOM   618  N  N   . SER A 1 79  ? -2.254  -0.487  11.455  1.00 57.33  ? 79  SER A N   1 
ATOM   619  C  CA  . SER A 1 79  ? -2.528  0.206   12.749  1.00 69.36  ? 79  SER A CA  1 
ATOM   620  C  C   . SER A 1 79  ? -3.429  -0.631  13.658  1.00 66.83  ? 79  SER A C   1 
ATOM   621  O  O   . SER A 1 79  ? -3.450  -0.312  14.839  1.00 84.66  ? 79  SER A O   1 
ATOM   622  C  CB  . SER A 1 79  ? -3.136  1.569   12.567  1.00 71.55  ? 79  SER A CB  1 
ATOM   623  O  OG  . SER A 1 79  ? -4.390  1.464   11.924  1.00 88.54  ? 79  SER A OG  1 
ATOM   624  N  N   . GLU A 1 80  ? -4.126  -1.642  13.131  1.00 72.43  ? 80  GLU A N   1 
ATOM   625  C  CA  . GLU A 1 80  ? -5.134  -2.453  13.870  1.00 80.07  ? 80  GLU A CA  1 
ATOM   626  C  C   . GLU A 1 80  ? -4.643  -3.884  14.097  1.00 77.51  ? 80  GLU A C   1 
ATOM   627  O  O   . GLU A 1 80  ? -5.229  -4.554  14.953  1.00 93.97  ? 80  GLU A O   1 
ATOM   628  C  CB  . GLU A 1 80  ? -6.479  -2.462  13.141  1.00 86.95  ? 80  GLU A CB  1 
ATOM   629  C  CG  . GLU A 1 80  ? -7.180  -1.101  13.157  1.00 101.51 ? 80  GLU A CG  1 
ATOM   630  C  CD  . GLU A 1 80  ? -8.621  -1.093  12.653  1.00 115.94 ? 80  GLU A CD  1 
ATOM   631  O  OE1 . GLU A 1 80  ? -8.968  -0.249  11.777  1.00 97.62  ? 80  GLU A OE1 1 
ATOM   632  O  OE2 . GLU A 1 80  ? -9.409  -1.929  13.147  1.00 136.49 ? 80  GLU A OE2 1 
ATOM   633  N  N   . GLU A 1 81  ? -3.614  -4.339  13.388  1.00 73.49  ? 81  GLU A N   1 
ATOM   634  C  CA  . GLU A 1 81  ? -3.019  -5.684  13.597  1.00 73.52  ? 81  GLU A CA  1 
ATOM   635  C  C   . GLU A 1 81  ? -1.712  -5.566  14.396  1.00 72.80  ? 81  GLU A C   1 
ATOM   636  O  O   . GLU A 1 81  ? -0.925  -6.550  14.406  1.00 73.43  ? 81  GLU A O   1 
ATOM   637  C  CB  . GLU A 1 81  ? -2.815  -6.359  12.246  1.00 77.19  ? 81  GLU A CB  1 
ATOM   638  C  CG  . GLU A 1 81  ? -4.122  -6.625  11.541  1.00 80.97  ? 81  GLU A CG  1 
ATOM   639  C  CD  . GLU A 1 81  ? -4.801  -7.913  11.982  1.00 85.64  ? 81  GLU A CD  1 
ATOM   640  O  OE1 . GLU A 1 81  ? -4.180  -9.004  11.849  1.00 74.56  ? 81  GLU A OE1 1 
ATOM   641  O  OE2 . GLU A 1 81  ? -5.954  -7.819  12.443  1.00 77.62  ? 81  GLU A OE2 1 
ATOM   642  N  N   . GLY A 1 82  ? -1.490  -4.424  15.050  1.00 61.78  ? 82  GLY A N   1 
ATOM   643  C  CA  . GLY A 1 82  ? -0.523  -4.319  16.160  1.00 69.56  ? 82  GLY A CA  1 
ATOM   644  C  C   . GLY A 1 82  ? 0.722   -3.543  15.776  1.00 70.61  ? 82  GLY A C   1 
ATOM   645  O  O   . GLY A 1 82  ? 1.766   -3.755  16.437  1.00 69.28  ? 82  GLY A O   1 
ATOM   646  N  N   . TYR A 1 83  ? 0.622   -2.693  14.748  1.00 61.09  ? 83  TYR A N   1 
ATOM   647  C  CA  . TYR A 1 83  ? 1.738   -1.861  14.236  1.00 55.11  ? 83  TYR A CA  1 
ATOM   648  C  C   . TYR A 1 83  ? 1.326   -0.398  14.294  1.00 54.16  ? 83  TYR A C   1 
ATOM   649  O  O   . TYR A 1 83  ? 2.030   0.430   13.712  1.00 60.31  ? 83  TYR A O   1 
ATOM   650  C  CB  . TYR A 1 83  ? 2.177   -2.311  12.842  1.00 54.63  ? 83  TYR A CB  1 
ATOM   651  C  CG  . TYR A 1 83  ? 2.545   -3.767  12.774  1.00 51.44  ? 83  TYR A CG  1 
ATOM   652  C  CD1 . TYR A 1 83  ? 3.812   -4.222  13.122  1.00 57.71  ? 83  TYR A CD1 1 
ATOM   653  C  CD2 . TYR A 1 83  ? 1.603   -4.700  12.394  1.00 52.74  ? 83  TYR A CD2 1 
ATOM   654  C  CE1 . TYR A 1 83  ? 4.135   -5.576  13.085  1.00 56.80  ? 83  TYR A CE1 1 
ATOM   655  C  CE2 . TYR A 1 83  ? 1.908   -6.052  12.339  1.00 57.48  ? 83  TYR A CE2 1 
ATOM   656  C  CZ  . TYR A 1 83  ? 3.171   -6.489  12.694  1.00 58.23  ? 83  TYR A CZ  1 
ATOM   657  O  OH  . TYR A 1 83  ? 3.416   -7.822  12.636  1.00 59.74  ? 83  TYR A OH  1 
ATOM   658  N  N   . GLY A 1 84  ? 0.294   -0.086  15.074  1.00 53.54  ? 84  GLY A N   1 
ATOM   659  C  CA  . GLY A 1 84  ? -0.144  1.300   15.305  1.00 55.63  ? 84  GLY A CA  1 
ATOM   660  C  C   . GLY A 1 84  ? 0.988   2.157   15.828  1.00 61.83  ? 84  GLY A C   1 
ATOM   661  O  O   . GLY A 1 84  ? 1.036   3.376   15.493  1.00 56.97  ? 84  GLY A O   1 
ATOM   662  N  N   . GLU A 1 85  ? 1.889   1.562   16.613  1.00 60.19  ? 85  GLU A N   1 
ATOM   663  C  CA  . GLU A 1 85  ? 2.892   2.354   17.371  1.00 62.53  ? 85  GLU A CA  1 
ATOM   664  C  C   . GLU A 1 85  ? 4.014   2.780   16.424  1.00 53.89  ? 85  GLU A C   1 
ATOM   665  O  O   . GLU A 1 85  ? 4.472   3.931   16.578  1.00 55.77  ? 85  GLU A O   1 
ATOM   666  C  CB  . GLU A 1 85  ? 3.403   1.577   18.578  1.00 81.28  ? 85  GLU A CB  1 
ATOM   667  C  CG  . GLU A 1 85  ? 2.298   0.992   19.446  1.00 93.82  ? 85  GLU A CG  1 
ATOM   668  C  CD  . GLU A 1 85  ? 2.847   0.122   20.565  1.00 116.10 ? 85  GLU A CD  1 
ATOM   669  O  OE1 . GLU A 1 85  ? 3.630   -0.823  20.278  1.00 104.14 ? 85  GLU A OE1 1 
ATOM   670  O  OE2 . GLU A 1 85  ? 2.528   0.415   21.730  1.00 151.42 ? 85  GLU A OE2 1 
ATOM   671  N  N   . LEU A 1 86  ? 4.457   1.891   15.518  1.00 46.42  ? 86  LEU A N   1 
ATOM   672  C  CA  . LEU A 1 86  ? 5.370   2.233   14.388  1.00 48.33  ? 86  LEU A CA  1 
ATOM   673  C  C   . LEU A 1 86  ? 4.756   3.378   13.591  1.00 47.31  ? 86  LEU A C   1 
ATOM   674  O  O   . LEU A 1 86  ? 5.418   4.399   13.424  1.00 49.36  ? 86  LEU A O   1 
ATOM   675  C  CB  . LEU A 1 86  ? 5.559   1.048   13.445  1.00 56.81  ? 86  LEU A CB  1 
ATOM   676  C  CG  . LEU A 1 86  ? 6.693   0.060   13.713  1.00 61.88  ? 86  LEU A CG  1 
ATOM   677  C  CD1 . LEU A 1 86  ? 7.326   0.207   15.086  1.00 64.15  ? 86  LEU A CD1 1 
ATOM   678  C  CD2 . LEU A 1 86  ? 6.195   -1.359  13.502  1.00 68.17  ? 86  LEU A CD2 1 
ATOM   679  N  N   . LEU A 1 87  ? 3.511   3.234   13.152  1.00 52.06  ? 87  LEU A N   1 
ATOM   680  C  CA  . LEU A 1 87  ? 2.838   4.306   12.361  1.00 49.83  ? 87  LEU A CA  1 
ATOM   681  C  C   . LEU A 1 87  ? 2.920   5.627   13.120  1.00 48.19  ? 87  LEU A C   1 
ATOM   682  O  O   . LEU A 1 87  ? 3.347   6.629   12.522  1.00 47.56  ? 87  LEU A O   1 
ATOM   683  C  CB  . LEU A 1 87  ? 1.392   3.911   12.058  1.00 52.47  ? 87  LEU A CB  1 
ATOM   684  C  CG  . LEU A 1 87  ? 1.239   2.875   10.943  1.00 53.82  ? 87  LEU A CG  1 
ATOM   685  C  CD1 . LEU A 1 87  ? -0.134  2.266   10.974  1.00 57.18  ? 87  LEU A CD1 1 
ATOM   686  C  CD2 . LEU A 1 87  ? 1.502   3.486   9.579   1.00 52.35  ? 87  LEU A CD2 1 
ATOM   687  N  N   . ALA A 1 88  ? 2.510   5.624   14.386  1.00 51.92  ? 88  ALA A N   1 
ATOM   688  C  CA  . ALA A 1 88  ? 2.464   6.819   15.262  1.00 51.34  ? 88  ALA A CA  1 
ATOM   689  C  C   . ALA A 1 88  ? 3.848   7.489   15.340  1.00 54.61  ? 88  ALA A C   1 
ATOM   690  O  O   . ALA A 1 88  ? 3.910   8.739   15.206  1.00 49.84  ? 88  ALA A O   1 
ATOM   691  C  CB  . ALA A 1 88  ? 1.995   6.406   16.650  1.00 54.98  ? 88  ALA A CB  1 
ATOM   692  N  N   . SER A 1 89  ? 4.912   6.702   15.592  1.00 52.09  ? 89  SER A N   1 
ATOM   693  C  CA  . SER A 1 89  ? 6.297   7.207   15.792  1.00 58.02  ? 89  SER A CA  1 
ATOM   694  C  C   . SER A 1 89  ? 6.840   7.824   14.499  1.00 55.66  ? 89  SER A C   1 
ATOM   695  O  O   . SER A 1 89  ? 7.706   8.718   14.569  1.00 56.81  ? 89  SER A O   1 
ATOM   696  C  CB  . SER A 1 89  ? 7.218   6.132   16.273  1.00 57.09  ? 89  SER A CB  1 
ATOM   697  O  OG  . SER A 1 89  ? 6.645   5.429   17.356  1.00 67.28  ? 89  SER A OG  1 
ATOM   698  N  N   . ALA A 1 90  ? 6.360   7.369   13.350  1.00 53.18  ? 90  ALA A N   1 
ATOM   699  C  CA  . ALA A 1 90  ? 6.922   7.770   12.044  1.00 50.48  ? 90  ALA A CA  1 
ATOM   700  C  C   . ALA A 1 90  ? 6.620   9.248   11.774  1.00 49.18  ? 90  ALA A C   1 
ATOM   701  O  O   . ALA A 1 90  ? 7.349   9.846   10.981  1.00 52.60  ? 90  ALA A O   1 
ATOM   702  C  CB  . ALA A 1 90  ? 6.427   6.848   10.972  1.00 49.18  ? 90  ALA A CB  1 
ATOM   703  N  N   . GLY A 1 91  ? 5.626   9.848   12.432  1.00 52.44  ? 91  GLY A N   1 
ATOM   704  C  CA  . GLY A 1 91  ? 5.370   11.298  12.298  1.00 51.14  ? 91  GLY A CA  1 
ATOM   705  C  C   . GLY A 1 91  ? 4.002   11.738  12.803  1.00 55.28  ? 91  GLY A C   1 
ATOM   706  O  O   . GLY A 1 91  ? 3.132   10.864  13.105  1.00 48.68  ? 91  GLY A O   1 
ATOM   707  N  N   . ASP A 1 92  ? 3.859   13.068  12.877  1.00 56.07  ? 92  ASP A N   1 
ATOM   708  C  CA  . ASP A 1 92  ? 2.689   13.844  13.360  1.00 61.95  ? 92  ASP A CA  1 
ATOM   709  C  C   . ASP A 1 92  ? 2.194   14.787  12.261  1.00 62.33  ? 92  ASP A C   1 
ATOM   710  O  O   . ASP A 1 92  ? 1.468   15.744  12.587  1.00 70.33  ? 92  ASP A O   1 
ATOM   711  C  CB  . ASP A 1 92  ? 3.074   14.644  14.610  1.00 62.19  ? 92  ASP A CB  1 
ATOM   712  C  CG  . ASP A 1 92  ? 3.500   13.756  15.767  1.00 62.15  ? 92  ASP A CG  1 
ATOM   713  O  OD1 . ASP A 1 92  ? 3.135   12.521  15.777  1.00 61.19  ? 92  ASP A OD1 1 
ATOM   714  O  OD2 . ASP A 1 92  ? 4.204   14.287  16.624  1.00 55.84  ? 92  ASP A OD2 1 
ATOM   715  N  N   . SER A 1 93  ? 2.578   14.538  11.011  1.00 61.18  ? 93  SER A N   1 
ATOM   716  C  CA  . SER A 1 93  ? 2.098   15.266  9.807   1.00 63.61  ? 93  SER A CA  1 
ATOM   717  C  C   . SER A 1 93  ? 2.470   14.433  8.582   1.00 66.77  ? 93  SER A C   1 
ATOM   718  O  O   . SER A 1 93  ? 3.354   13.570  8.710   1.00 59.11  ? 93  SER A O   1 
ATOM   719  C  CB  . SER A 1 93  ? 2.656   16.663  9.729   1.00 58.79  ? 93  SER A CB  1 
ATOM   720  O  OG  . SER A 1 93  ? 4.056   16.637  9.527   1.00 63.46  ? 93  SER A OG  1 
ATOM   721  N  N   . LEU A 1 94  ? 1.785   14.634  7.459   1.00 65.04  ? 94  LEU A N   1 
ATOM   722  C  CA  . LEU A 1 94  ? 2.109   13.906  6.214   1.00 66.23  ? 94  LEU A CA  1 
ATOM   723  C  C   . LEU A 1 94  ? 3.595   14.112  5.906   1.00 61.21  ? 94  LEU A C   1 
ATOM   724  O  O   . LEU A 1 94  ? 4.359   13.154  5.933   1.00 49.24  ? 94  LEU A O   1 
ATOM   725  C  CB  . LEU A 1 94  ? 1.204   14.395  5.087   1.00 66.51  ? 94  LEU A CB  1 
ATOM   726  C  CG  . LEU A 1 94  ? 1.221   13.524  3.844   1.00 60.96  ? 94  LEU A CG  1 
ATOM   727  C  CD1 . LEU A 1 94  ? 0.626   12.168  4.153   1.00 58.97  ? 94  LEU A CD1 1 
ATOM   728  C  CD2 . LEU A 1 94  ? 0.464   14.217  2.719   1.00 71.45  ? 94  LEU A CD2 1 
ATOM   729  N  N   . PRO A 1 95  ? 4.086   15.359  5.733   1.00 59.47  ? 95  PRO A N   1 
ATOM   730  C  CA  . PRO A 1 95  ? 5.472   15.581  5.311   1.00 60.13  ? 95  PRO A CA  1 
ATOM   731  C  C   . PRO A 1 95  ? 6.470   14.829  6.203   1.00 60.10  ? 95  PRO A C   1 
ATOM   732  O  O   . PRO A 1 95  ? 7.348   14.157  5.692   1.00 69.37  ? 95  PRO A O   1 
ATOM   733  C  CB  . PRO A 1 95  ? 5.692   17.098  5.433   1.00 64.43  ? 95  PRO A CB  1 
ATOM   734  C  CG  . PRO A 1 95  ? 4.540   17.582  6.307   1.00 61.80  ? 95  PRO A CG  1 
ATOM   735  C  CD  . PRO A 1 95  ? 3.392   16.624  6.023   1.00 60.23  ? 95  PRO A CD  1 
ATOM   736  N  N   . GLU A 1 96  ? 6.293   14.926  7.514   1.00 60.86  ? 96  GLU A N   1 
ATOM   737  C  CA  . GLU A 1 96  ? 7.187   14.262  8.505   1.00 59.57  ? 96  GLU A CA  1 
ATOM   738  C  C   . GLU A 1 96  ? 7.184   12.753  8.264   1.00 49.80  ? 96  GLU A C   1 
ATOM   739  O  O   . GLU A 1 96  ? 8.251   12.154  8.126   1.00 54.10  ? 96  GLU A O   1 
ATOM   740  C  CB  . GLU A 1 96  ? 6.765   14.550  9.948   1.00 57.90  ? 96  GLU A CB  1 
ATOM   741  C  CG  . GLU A 1 96  ? 7.849   14.147  10.928  1.00 60.94  ? 96  GLU A CG  1 
ATOM   742  C  CD  . GLU A 1 96  ? 7.568   14.260  12.416  1.00 68.40  ? 96  GLU A CD  1 
ATOM   743  O  OE1 . GLU A 1 96  ? 6.420   14.594  12.830  1.00 68.27  ? 96  GLU A OE1 1 
ATOM   744  O  OE2 . GLU A 1 96  ? 8.518   13.996  13.163  1.00 73.74  ? 96  GLU A OE2 1 
ATOM   745  N  N   . PHE A 1 97  ? 5.995   12.190  8.190   1.00 48.84  ? 97  PHE A N   1 
ATOM   746  C  CA  . PHE A 1 97  ? 5.752   10.742  8.036   1.00 47.58  ? 97  PHE A CA  1 
ATOM   747  C  C   . PHE A 1 97  ? 6.436   10.261  6.746   1.00 52.74  ? 97  PHE A C   1 
ATOM   748  O  O   . PHE A 1 97  ? 7.034   9.155   6.766   1.00 49.09  ? 97  PHE A O   1 
ATOM   749  C  CB  . PHE A 1 97  ? 4.243   10.473  8.086   1.00 48.33  ? 97  PHE A CB  1 
ATOM   750  C  CG  . PHE A 1 97  ? 3.878   9.019   8.000   1.00 51.01  ? 97  PHE A CG  1 
ATOM   751  C  CD1 . PHE A 1 97  ? 3.887   8.357   6.782   1.00 46.81  ? 97  PHE A CD1 1 
ATOM   752  C  CD2 . PHE A 1 97  ? 3.591   8.292   9.149   1.00 53.36  ? 97  PHE A CD2 1 
ATOM   753  C  CE1 . PHE A 1 97  ? 3.612   7.002   6.712   1.00 45.96  ? 97  PHE A CE1 1 
ATOM   754  C  CE2 . PHE A 1 97  ? 3.297   6.941   9.078   1.00 48.52  ? 97  PHE A CE2 1 
ATOM   755  C  CZ  . PHE A 1 97  ? 3.318   6.295   7.851   1.00 48.56  ? 97  PHE A CZ  1 
ATOM   756  N  N   . MET A 1 98  ? 6.338   11.032  5.656   1.00 55.47  ? 98  MET A N   1 
ATOM   757  C  CA  . MET A 1 98  ? 6.811   10.581  4.326   1.00 60.99  ? 98  MET A CA  1 
ATOM   758  C  C   . MET A 1 98  ? 8.320   10.341  4.411   1.00 61.45  ? 98  MET A C   1 
ATOM   759  O  O   . MET A 1 98  ? 8.752   9.249   4.014   1.00 66.86  ? 98  MET A O   1 
ATOM   760  C  CB  . MET A 1 98  ? 6.542   11.608  3.228   1.00 67.25  ? 98  MET A CB  1 
ATOM   761  C  CG  . MET A 1 98  ? 5.070   11.853  2.930   1.00 73.41  ? 98  MET A CG  1 
ATOM   762  S  SD  . MET A 1 98  ? 4.129   10.376  2.578   1.00 75.62  ? 98  MET A SD  1 
ATOM   763  C  CE  . MET A 1 98  ? 5.174   9.567   1.369   1.00 76.38  ? 98  MET A CE  1 
ATOM   764  N  N   . GLU A 1 99  ? 9.056   11.307  4.966   1.00 56.80  ? 99  GLU A N   1 
ATOM   765  C  CA  . GLU A 1 99  ? 10.530  11.252  5.208   1.00 61.99  ? 99  GLU A CA  1 
ATOM   766  C  C   . GLU A 1 99  ? 10.994  10.049  6.064   1.00 53.60  ? 99  GLU A C   1 
ATOM   767  O  O   . GLU A 1 99  ? 12.187  9.744   6.017   1.00 49.16  ? 99  GLU A O   1 
ATOM   768  C  CB  . GLU A 1 99  ? 10.978  12.555  5.870   1.00 66.65  ? 99  GLU A CB  1 
ATOM   769  C  CG  . GLU A 1 99  ? 11.384  13.576  4.837   1.00 80.94  ? 99  GLU A CG  1 
ATOM   770  C  CD  . GLU A 1 99  ? 11.659  14.971  5.352   1.00 94.12  ? 99  GLU A CD  1 
ATOM   771  O  OE1 . GLU A 1 99  ? 11.208  15.302  6.484   1.00 84.88  ? 99  GLU A OE1 1 
ATOM   772  O  OE2 . GLU A 1 99  ? 12.325  15.725  4.602   1.00 108.80 ? 99  GLU A OE2 1 
ATOM   773  N  N   . ASN A 1 100 ? 10.130  9.395   6.845   1.00 53.16  ? 100 ASN A N   1 
ATOM   774  C  CA  . ASN A 1 100 ? 10.554  8.290   7.752   1.00 49.97  ? 100 ASN A CA  1 
ATOM   775  C  C   . ASN A 1 100 ? 10.034  6.954   7.248   1.00 47.77  ? 100 ASN A C   1 
ATOM   776  O  O   . ASN A 1 100 ? 10.070  6.012   8.002   1.00 52.01  ? 100 ASN A O   1 
ATOM   777  C  CB  . ASN A 1 100 ? 10.080  8.485   9.194   1.00 55.17  ? 100 ASN A CB  1 
ATOM   778  C  CG  . ASN A 1 100 ? 10.751  9.661   9.871   1.00 58.70  ? 100 ASN A CG  1 
ATOM   779  O  OD1 . ASN A 1 100 ? 11.900  9.978   9.574   1.00 58.55  ? 100 ASN A OD1 1 
ATOM   780  N  ND2 . ASN A 1 100 ? 10.042  10.311  10.774  1.00 54.27  ? 100 ASN A ND2 1 
ATOM   781  N  N   . LEU A 1 101 ? 9.583   6.852   6.008   1.00 53.24  ? 101 LEU A N   1 
ATOM   782  C  CA  . LEU A 1 101 ? 9.019   5.562   5.546   1.00 56.10  ? 101 LEU A CA  1 
ATOM   783  C  C   . LEU A 1 101 ? 10.109  4.469   5.545   1.00 55.44  ? 101 LEU A C   1 
ATOM   784  O  O   . LEU A 1 101 ? 9.814   3.310   5.914   1.00 58.98  ? 101 LEU A O   1 
ATOM   785  C  CB  . LEU A 1 101 ? 8.358   5.764   4.179   1.00 54.37  ? 101 LEU A CB  1 
ATOM   786  C  CG  . LEU A 1 101 ? 6.866   6.086   4.277   1.00 57.16  ? 101 LEU A CG  1 
ATOM   787  C  CD1 . LEU A 1 101 ? 6.311   6.530   2.936   1.00 63.22  ? 101 LEU A CD1 1 
ATOM   788  C  CD2 . LEU A 1 101 ? 6.083   4.887   4.802   1.00 56.77  ? 101 LEU A CD2 1 
ATOM   789  N  N   . ASP A 1 102 ? 11.320  4.788   5.119   1.00 50.87  ? 102 ASP A N   1 
ATOM   790  C  CA  . ASP A 1 102 ? 12.385  3.766   4.987   1.00 54.28  ? 102 ASP A CA  1 
ATOM   791  C  C   . ASP A 1 102 ? 12.702  3.290   6.402   1.00 49.90  ? 102 ASP A C   1 
ATOM   792  O  O   . ASP A 1 102 ? 12.767  2.070   6.641   1.00 49.97  ? 102 ASP A O   1 
ATOM   793  C  CB  . ASP A 1 102 ? 13.576  4.340   4.218   1.00 59.82  ? 102 ASP A CB  1 
ATOM   794  C  CG  . ASP A 1 102 ? 13.230  4.590   2.757   1.00 62.80  ? 102 ASP A CG  1 
ATOM   795  O  OD1 . ASP A 1 102 ? 12.146  4.104   2.319   1.00 49.93  ? 102 ASP A OD1 1 
ATOM   796  O  OD2 . ASP A 1 102 ? 14.042  5.242   2.071   1.00 65.45  ? 102 ASP A OD2 1 
ATOM   797  N  N   . ASN A 1 103 ? 12.803  4.257   7.302   1.00 49.36  ? 103 ASN A N   1 
ATOM   798  C  CA  . ASN A 1 103 ? 13.112  4.069   8.734   1.00 47.75  ? 103 ASN A CA  1 
ATOM   799  C  C   . ASN A 1 103 ? 12.046  3.169   9.348   1.00 53.17  ? 103 ASN A C   1 
ATOM   800  O  O   . ASN A 1 103 ? 12.409  2.255   10.111  1.00 57.59  ? 103 ASN A O   1 
ATOM   801  C  CB  . ASN A 1 103 ? 13.234  5.402   9.458   1.00 49.62  ? 103 ASN A CB  1 
ATOM   802  C  CG  . ASN A 1 103 ? 13.473  5.169   10.932  1.00 54.69  ? 103 ASN A CG  1 
ATOM   803  O  OD1 . ASN A 1 103 ? 14.569  4.780   11.329  1.00 62.45  ? 103 ASN A OD1 1 
ATOM   804  N  ND2 . ASN A 1 103 ? 12.435  5.304   11.732  1.00 49.53  ? 103 ASN A ND2 1 
ATOM   805  N  N   . LEU A 1 104 ? 10.787  3.378   8.972   1.00 55.83  ? 104 LEU A N   1 
ATOM   806  C  CA  . LEU A 1 104 ? 9.650   2.533   9.396   1.00 52.32  ? 104 LEU A CA  1 
ATOM   807  C  C   . LEU A 1 104 ? 9.852   1.105   8.880   1.00 50.86  ? 104 LEU A C   1 
ATOM   808  O  O   . LEU A 1 104 ? 9.643   0.119   9.656   1.00 52.51  ? 104 LEU A O   1 
ATOM   809  C  CB  . LEU A 1 104 ? 8.350   3.155   8.873   1.00 58.12  ? 104 LEU A CB  1 
ATOM   810  C  CG  . LEU A 1 104 ? 7.040   2.532   9.373   1.00 54.60  ? 104 LEU A CG  1 
ATOM   811  C  CD1 . LEU A 1 104 ? 5.960   3.577   9.435   1.00 59.92  ? 104 LEU A CD1 1 
ATOM   812  C  CD2 . LEU A 1 104 ? 6.578   1.392   8.473   1.00 54.98  ? 104 LEU A CD2 1 
ATOM   813  N  N   . HIS A 1 105 ? 10.155  0.924   7.598   1.00 54.19  ? 105 HIS A N   1 
ATOM   814  C  CA  . HIS A 1 105 ? 10.258  -0.462  7.060   1.00 46.35  ? 105 HIS A CA  1 
ATOM   815  C  C   . HIS A 1 105 ? 11.504  -1.137  7.651   1.00 44.49  ? 105 HIS A C   1 
ATOM   816  O  O   . HIS A 1 105 ? 11.487  -2.373  7.827   1.00 44.60  ? 105 HIS A O   1 
ATOM   817  C  CB  . HIS A 1 105 ? 10.214  -0.466  5.550   1.00 48.07  ? 105 HIS A CB  1 
ATOM   818  C  CG  . HIS A 1 105 ? 8.846   -0.301  5.001   1.00 44.75  ? 105 HIS A CG  1 
ATOM   819  N  ND1 . HIS A 1 105 ? 8.431   0.880   4.473   1.00 43.94  ? 105 HIS A ND1 1 
ATOM   820  C  CD2 . HIS A 1 105 ? 7.831   -1.173  4.852   1.00 45.97  ? 105 HIS A CD2 1 
ATOM   821  C  CE1 . HIS A 1 105 ? 7.195   0.734   4.015   1.00 50.95  ? 105 HIS A CE1 1 
ATOM   822  N  NE2 . HIS A 1 105 ? 6.796   -0.509  4.245   1.00 49.94  ? 105 HIS A NE2 1 
ATOM   823  N  N   . ALA A 1 106 ? 12.541  -0.356  7.976   1.00 46.73  ? 106 ALA A N   1 
ATOM   824  C  CA  . ALA A 1 106 ? 13.734  -0.841  8.719   1.00 50.94  ? 106 ALA A CA  1 
ATOM   825  C  C   . ALA A 1 106 ? 13.273  -1.497  10.031  1.00 46.27  ? 106 ALA A C   1 
ATOM   826  O  O   . ALA A 1 106 ? 13.554  -2.708  10.219  1.00 64.87  ? 106 ALA A O   1 
ATOM   827  C  CB  . ALA A 1 106 ? 14.702  0.288   8.946   1.00 54.70  ? 106 ALA A CB  1 
ATOM   828  N  N   . ARG A 1 107 ? 12.525  -0.750  10.856  1.00 47.45  ? 107 ARG A N   1 
ATOM   829  C  CA  . ARG A 1 107 ? 11.931  -1.193  12.146  1.00 46.27  ? 107 ARG A CA  1 
ATOM   830  C  C   . ARG A 1 107 ? 11.036  -2.411  11.898  1.00 46.43  ? 107 ARG A C   1 
ATOM   831  O  O   . ARG A 1 107 ? 11.108  -3.381  12.664  1.00 51.68  ? 107 ARG A O   1 
ATOM   832  C  CB  . ARG A 1 107 ? 11.182  -0.026  12.813  1.00 53.32  ? 107 ARG A CB  1 
ATOM   833  C  CG  . ARG A 1 107 ? 12.086  1.130   13.219  1.00 53.68  ? 107 ARG A CG  1 
ATOM   834  C  CD  . ARG A 1 107 ? 11.424  2.368   13.807  1.00 57.50  ? 107 ARG A CD  1 
ATOM   835  N  NE  . ARG A 1 107 ? 12.145  2.684   15.036  1.00 71.17  ? 107 ARG A NE  1 
ATOM   836  C  CZ  . ARG A 1 107 ? 12.933  3.725   15.245  1.00 66.46  ? 107 ARG A CZ  1 
ATOM   837  N  NH1 . ARG A 1 107 ? 13.096  4.639   14.315  1.00 64.68  ? 107 ARG A NH1 1 
ATOM   838  N  NH2 . ARG A 1 107 ? 13.542  3.859   16.409  1.00 79.45  ? 107 ARG A NH2 1 
ATOM   839  N  N   . VAL A 1 108 ? 10.255  -2.414  10.821  1.00 51.87  ? 108 VAL A N   1 
ATOM   840  C  CA  . VAL A 1 108 ? 9.362   -3.566  10.517  1.00 45.69  ? 108 VAL A CA  1 
ATOM   841  C  C   . VAL A 1 108 ? 10.231  -4.806  10.294  1.00 49.77  ? 108 VAL A C   1 
ATOM   842  O  O   . VAL A 1 108 ? 9.843   -5.892  10.778  1.00 48.61  ? 108 VAL A O   1 
ATOM   843  C  CB  . VAL A 1 108 ? 8.457   -3.283  9.305   1.00 48.21  ? 108 VAL A CB  1 
ATOM   844  C  CG1 . VAL A 1 108 ? 7.730   -4.536  8.871   1.00 51.45  ? 108 VAL A CG1 1 
ATOM   845  C  CG2 . VAL A 1 108 ? 7.458   -2.166  9.562   1.00 46.23  ? 108 VAL A CG2 1 
ATOM   846  N  N   . GLY A 1 109 ? 11.362  -4.646  9.586   1.00 51.73  ? 109 GLY A N   1 
ATOM   847  C  CA  . GLY A 1 109 ? 12.339  -5.720  9.262   1.00 53.81  ? 109 GLY A CA  1 
ATOM   848  C  C   . GLY A 1 109 ? 12.772  -6.556  10.472  1.00 56.88  ? 109 GLY A C   1 
ATOM   849  O  O   . GLY A 1 109 ? 13.099  -7.749  10.296  1.00 51.72  ? 109 GLY A O   1 
ATOM   850  N  N   . LEU A 1 110 ? 12.787  -5.969  11.668  1.00 53.80  ? 110 LEU A N   1 
ATOM   851  C  CA  . LEU A 1 110 ? 13.173  -6.689  12.912  1.00 57.84  ? 110 LEU A CA  1 
ATOM   852  C  C   . LEU A 1 110 ? 12.188  -7.834  13.166  1.00 56.45  ? 110 LEU A C   1 
ATOM   853  O  O   . LEU A 1 110 ? 12.664  -8.898  13.601  1.00 53.28  ? 110 LEU A O   1 
ATOM   854  C  CB  . LEU A 1 110 ? 13.236  -5.693  14.078  1.00 58.45  ? 110 LEU A CB  1 
ATOM   855  C  CG  . LEU A 1 110 ? 14.203  -4.525  13.861  1.00 63.47  ? 110 LEU A CG  1 
ATOM   856  C  CD1 . LEU A 1 110 ? 14.156  -3.553  15.021  1.00 67.46  ? 110 LEU A CD1 1 
ATOM   857  C  CD2 . LEU A 1 110 ? 15.632  -5.008  13.610  1.00 59.27  ? 110 LEU A CD2 1 
ATOM   858  N  N   . SER A 1 111 ? 10.894  -7.624  12.882  1.00 57.22  ? 111 SER A N   1 
ATOM   859  C  CA  . SER A 1 111 ? 9.787   -8.601  13.079  1.00 57.94  ? 111 SER A CA  1 
ATOM   860  C  C   . SER A 1 111 ? 9.681   -9.524  11.862  1.00 57.13  ? 111 SER A C   1 
ATOM   861  O  O   . SER A 1 111 ? 9.269   -10.691 12.052  1.00 61.41  ? 111 SER A O   1 
ATOM   862  C  CB  . SER A 1 111 ? 8.460   -7.929  13.315  1.00 54.91  ? 111 SER A CB  1 
ATOM   863  O  OG  . SER A 1 111 ? 8.589   -6.841  14.197  1.00 57.86  ? 111 SER A OG  1 
ATOM   864  N  N   . PHE A 1 112 ? 9.981   -8.989  10.674  1.00 54.77  ? 112 PHE A N   1 
ATOM   865  C  CA  . PHE A 1 112 ? 9.864   -9.662  9.344   1.00 59.76  ? 112 PHE A CA  1 
ATOM   866  C  C   . PHE A 1 112 ? 11.236  -9.675  8.693   1.00 57.39  ? 112 PHE A C   1 
ATOM   867  O  O   . PHE A 1 112 ? 11.506  -8.799  7.879   1.00 53.17  ? 112 PHE A O   1 
ATOM   868  C  CB  . PHE A 1 112 ? 8.900   -8.925  8.411   1.00 55.90  ? 112 PHE A CB  1 
ATOM   869  C  CG  . PHE A 1 112 ? 7.536   -8.771  9.000   1.00 47.89  ? 112 PHE A CG  1 
ATOM   870  C  CD1 . PHE A 1 112 ? 6.561   -9.710  8.755   1.00 47.99  ? 112 PHE A CD1 1 
ATOM   871  C  CD2 . PHE A 1 112 ? 7.260   -7.736  9.873   1.00 56.22  ? 112 PHE A CD2 1 
ATOM   872  C  CE1 . PHE A 1 112 ? 5.324   -9.597  9.357   1.00 50.09  ? 112 PHE A CE1 1 
ATOM   873  C  CE2 . PHE A 1 112 ? 6.019   -7.626  10.472  1.00 51.19  ? 112 PHE A CE2 1 
ATOM   874  C  CZ  . PHE A 1 112 ? 5.063   -8.569  10.224  1.00 47.20  ? 112 PHE A CZ  1 
ATOM   875  N  N   . PRO A 1 113 ? 12.132  -10.614 9.096   1.00 59.19  ? 113 PRO A N   1 
ATOM   876  C  CA  . PRO A 1 113 ? 13.554  -10.554 8.713   1.00 58.67  ? 113 PRO A CA  1 
ATOM   877  C  C   . PRO A 1 113 ? 13.925  -10.822 7.241   1.00 58.77  ? 113 PRO A C   1 
ATOM   878  O  O   . PRO A 1 113 ? 15.072  -10.643 6.901   1.00 61.44  ? 113 PRO A O   1 
ATOM   879  C  CB  . PRO A 1 113 ? 14.205  -11.617 9.621   1.00 57.04  ? 113 PRO A CB  1 
ATOM   880  C  CG  . PRO A 1 113 ? 13.072  -12.571 9.997   1.00 55.42  ? 113 PRO A CG  1 
ATOM   881  C  CD  . PRO A 1 113 ? 11.836  -11.698 10.058  1.00 53.21  ? 113 PRO A CD  1 
ATOM   882  N  N   . GLN A 1 114 ? 12.977  -11.250 6.407   1.00 58.75  ? 114 GLN A N   1 
ATOM   883  C  CA  . GLN A 1 114 ? 13.188  -11.426 4.950   1.00 58.29  ? 114 GLN A CA  1 
ATOM   884  C  C   . GLN A 1 114 ? 12.413  -10.355 4.177   1.00 58.65  ? 114 GLN A C   1 
ATOM   885  O  O   . GLN A 1 114 ? 12.211  -10.545 2.969   1.00 64.10  ? 114 GLN A O   1 
ATOM   886  C  CB  . GLN A 1 114 ? 12.726  -12.803 4.487   1.00 65.77  ? 114 GLN A CB  1 
ATOM   887  C  CG  . GLN A 1 114 ? 13.637  -13.957 4.900   1.00 74.71  ? 114 GLN A CG  1 
ATOM   888  C  CD  . GLN A 1 114 ? 12.940  -15.272 4.626   1.00 75.51  ? 114 GLN A CD  1 
ATOM   889  O  OE1 . GLN A 1 114 ? 12.921  -15.784 3.502   1.00 73.19  ? 114 GLN A OE1 1 
ATOM   890  N  NE2 . GLN A 1 114 ? 12.293  -15.800 5.647   1.00 72.75  ? 114 GLN A NE2 1 
ATOM   891  N  N   . LEU A 1 115 ? 12.019  -9.254  4.820   1.00 57.19  ? 115 LEU A N   1 
ATOM   892  C  CA  . LEU A 1 115 ? 11.301  -8.137  4.151   1.00 51.21  ? 115 LEU A CA  1 
ATOM   893  C  C   . LEU A 1 115 ? 12.085  -7.673  2.923   1.00 56.02  ? 115 LEU A C   1 
ATOM   894  O  O   . LEU A 1 115 ? 13.324  -7.603  3.029   1.00 51.31  ? 115 LEU A O   1 
ATOM   895  C  CB  . LEU A 1 115 ? 11.130  -6.964  5.124   1.00 53.05  ? 115 LEU A CB  1 
ATOM   896  C  CG  . LEU A 1 115 ? 9.910   -6.077  4.867   1.00 46.04  ? 115 LEU A CG  1 
ATOM   897  C  CD1 . LEU A 1 115 ? 8.602   -6.837  5.113   1.00 45.19  ? 115 LEU A CD1 1 
ATOM   898  C  CD2 . LEU A 1 115 ? 9.963   -4.837  5.707   1.00 43.17  ? 115 LEU A CD2 1 
ATOM   899  N  N   . ARG A 1 116 ? 11.382  -7.361  1.819   1.00 55.18  ? 116 ARG A N   1 
ATOM   900  C  CA  . ARG A 1 116 ? 11.930  -6.595  0.663   1.00 53.15  ? 116 ARG A CA  1 
ATOM   901  C  C   . ARG A 1 116 ? 11.152  -5.290  0.560   1.00 53.56  ? 116 ARG A C   1 
ATOM   902  O  O   . ARG A 1 116 ? 10.254  -5.102  -0.250  1.00 48.27  ? 116 ARG A O   1 
ATOM   903  C  CB  . ARG A 1 116 ? 11.979  -7.495  -0.564  1.00 60.70  ? 116 ARG A CB  1 
ATOM   904  C  CG  . ARG A 1 116 ? 13.212  -8.390  -0.546  1.00 69.16  ? 116 ARG A CG  1 
ATOM   905  C  CD  . ARG A 1 116 ? 13.272  -9.464  -1.611  1.00 86.69  ? 116 ARG A CD  1 
ATOM   906  N  NE  . ARG A 1 116 ? 12.089  -10.332 -1.598  1.00 103.37 ? 116 ARG A NE  1 
ATOM   907  C  CZ  . ARG A 1 116 ? 11.172  -10.441 -2.579  1.00 108.42 ? 116 ARG A CZ  1 
ATOM   908  N  NH1 . ARG A 1 116 ? 11.263  -9.729  -3.703  1.00 100.51 ? 116 ARG A NH1 1 
ATOM   909  N  NH2 . ARG A 1 116 ? 10.152  -11.272 -2.412  1.00 93.81  ? 116 ARG A NH2 1 
ATOM   910  N  N   . PRO A 1 117 ? 11.453  -4.345  1.467   1.00 52.12  ? 117 PRO A N   1 
ATOM   911  C  CA  . PRO A 1 117 ? 10.625  -3.166  1.627   1.00 48.99  ? 117 PRO A CA  1 
ATOM   912  C  C   . PRO A 1 117 ? 10.774  -2.298  0.397   1.00 50.90  ? 117 PRO A C   1 
ATOM   913  O  O   . PRO A 1 117 ? 11.763  -2.443  -0.312  1.00 48.77  ? 117 PRO A O   1 
ATOM   914  C  CB  . PRO A 1 117 ? 11.224  -2.499  2.873   1.00 50.40  ? 117 PRO A CB  1 
ATOM   915  C  CG  . PRO A 1 117 ? 12.677  -2.909  2.848   1.00 47.53  ? 117 PRO A CG  1 
ATOM   916  C  CD  . PRO A 1 117 ? 12.609  -4.348  2.376   1.00 51.43  ? 117 PRO A CD  1 
ATOM   917  N  N   . PRO A 1 118 ? 9.810   -1.385  0.130   1.00 55.72  ? 118 PRO A N   1 
ATOM   918  C  CA  . PRO A 1 118 ? 10.010  -0.310  -0.846  1.00 53.69  ? 118 PRO A CA  1 
ATOM   919  C  C   . PRO A 1 118 ? 10.958  0.768   -0.298  1.00 51.01  ? 118 PRO A C   1 
ATOM   920  O  O   . PRO A 1 118 ? 11.138  0.818   0.906   1.00 56.47  ? 118 PRO A O   1 
ATOM   921  C  CB  . PRO A 1 118 ? 8.613   0.314   -0.975  1.00 48.10  ? 118 PRO A CB  1 
ATOM   922  C  CG  . PRO A 1 118 ? 8.050   0.123   0.417   1.00 55.55  ? 118 PRO A CG  1 
ATOM   923  C  CD  . PRO A 1 118 ? 8.501   -1.283  0.801   1.00 53.59  ? 118 PRO A CD  1 
ATOM   924  N  N   . ALA A 1 119 ? 11.376  1.696   -1.157  1.00 45.29  ? 119 ALA A N   1 
ATOM   925  C  CA  . ALA A 1 119 ? 12.235  2.843   -0.817  1.00 53.28  ? 119 ALA A CA  1 
ATOM   926  C  C   . ALA A 1 119 ? 11.592  4.139   -1.331  1.00 54.32  ? 119 ALA A C   1 
ATOM   927  O  O   . ALA A 1 119 ? 11.301  4.233   -2.523  1.00 57.89  ? 119 ALA A O   1 
ATOM   928  C  CB  . ALA A 1 119 ? 13.619  2.633   -1.386  1.00 53.12  ? 119 ALA A CB  1 
ATOM   929  N  N   . PHE A 1 120 ? 11.408  5.102   -0.432  1.00 51.60  ? 120 PHE A N   1 
ATOM   930  C  CA  . PHE A 1 120 ? 10.773  6.411   -0.684  1.00 55.62  ? 120 PHE A CA  1 
ATOM   931  C  C   . PHE A 1 120 ? 11.796  7.500   -0.381  1.00 61.96  ? 120 PHE A C   1 
ATOM   932  O  O   . PHE A 1 120 ? 12.561  7.356   0.592   1.00 70.81  ? 120 PHE A O   1 
ATOM   933  C  CB  . PHE A 1 120 ? 9.524   6.581   0.177   1.00 50.21  ? 120 PHE A CB  1 
ATOM   934  C  CG  . PHE A 1 120 ? 8.391   5.705   -0.270  1.00 50.96  ? 120 PHE A CG  1 
ATOM   935  C  CD1 . PHE A 1 120 ? 7.615   6.059   -1.358  1.00 50.89  ? 120 PHE A CD1 1 
ATOM   936  C  CD2 . PHE A 1 120 ? 8.120   4.517   0.375   1.00 48.44  ? 120 PHE A CD2 1 
ATOM   937  C  CE1 . PHE A 1 120 ? 6.594   5.225   -1.790  1.00 52.56  ? 120 PHE A CE1 1 
ATOM   938  C  CE2 . PHE A 1 120 ? 7.091   3.695   -0.045  1.00 46.64  ? 120 PHE A CE2 1 
ATOM   939  C  CZ  . PHE A 1 120 ? 6.331   4.043   -1.130  1.00 49.53  ? 120 PHE A CZ  1 
ATOM   940  N  N   . GLU A 1 121 ? 11.825  8.526   -1.221  1.00 54.43  ? 121 GLU A N   1 
ATOM   941  C  CA  . GLU A 1 121 ? 12.663  9.736   -1.030  1.00 63.85  ? 121 GLU A CA  1 
ATOM   942  C  C   . GLU A 1 121 ? 11.721  10.926  -1.183  1.00 61.13  ? 121 GLU A C   1 
ATOM   943  O  O   . GLU A 1 121 ? 10.890  10.915  -2.108  1.00 52.21  ? 121 GLU A O   1 
ATOM   944  C  CB  . GLU A 1 121 ? 13.836  9.761   -2.016  1.00 72.85  ? 121 GLU A CB  1 
ATOM   945  C  CG  . GLU A 1 121 ? 15.185  9.628   -1.338  1.00 94.75  ? 121 GLU A CG  1 
ATOM   946  C  CD  . GLU A 1 121 ? 15.667  10.916  -0.686  1.00 111.63 ? 121 GLU A CD  1 
ATOM   947  O  OE1 . GLU A 1 121 ? 15.704  11.951  -1.397  1.00 111.64 ? 121 GLU A OE1 1 
ATOM   948  O  OE2 . GLU A 1 121 ? 15.994  10.890  0.532   1.00 101.66 ? 121 GLU A OE2 1 
ATOM   949  N  N   . CYS A 1 122 ? 11.791  11.872  -0.256  1.00 63.78  ? 122 CYS A N   1 
ATOM   950  C  CA  . CYS A 1 122 ? 10.902  13.048  -0.242  1.00 61.95  ? 122 CYS A CA  1 
ATOM   951  C  C   . CYS A 1 122 ? 11.675  14.288  -0.669  1.00 56.73  ? 122 CYS A C   1 
ATOM   952  O  O   . CYS A 1 122 ? 12.701  14.580  -0.038  1.00 63.78  ? 122 CYS A O   1 
ATOM   953  C  CB  . CYS A 1 122 ? 10.314  13.249  1.141   1.00 69.85  ? 122 CYS A CB  1 
ATOM   954  S  SG  . CYS A 1 122 ? 8.561   12.861  1.131   1.00 77.64  ? 122 CYS A SG  1 
ATOM   955  N  N   . GLN A 1 123 ? 11.177  14.958  -1.704  1.00 66.01  ? 123 GLN A N   1 
ATOM   956  C  CA  . GLN A 1 123 ? 11.652  16.274  -2.186  1.00 74.70  ? 123 GLN A CA  1 
ATOM   957  C  C   . GLN A 1 123 ? 10.554  17.295  -1.855  1.00 72.24  ? 123 GLN A C   1 
ATOM   958  O  O   . GLN A 1 123 ? 9.534   17.330  -2.557  1.00 77.75  ? 123 GLN A O   1 
ATOM   959  C  CB  . GLN A 1 123 ? 11.980  16.160  -3.677  1.00 89.59  ? 123 GLN A CB  1 
ATOM   960  C  CG  . GLN A 1 123 ? 13.329  16.759  -4.053  1.00 107.41 ? 123 GLN A CG  1 
ATOM   961  C  CD  . GLN A 1 123 ? 14.490  15.907  -3.590  1.00 116.00 ? 123 GLN A CD  1 
ATOM   962  O  OE1 . GLN A 1 123 ? 14.733  14.819  -4.113  1.00 111.77 ? 123 GLN A OE1 1 
ATOM   963  N  NE2 . GLN A 1 123 ? 15.224  16.408  -2.604  1.00 104.95 ? 123 GLN A NE2 1 
ATOM   964  N  N   . HIS A 1 124 ? 10.724  18.059  -0.778  1.00 73.86  ? 124 HIS A N   1 
ATOM   965  C  CA  . HIS A 1 124 ? 9.781   19.132  -0.356  1.00 75.76  ? 124 HIS A CA  1 
ATOM   966  C  C   . HIS A 1 124 ? 9.897   20.339  -1.283  1.00 77.00  ? 124 HIS A C   1 
ATOM   967  O  O   . HIS A 1 124 ? 10.870  21.084  -1.145  1.00 89.52  ? 124 HIS A O   1 
ATOM   968  C  CB  . HIS A 1 124 ? 10.046  19.515  1.095   1.00 76.23  ? 124 HIS A CB  1 
ATOM   969  C  CG  . HIS A 1 124 ? 9.685   18.396  2.001   1.00 76.45  ? 124 HIS A CG  1 
ATOM   970  N  ND1 . HIS A 1 124 ? 8.422   17.837  1.991   1.00 65.82  ? 124 HIS A ND1 1 
ATOM   971  C  CD2 . HIS A 1 124 ? 10.424  17.682  2.869   1.00 73.85  ? 124 HIS A CD2 1 
ATOM   972  C  CE1 . HIS A 1 124 ? 8.396   16.843  2.840   1.00 70.12  ? 124 HIS A CE1 1 
ATOM   973  N  NE2 . HIS A 1 124 ? 9.607   16.722  3.386   1.00 75.08  ? 124 HIS A NE2 1 
ATOM   974  N  N   . THR A 1 125 ? 8.934   20.510  -2.186  1.00 80.69  ? 125 THR A N   1 
ATOM   975  C  CA  . THR A 1 125 ? 8.885   21.622  -3.171  1.00 87.62  ? 125 THR A CA  1 
ATOM   976  C  C   . THR A 1 125 ? 8.238   22.847  -2.499  1.00 98.44  ? 125 THR A C   1 
ATOM   977  O  O   . THR A 1 125 ? 8.236   23.937  -3.124  1.00 87.49  ? 125 THR A O   1 
ATOM   978  C  CB  . THR A 1 125 ? 8.205   21.144  -4.463  1.00 91.89  ? 125 THR A CB  1 
ATOM   979  O  OG1 . THR A 1 125 ? 6.908   20.623  -4.181  1.00 84.24  ? 125 THR A OG1 1 
ATOM   980  C  CG2 . THR A 1 125 ? 9.000   20.067  -5.170  1.00 96.60  ? 125 THR A CG2 1 
ATOM   981  N  N   . SER A 1 126 ? 7.723   22.666  -1.271  1.00 100.45 ? 126 SER A N   1 
ATOM   982  C  CA  . SER A 1 126 ? 7.117   23.704  -0.394  1.00 87.31  ? 126 SER A CA  1 
ATOM   983  C  C   . SER A 1 126 ? 6.537   23.033  0.859   1.00 95.43  ? 126 SER A C   1 
ATOM   984  O  O   . SER A 1 126 ? 6.755   21.812  1.044   1.00 101.62 ? 126 SER A O   1 
ATOM   985  C  CB  . SER A 1 126 ? 6.057   24.492  -1.134  1.00 83.39  ? 126 SER A CB  1 
ATOM   986  O  OG  . SER A 1 126 ? 4.804   23.815  -1.112  1.00 77.74  ? 126 SER A OG  1 
ATOM   987  N  N   . SER A 1 127 ? 5.815   23.793  1.689   1.00 89.56  ? 127 SER A N   1 
ATOM   988  C  CA  . SER A 1 127 ? 5.035   23.258  2.835   1.00 91.13  ? 127 SER A CA  1 
ATOM   989  C  C   . SER A 1 127 ? 3.595   22.966  2.393   1.00 76.22  ? 127 SER A C   1 
ATOM   990  O  O   . SER A 1 127 ? 2.779   22.708  3.276   1.00 68.75  ? 127 SER A O   1 
ATOM   991  C  CB  . SER A 1 127 ? 5.091   24.171  4.049   1.00 103.01 ? 127 SER A CB  1 
ATOM   992  O  OG  . SER A 1 127 ? 4.500   25.436  3.788   1.00 105.62 ? 127 SER A OG  1 
ATOM   993  N  N   . LYS A 1 128 ? 3.315   22.949  1.085   1.00 68.41  ? 128 LYS A N   1 
ATOM   994  C  CA  . LYS A 1 128 ? 2.026   22.465  0.511   1.00 81.51  ? 128 LYS A CA  1 
ATOM   995  C  C   . LYS A 1 128 ? 2.252   21.393  -0.575  1.00 79.92  ? 128 LYS A C   1 
ATOM   996  O  O   . LYS A 1 128 ? 1.251   20.869  -1.132  1.00 76.86  ? 128 LYS A O   1 
ATOM   997  C  CB  . LYS A 1 128 ? 1.270   23.630  -0.129  1.00 98.51  ? 128 LYS A CB  1 
ATOM   998  C  CG  . LYS A 1 128 ? 0.470   24.501  0.833   1.00 120.04 ? 128 LYS A CG  1 
ATOM   999  C  CD  . LYS A 1 128 ? -0.071  25.773  0.187   1.00 125.60 ? 128 LYS A CD  1 
ATOM   1000 C  CE  . LYS A 1 128 ? -0.753  25.532  -1.148  1.00 130.16 ? 128 LYS A CE  1 
ATOM   1001 N  NZ  . LYS A 1 128 ? -1.382  26.765  -1.682  1.00 127.63 ? 128 LYS A NZ  1 
ATOM   1002 N  N   . SER A 1 129 ? 3.498   21.050  -0.881  1.00 67.63  ? 129 SER A N   1 
ATOM   1003 C  CA  . SER A 1 129 ? 3.821   20.300  -2.121  1.00 71.53  ? 129 SER A CA  1 
ATOM   1004 C  C   . SER A 1 129 ? 5.058   19.424  -1.922  1.00 63.30  ? 129 SER A C   1 
ATOM   1005 O  O   . SER A 1 129 ? 6.041   19.896  -1.296  1.00 58.84  ? 129 SER A O   1 
ATOM   1006 C  CB  . SER A 1 129 ? 4.056   21.274  -3.210  1.00 64.53  ? 129 SER A CB  1 
ATOM   1007 O  OG  . SER A 1 129 ? 5.184   22.074  -2.858  1.00 70.98  ? 129 SER A OG  1 
ATOM   1008 N  N   . MET A 1 130 ? 5.042   18.218  -2.485  1.00 61.69  ? 130 MET A N   1 
ATOM   1009 C  CA  . MET A 1 130 ? 6.273   17.373  -2.548  1.00 68.96  ? 130 MET A CA  1 
ATOM   1010 C  C   . MET A 1 130 ? 6.268   16.497  -3.799  1.00 52.42  ? 130 MET A C   1 
ATOM   1011 O  O   . MET A 1 130 ? 5.181   16.225  -4.386  1.00 50.18  ? 130 MET A O   1 
ATOM   1012 C  CB  . MET A 1 130 ? 6.441   16.488  -1.307  1.00 64.43  ? 130 MET A CB  1 
ATOM   1013 C  CG  . MET A 1 130 ? 5.441   15.372  -1.244  1.00 70.13  ? 130 MET A CG  1 
ATOM   1014 S  SD  . MET A 1 130 ? 5.600   14.432  0.272   1.00 84.44  ? 130 MET A SD  1 
ATOM   1015 C  CE  . MET A 1 130 ? 4.977   15.639  1.436   1.00 71.92  ? 130 MET A CE  1 
ATOM   1016 N  N   . GLU A 1 131 ? 7.478   16.131  -4.200  1.00 58.82  ? 131 GLU A N   1 
ATOM   1017 C  CA  . GLU A 1 131 ? 7.772   15.029  -5.154  1.00 61.33  ? 131 GLU A CA  1 
ATOM   1018 C  C   . GLU A 1 131 ? 8.079   13.805  -4.292  1.00 59.71  ? 131 GLU A C   1 
ATOM   1019 O  O   . GLU A 1 131 ? 8.949   13.908  -3.397  1.00 56.73  ? 131 GLU A O   1 
ATOM   1020 C  CB  . GLU A 1 131 ? 8.948   15.375  -6.071  1.00 65.00  ? 131 GLU A CB  1 
ATOM   1021 C  CG  . GLU A 1 131 ? 8.735   16.621  -6.937  1.00 80.68  ? 131 GLU A CG  1 
ATOM   1022 C  CD  . GLU A 1 131 ? 7.994   16.441  -8.262  1.00 90.20  ? 131 GLU A CD  1 
ATOM   1023 O  OE1 . GLU A 1 131 ? 6.871   16.997  -8.396  1.00 82.07  ? 131 GLU A OE1 1 
ATOM   1024 O  OE2 . GLU A 1 131 ? 8.556   15.778  -9.179  1.00 94.43  ? 131 GLU A OE2 1 
ATOM   1025 N  N   . LEU A 1 132 ? 7.349   12.719  -4.497  1.00 51.83  ? 132 LEU A N   1 
ATOM   1026 C  CA  . LEU A 1 132 ? 7.679   11.411  -3.885  1.00 51.98  ? 132 LEU A CA  1 
ATOM   1027 C  C   . LEU A 1 132 ? 8.285   10.481  -4.946  1.00 55.55  ? 132 LEU A C   1 
ATOM   1028 O  O   . LEU A 1 132 ? 7.563   10.047  -5.876  1.00 55.78  ? 132 LEU A O   1 
ATOM   1029 C  CB  . LEU A 1 132 ? 6.421   10.789  -3.293  1.00 47.04  ? 132 LEU A CB  1 
ATOM   1030 C  CG  . LEU A 1 132 ? 6.660   9.509   -2.508  1.00 51.84  ? 132 LEU A CG  1 
ATOM   1031 C  CD1 . LEU A 1 132 ? 7.452   9.802   -1.230  1.00 55.25  ? 132 LEU A CD1 1 
ATOM   1032 C  CD2 . LEU A 1 132 ? 5.344   8.804   -2.190  1.00 52.33  ? 132 LEU A CD2 1 
ATOM   1033 N  N   . HIS A 1 133 ? 9.550   10.124  -4.730  1.00 58.42  ? 133 HIS A N   1 
ATOM   1034 C  CA  . HIS A 1 133 ? 10.294  9.039   -5.420  1.00 52.95  ? 133 HIS A CA  1 
ATOM   1035 C  C   . HIS A 1 133 ? 9.989   7.692   -4.746  1.00 51.13  ? 133 HIS A C   1 
ATOM   1036 O  O   . HIS A 1 133 ? 10.286  7.541   -3.549  1.00 60.27  ? 133 HIS A O   1 
ATOM   1037 C  CB  . HIS A 1 133 ? 11.785  9.397   -5.426  1.00 57.30  ? 133 HIS A CB  1 
ATOM   1038 C  CG  . HIS A 1 133 ? 12.074  10.673  -6.145  1.00 62.58  ? 133 HIS A CG  1 
ATOM   1039 N  ND1 . HIS A 1 133 ? 12.818  10.712  -7.304  1.00 65.82  ? 133 HIS A ND1 1 
ATOM   1040 C  CD2 . HIS A 1 133 ? 11.704  11.946  -5.883  1.00 69.29  ? 133 HIS A CD2 1 
ATOM   1041 C  CE1 . HIS A 1 133 ? 12.910  11.952  -7.721  1.00 69.78  ? 133 HIS A CE1 1 
ATOM   1042 N  NE2 . HIS A 1 133 ? 12.237  12.729  -6.862  1.00 78.19  ? 133 HIS A NE2 1 
ATOM   1043 N  N   . TYR A 1 134 ? 9.400   6.759   -5.490  1.00 49.48  ? 134 TYR A N   1 
ATOM   1044 C  CA  . TYR A 1 134 ? 9.172   5.348   -5.106  1.00 47.95  ? 134 TYR A CA  1 
ATOM   1045 C  C   . TYR A 1 134 ? 10.111  4.464   -5.927  1.00 58.89  ? 134 TYR A C   1 
ATOM   1046 O  O   . TYR A 1 134 ? 10.020  4.510   -7.183  1.00 60.15  ? 134 TYR A O   1 
ATOM   1047 C  CB  . TYR A 1 134 ? 7.730   4.948   -5.410  1.00 45.68  ? 134 TYR A CB  1 
ATOM   1048 C  CG  . TYR A 1 134 ? 7.403   3.473   -5.369  1.00 46.97  ? 134 TYR A CG  1 
ATOM   1049 C  CD1 . TYR A 1 134 ? 7.764   2.663   -4.297  1.00 45.48  ? 134 TYR A CD1 1 
ATOM   1050 C  CD2 . TYR A 1 134 ? 6.628   2.899   -6.360  1.00 42.61  ? 134 TYR A CD2 1 
ATOM   1051 C  CE1 . TYR A 1 134 ? 7.387   1.322   -4.234  1.00 40.77  ? 134 TYR A CE1 1 
ATOM   1052 C  CE2 . TYR A 1 134 ? 6.281   1.557   -6.329  1.00 44.21  ? 134 TYR A CE2 1 
ATOM   1053 C  CZ  . TYR A 1 134 ? 6.646   0.763   -5.257  1.00 43.58  ? 134 TYR A CZ  1 
ATOM   1054 O  OH  . TYR A 1 134 ? 6.290   -0.560  -5.269  1.00 47.28  ? 134 TYR A OH  1 
ATOM   1055 N  N   . GLN A 1 135 ? 10.927  3.657   -5.239  1.00 49.72  ? 135 GLN A N   1 
ATOM   1056 C  CA  . GLN A 1 135 ? 11.846  2.647   -5.818  1.00 55.67  ? 135 GLN A CA  1 
ATOM   1057 C  C   . GLN A 1 135 ? 11.482  1.284   -5.208  1.00 50.14  ? 135 GLN A C   1 
ATOM   1058 O  O   . GLN A 1 135 ? 11.347  1.205   -3.995  1.00 49.78  ? 135 GLN A O   1 
ATOM   1059 C  CB  . GLN A 1 135 ? 13.279  3.090   -5.500  1.00 59.67  ? 135 GLN A CB  1 
ATOM   1060 C  CG  . GLN A 1 135 ? 14.283  2.830   -6.611  1.00 76.15  ? 135 GLN A CG  1 
ATOM   1061 C  CD  . GLN A 1 135 ? 15.415  3.837   -6.590  1.00 81.69  ? 135 GLN A CD  1 
ATOM   1062 O  OE1 . GLN A 1 135 ? 15.546  4.643   -5.676  1.00 80.12  ? 135 GLN A OE1 1 
ATOM   1063 N  NE2 . GLN A 1 135 ? 16.248  3.805   -7.616  1.00 86.26  ? 135 GLN A NE2 1 
ATOM   1064 N  N   . SER A 1 136 ? 11.318  0.244   -6.016  1.00 50.02  ? 136 SER A N   1 
ATOM   1065 C  CA  . SER A 1 136 ? 10.860  -1.099  -5.568  1.00 46.97  ? 136 SER A CA  1 
ATOM   1066 C  C   . SER A 1 136 ? 11.737  -2.199  -6.193  1.00 48.69  ? 136 SER A C   1 
ATOM   1067 O  O   . SER A 1 136 ? 12.267  -2.020  -7.331  1.00 48.14  ? 136 SER A O   1 
ATOM   1068 C  CB  . SER A 1 136 ? 9.391   -1.292  -5.914  1.00 45.59  ? 136 SER A CB  1 
ATOM   1069 O  OG  . SER A 1 136 ? 8.884   -2.563  -5.473  1.00 44.55  ? 136 SER A OG  1 
ATOM   1070 N  N   . THR A 1 137 ? 11.889  -3.314  -5.483  1.00 49.88  ? 137 THR A N   1 
ATOM   1071 C  CA  . THR A 1 137 ? 12.492  -4.563  -6.017  1.00 54.58  ? 137 THR A CA  1 
ATOM   1072 C  C   . THR A 1 137 ? 11.506  -5.251  -6.960  1.00 50.41  ? 137 THR A C   1 
ATOM   1073 O  O   . THR A 1 137 ? 11.903  -6.224  -7.553  1.00 50.22  ? 137 THR A O   1 
ATOM   1074 C  CB  . THR A 1 137 ? 12.912  -5.546  -4.913  1.00 59.23  ? 137 THR A CB  1 
ATOM   1075 O  OG1 . THR A 1 137 ? 11.773  -6.051  -4.206  1.00 55.90  ? 137 THR A OG1 1 
ATOM   1076 C  CG2 . THR A 1 137 ? 13.905  -4.919  -3.952  1.00 59.24  ? 137 THR A CG2 1 
ATOM   1077 N  N   . ARG A 1 138 ? 10.273  -4.749  -7.068  1.00 54.83  ? 138 ARG A N   1 
ATOM   1078 C  CA  . ARG A 1 138 ? 9.145   -5.387  -7.791  1.00 52.57  ? 138 ARG A CA  1 
ATOM   1079 C  C   . ARG A 1 138 ? 8.554   -4.394  -8.797  1.00 53.68  ? 138 ARG A C   1 
ATOM   1080 O  O   . ARG A 1 138 ? 8.871   -3.182  -8.717  1.00 59.98  ? 138 ARG A O   1 
ATOM   1081 C  CB  . ARG A 1 138 ? 8.041   -5.825  -6.816  1.00 57.19  ? 138 ARG A CB  1 
ATOM   1082 C  CG  . ARG A 1 138 ? 8.544   -6.393  -5.494  1.00 59.77  ? 138 ARG A CG  1 
ATOM   1083 C  CD  . ARG A 1 138 ? 7.401   -6.805  -4.601  1.00 58.72  ? 138 ARG A CD  1 
ATOM   1084 N  NE  . ARG A 1 138 ? 7.783   -7.783  -3.586  1.00 54.60  ? 138 ARG A NE  1 
ATOM   1085 C  CZ  . ARG A 1 138 ? 8.280   -7.481  -2.397  1.00 51.25  ? 138 ARG A CZ  1 
ATOM   1086 N  NH1 . ARG A 1 138 ? 8.530   -6.224  -2.085  1.00 50.94  ? 138 ARG A NH1 1 
ATOM   1087 N  NH2 . ARG A 1 138 ? 8.596   -8.439  -1.546  1.00 50.49  ? 138 ARG A NH2 1 
ATOM   1088 N  N   . CYS A 1 139 ? 7.688   -4.917  -9.661  1.00 49.21  ? 139 CYS A N   1 
ATOM   1089 C  CA  . CYS A 1 139 ? 6.986   -4.227  -10.751 1.00 53.97  ? 139 CYS A CA  1 
ATOM   1090 C  C   . CYS A 1 139 ? 5.505   -4.142  -10.409 1.00 54.71  ? 139 CYS A C   1 
ATOM   1091 O  O   . CYS A 1 139 ? 4.995   -5.076  -9.763  1.00 47.36  ? 139 CYS A O   1 
ATOM   1092 C  CB  . CYS A 1 139 ? 7.126   -4.999  -12.057 1.00 63.89  ? 139 CYS A CB  1 
ATOM   1093 S  SG  . CYS A 1 139 ? 8.850   -5.341  -12.492 1.00 73.04  ? 139 CYS A SG  1 
ATOM   1094 N  N   . GLY A 1 140 ? 4.859   -3.063  -10.850 1.00 49.57  ? 140 GLY A N   1 
ATOM   1095 C  CA  . GLY A 1 140 ? 3.397   -3.011  -11.025 1.00 56.01  ? 140 GLY A CA  1 
ATOM   1096 C  C   . GLY A 1 140 ? 2.644   -2.523  -9.802  1.00 51.59  ? 140 GLY A C   1 
ATOM   1097 O  O   . GLY A 1 140 ? 1.437   -2.686  -9.791  1.00 60.45  ? 140 GLY A O   1 
ATOM   1098 N  N   . LEU A 1 141 ? 3.306   -1.925  -8.818  1.00 50.11  ? 141 LEU A N   1 
ATOM   1099 C  CA  . LEU A 1 141 ? 2.670   -1.631  -7.505  1.00 50.20  ? 141 LEU A CA  1 
ATOM   1100 C  C   . LEU A 1 141 ? 2.635   -0.125  -7.261  1.00 48.65  ? 141 LEU A C   1 
ATOM   1101 O  O   . LEU A 1 141 ? 2.244   0.275   -6.182  1.00 54.59  ? 141 LEU A O   1 
ATOM   1102 C  CB  . LEU A 1 141 ? 3.441   -2.343  -6.393  1.00 46.98  ? 141 LEU A CB  1 
ATOM   1103 C  CG  . LEU A 1 141 ? 3.372   -3.859  -6.422  1.00 49.32  ? 141 LEU A CG  1 
ATOM   1104 C  CD1 . LEU A 1 141 ? 4.100   -4.435  -5.226  1.00 55.81  ? 141 LEU A CD1 1 
ATOM   1105 C  CD2 . LEU A 1 141 ? 1.941   -4.344  -6.438  1.00 57.45  ? 141 LEU A CD2 1 
ATOM   1106 N  N   . ALA A 1 142 ? 2.988   0.687   -8.242  1.00 52.92  ? 142 ALA A N   1 
ATOM   1107 C  CA  . ALA A 1 142 ? 2.850   2.154   -8.168  1.00 51.14  ? 142 ALA A CA  1 
ATOM   1108 C  C   . ALA A 1 142 ? 1.406   2.517   -7.803  1.00 55.11  ? 142 ALA A C   1 
ATOM   1109 O  O   . ALA A 1 142 ? 1.197   3.439   -7.035  1.00 58.96  ? 142 ALA A O   1 
ATOM   1110 C  CB  . ALA A 1 142 ? 3.279   2.754   -9.480  1.00 56.18  ? 142 ALA A CB  1 
ATOM   1111 N  N   . PRO A 1 143 ? 0.360   1.847   -8.345  1.00 55.80  ? 143 PRO A N   1 
ATOM   1112 C  CA  . PRO A 1 143 ? -1.019  2.160   -7.976  1.00 54.55  ? 143 PRO A CA  1 
ATOM   1113 C  C   . PRO A 1 143 ? -1.308  2.009   -6.478  1.00 52.61  ? 143 PRO A C   1 
ATOM   1114 O  O   . PRO A 1 143 ? -2.001  2.786   -5.917  1.00 56.36  ? 143 PRO A O   1 
ATOM   1115 C  CB  . PRO A 1 143 ? -1.818  1.112   -8.755  1.00 56.23  ? 143 PRO A CB  1 
ATOM   1116 C  CG  . PRO A 1 143 ? -0.966  0.852   -9.976  1.00 53.86  ? 143 PRO A CG  1 
ATOM   1117 C  CD  . PRO A 1 143 ? 0.430   0.821   -9.402  1.00 55.59  ? 143 PRO A CD  1 
ATOM   1118 N  N   . MET A 1 144 ? -0.762  0.989   -5.848  1.00 53.54  ? 144 MET A N   1 
ATOM   1119 C  CA  . MET A 1 144 ? -0.854  0.836   -4.379  1.00 50.00  ? 144 MET A CA  1 
ATOM   1120 C  C   . MET A 1 144 ? -0.413  2.147   -3.708  1.00 46.85  ? 144 MET A C   1 
ATOM   1121 O  O   . MET A 1 144 ? -1.052  2.559   -2.717  1.00 49.69  ? 144 MET A O   1 
ATOM   1122 C  CB  . MET A 1 144 ? 0.016   -0.333  -3.911  1.00 49.35  ? 144 MET A CB  1 
ATOM   1123 C  CG  . MET A 1 144 ? -0.045  -0.567  -2.431  1.00 51.07  ? 144 MET A CG  1 
ATOM   1124 S  SD  . MET A 1 144 ? 0.752   -2.115  -2.085  1.00 63.08  ? 144 MET A SD  1 
ATOM   1125 C  CE  . MET A 1 144 ? 0.813   -2.180  -0.297  1.00 59.19  ? 144 MET A CE  1 
ATOM   1126 N  N   . VAL A 1 145 ? 0.620   2.813   -4.217  1.00 47.70  ? 145 VAL A N   1 
ATOM   1127 C  CA  . VAL A 1 145 ? 1.166   4.065   -3.599  1.00 48.77  ? 145 VAL A CA  1 
ATOM   1128 C  C   . VAL A 1 145 ? 0.124   5.192   -3.639  1.00 56.15  ? 145 VAL A C   1 
ATOM   1129 O  O   . VAL A 1 145 ? 0.036   5.953   -2.644  1.00 47.12  ? 145 VAL A O   1 
ATOM   1130 C  CB  . VAL A 1 145 ? 2.464   4.497   -4.287  1.00 50.66  ? 145 VAL A CB  1 
ATOM   1131 C  CG1 . VAL A 1 145 ? 2.870   5.899   -3.852  1.00 52.73  ? 145 VAL A CG1 1 
ATOM   1132 C  CG2 . VAL A 1 145 ? 3.574   3.482   -4.005  1.00 53.86  ? 145 VAL A CG2 1 
ATOM   1133 N  N   . LEU A 1 146 ? -0.600  5.314   -4.756  1.00 51.54  ? 146 LEU A N   1 
ATOM   1134 C  CA  . LEU A 1 146 ? -1.803  6.173   -4.889  1.00 48.41  ? 146 LEU A CA  1 
ATOM   1135 C  C   . LEU A 1 146 ? -2.723  5.925   -3.696  1.00 51.79  ? 146 LEU A C   1 
ATOM   1136 O  O   . LEU A 1 146 ? -3.073  6.910   -2.987  1.00 58.30  ? 146 LEU A O   1 
ATOM   1137 C  CB  . LEU A 1 146 ? -2.515  5.836   -6.210  1.00 53.11  ? 146 LEU A CB  1 
ATOM   1138 C  CG  . LEU A 1 146 ? -2.238  6.730   -7.424  1.00 64.01  ? 146 LEU A CG  1 
ATOM   1139 C  CD1 . LEU A 1 146 ? -1.187  7.806   -7.148  1.00 65.15  ? 146 LEU A CD1 1 
ATOM   1140 C  CD2 . LEU A 1 146 ? -1.850  5.901   -8.638  1.00 66.10  ? 146 LEU A CD2 1 
ATOM   1141 N  N   . GLY A 1 147 ? -3.130  4.666   -3.492  1.00 52.37  ? 147 GLY A N   1 
ATOM   1142 C  CA  . GLY A 1 147 ? -4.028  4.273   -2.390  1.00 50.67  ? 147 GLY A CA  1 
ATOM   1143 C  C   . GLY A 1 147 ? -3.427  4.643   -1.043  1.00 54.81  ? 147 GLY A C   1 
ATOM   1144 O  O   . GLY A 1 147 ? -4.090  5.330   -0.237  1.00 60.34  ? 147 GLY A O   1 
ATOM   1145 N  N   . LEU A 1 148 ? -2.179  4.254   -0.815  1.00 51.84  ? 148 LEU A N   1 
ATOM   1146 C  CA  . LEU A 1 148 ? -1.500  4.538   0.467   1.00 54.85  ? 148 LEU A CA  1 
ATOM   1147 C  C   . LEU A 1 148 ? -1.600  6.036   0.742   1.00 53.23  ? 148 LEU A C   1 
ATOM   1148 O  O   . LEU A 1 148 ? -1.913  6.409   1.881   1.00 57.41  ? 148 LEU A O   1 
ATOM   1149 C  CB  . LEU A 1 148 ? -0.042  4.063   0.414   1.00 46.78  ? 148 LEU A CB  1 
ATOM   1150 C  CG  . LEU A 1 148 ? 0.101   2.544   0.419   1.00 46.30  ? 148 LEU A CG  1 
ATOM   1151 C  CD1 . LEU A 1 148 ? 1.414   2.138   -0.242  1.00 50.81  ? 148 LEU A CD1 1 
ATOM   1152 C  CD2 . LEU A 1 148 ? -0.018  1.954   1.818   1.00 45.14  ? 148 LEU A CD2 1 
ATOM   1153 N  N   . LEU A 1 149 ? -1.303  6.870   -0.245  1.00 48.08  ? 149 LEU A N   1 
ATOM   1154 C  CA  . LEU A 1 149 ? -1.183  8.320   0.017   1.00 48.73  ? 149 LEU A CA  1 
ATOM   1155 C  C   . LEU A 1 149 ? -2.568  8.852   0.379   1.00 51.64  ? 149 LEU A C   1 
ATOM   1156 O  O   . LEU A 1 149 ? -2.643  9.745   1.214   1.00 52.78  ? 149 LEU A O   1 
ATOM   1157 C  CB  . LEU A 1 149 ? -0.571  9.005   -1.205  1.00 50.82  ? 149 LEU A CB  1 
ATOM   1158 C  CG  . LEU A 1 149 ? 0.945   8.837   -1.329  1.00 54.22  ? 149 LEU A CG  1 
ATOM   1159 C  CD1 . LEU A 1 149 ? 1.400   9.130   -2.747  1.00 63.60  ? 149 LEU A CD1 1 
ATOM   1160 C  CD2 . LEU A 1 149 ? 1.698   9.716   -0.345  1.00 51.78  ? 149 LEU A CD2 1 
ATOM   1161 N  N   . HIS A 1 150 ? -3.622  8.298   -0.214  1.00 56.76  ? 150 HIS A N   1 
ATOM   1162 C  CA  . HIS A 1 150 ? -5.025  8.673   0.077   1.00 60.11  ? 150 HIS A CA  1 
ATOM   1163 C  C   . HIS A 1 150 ? -5.377  8.297   1.531   1.00 59.66  ? 150 HIS A C   1 
ATOM   1164 O  O   . HIS A 1 150 ? -5.997  9.132   2.226   1.00 58.86  ? 150 HIS A O   1 
ATOM   1165 C  CB  . HIS A 1 150 ? -5.973  8.058   -0.962  1.00 60.89  ? 150 HIS A CB  1 
ATOM   1166 C  CG  . HIS A 1 150 ? -7.268  8.800   -1.050  1.00 71.04  ? 150 HIS A CG  1 
ATOM   1167 N  ND1 . HIS A 1 150 ? -8.488  8.239   -0.636  1.00 65.08  ? 150 HIS A ND1 1 
ATOM   1168 C  CD2 . HIS A 1 150 ? -7.532  10.069  -1.444  1.00 61.55  ? 150 HIS A CD2 1 
ATOM   1169 C  CE1 . HIS A 1 150 ? -9.443  9.127   -0.790  1.00 58.14  ? 150 HIS A CE1 1 
ATOM   1170 N  NE2 . HIS A 1 150 ? -8.878  10.258  -1.270  1.00 67.21  ? 150 HIS A NE2 1 
ATOM   1171 N  N   . GLY A 1 151 ? -5.010  7.092   1.972   1.00 53.59  ? 151 GLY A N   1 
ATOM   1172 C  CA  . GLY A 1 151 ? -5.075  6.665   3.383   1.00 53.69  ? 151 GLY A CA  1 
ATOM   1173 C  C   . GLY A 1 151 ? -4.317  7.614   4.303   1.00 48.25  ? 151 GLY A C   1 
ATOM   1174 O  O   . GLY A 1 151 ? -4.849  7.985   5.337   1.00 60.21  ? 151 GLY A O   1 
ATOM   1175 N  N   . LEU A 1 152 ? -3.105  7.995   3.946   1.00 46.90  ? 152 LEU A N   1 
ATOM   1176 C  CA  . LEU A 1 152 ? -2.254  8.897   4.763   1.00 47.46  ? 152 LEU A CA  1 
ATOM   1177 C  C   . LEU A 1 152 ? -2.879  10.280  4.834   1.00 51.79  ? 152 LEU A C   1 
ATOM   1178 O  O   . LEU A 1 152 ? -2.640  10.972  5.854   1.00 50.08  ? 152 LEU A O   1 
ATOM   1179 C  CB  . LEU A 1 152 ? -0.850  9.003   4.177   1.00 45.49  ? 152 LEU A CB  1 
ATOM   1180 C  CG  . LEU A 1 152 ? -0.060  7.697   4.154   1.00 52.55  ? 152 LEU A CG  1 
ATOM   1181 C  CD1 . LEU A 1 152 ? 1.323   7.929   3.593   1.00 51.70  ? 152 LEU A CD1 1 
ATOM   1182 C  CD2 . LEU A 1 152 ? 0.017   7.060   5.538   1.00 49.51  ? 152 LEU A CD2 1 
ATOM   1183 N  N   . GLY A 1 153 ? -3.611  10.677  3.791   1.00 51.05  ? 153 GLY A N   1 
ATOM   1184 C  CA  . GLY A 1 153 ? -4.346  11.951  3.786   1.00 49.19  ? 153 GLY A CA  1 
ATOM   1185 C  C   . GLY A 1 153 ? -5.379  11.959  4.907   1.00 53.49  ? 153 GLY A C   1 
ATOM   1186 O  O   . GLY A 1 153 ? -5.350  12.886  5.781   1.00 53.56  ? 153 GLY A O   1 
ATOM   1187 N  N   . LYS A 1 154 ? -6.257  10.959  4.887   1.00 46.46  ? 154 LYS A N   1 
ATOM   1188 C  CA  . LYS A 1 154 ? -7.238  10.686  5.954   1.00 52.25  ? 154 LYS A CA  1 
ATOM   1189 C  C   . LYS A 1 154 ? -6.502  10.651  7.303   1.00 57.38  ? 154 LYS A C   1 
ATOM   1190 O  O   . LYS A 1 154 ? -6.963  11.342  8.246   1.00 61.15  ? 154 LYS A O   1 
ATOM   1191 C  CB  . LYS A 1 154 ? -8.019  9.403   5.645   1.00 60.65  ? 154 LYS A CB  1 
ATOM   1192 C  CG  . LYS A 1 154 ? -8.488  9.278   4.199   1.00 63.24  ? 154 LYS A CG  1 
ATOM   1193 C  CD  . LYS A 1 154 ? -9.738  8.456   3.936   1.00 63.97  ? 154 LYS A CD  1 
ATOM   1194 C  CE  . LYS A 1 154 ? -10.095 8.560   2.464   1.00 72.41  ? 154 LYS A CE  1 
ATOM   1195 N  NZ  . LYS A 1 154 ? -11.518 8.269   2.164   1.00 77.75  ? 154 LYS A NZ  1 
ATOM   1196 N  N   . ARG A 1 155 ? -5.362  9.964   7.378   1.00 53.07  ? 155 ARG A N   1 
ATOM   1197 C  CA  . ARG A 1 155 ? -4.594  9.795   8.639   1.00 52.04  ? 155 ARG A CA  1 
ATOM   1198 C  C   . ARG A 1 155 ? -4.295  11.171  9.247   1.00 52.02  ? 155 ARG A C   1 
ATOM   1199 O  O   . ARG A 1 155 ? -4.446  11.350  10.463  1.00 47.65  ? 155 ARG A O   1 
ATOM   1200 C  CB  . ARG A 1 155 ? -3.294  9.003   8.420   1.00 51.05  ? 155 ARG A CB  1 
ATOM   1201 C  CG  . ARG A 1 155 ? -2.726  8.478   9.737   1.00 51.52  ? 155 ARG A CG  1 
ATOM   1202 C  CD  . ARG A 1 155 ? -1.356  7.856   9.652   1.00 50.66  ? 155 ARG A CD  1 
ATOM   1203 N  NE  . ARG A 1 155 ? -0.678  7.767   10.944  1.00 56.14  ? 155 ARG A NE  1 
ATOM   1204 C  CZ  . ARG A 1 155 ? -0.975  6.905   11.922  1.00 47.06  ? 155 ARG A CZ  1 
ATOM   1205 N  NH1 . ARG A 1 155 ? -1.980  6.063   11.803  1.00 42.10  ? 155 ARG A NH1 1 
ATOM   1206 N  NH2 . ARG A 1 155 ? -0.290  6.907   13.048  1.00 49.13  ? 155 ARG A NH2 1 
ATOM   1207 N  N   . PHE A 1 156 ? -3.871  12.122  8.431   1.00 50.08  ? 156 PHE A N   1 
ATOM   1208 C  CA  . PHE A 1 156 ? -3.400  13.436  8.912   1.00 51.51  ? 156 PHE A CA  1 
ATOM   1209 C  C   . PHE A 1 156 ? -4.482  14.480  8.655   1.00 52.54  ? 156 PHE A C   1 
ATOM   1210 O  O   . PHE A 1 156 ? -4.160  15.684  8.707   1.00 46.66  ? 156 PHE A O   1 
ATOM   1211 C  CB  . PHE A 1 156 ? -2.042  13.756  8.283   1.00 52.71  ? 156 PHE A CB  1 
ATOM   1212 C  CG  . PHE A 1 156 ? -0.961  12.820  8.761   1.00 54.71  ? 156 PHE A CG  1 
ATOM   1213 C  CD1 . PHE A 1 156 ? -0.552  12.825  10.084  1.00 60.63  ? 156 PHE A CD1 1 
ATOM   1214 C  CD2 . PHE A 1 156 ? -0.387  11.895  7.901   1.00 60.51  ? 156 PHE A CD2 1 
ATOM   1215 C  CE1 . PHE A 1 156 ? 0.414   11.931  10.538  1.00 64.81  ? 156 PHE A CE1 1 
ATOM   1216 C  CE2 . PHE A 1 156 ? 0.578   11.009  8.350   1.00 63.24  ? 156 PHE A CE2 1 
ATOM   1217 C  CZ  . PHE A 1 156 ? 0.979   11.022  9.669   1.00 65.64  ? 156 PHE A CZ  1 
ATOM   1218 N  N   . GLN A 1 157 ? -5.717  14.036  8.388   1.00 55.72  ? 157 GLN A N   1 
ATOM   1219 C  CA  . GLN A 1 157 ? -6.834  14.965  8.089   1.00 55.83  ? 157 GLN A CA  1 
ATOM   1220 C  C   . GLN A 1 157 ? -6.367  16.003  7.063   1.00 56.38  ? 157 GLN A C   1 
ATOM   1221 O  O   . GLN A 1 157 ? -6.616  17.175  7.295   1.00 57.73  ? 157 GLN A O   1 
ATOM   1222 C  CB  . GLN A 1 157 ? -7.210  15.691  9.383   1.00 58.46  ? 157 GLN A CB  1 
ATOM   1223 C  CG  . GLN A 1 157 ? -7.696  14.781  10.480  1.00 53.07  ? 157 GLN A CG  1 
ATOM   1224 C  CD  . GLN A 1 157 ? -9.034  14.223  10.092  1.00 67.83  ? 157 GLN A CD  1 
ATOM   1225 O  OE1 . GLN A 1 157 ? -9.136  13.430  9.157   1.00 80.91  ? 157 GLN A OE1 1 
ATOM   1226 N  NE2 . GLN A 1 157 ? -10.075 14.677  10.773  1.00 70.23  ? 157 GLN A NE2 1 
ATOM   1227 N  N   . THR A 1 158 ? -5.606  15.595  6.043   1.00 66.45  ? 158 THR A N   1 
ATOM   1228 C  CA  . THR A 1 158 ? -5.070  16.478  4.978   1.00 63.07  ? 158 THR A CA  1 
ATOM   1229 C  C   . THR A 1 158 ? -5.663  16.054  3.651   1.00 65.09  ? 158 THR A C   1 
ATOM   1230 O  O   . THR A 1 158 ? -5.952  14.862  3.478   1.00 59.51  ? 158 THR A O   1 
ATOM   1231 C  CB  . THR A 1 158 ? -3.556  16.393  4.834   1.00 67.60  ? 158 THR A CB  1 
ATOM   1232 O  OG1 . THR A 1 158 ? -3.076  16.346  6.173   1.00 77.08  ? 158 THR A OG1 1 
ATOM   1233 C  CG2 . THR A 1 158 ? -2.990  17.569  4.075   1.00 68.39  ? 158 THR A CG2 1 
ATOM   1234 N  N   . LYS A 1 159 ? -5.895  17.014  2.772   1.00 71.04  ? 159 LYS A N   1 
ATOM   1235 C  CA  . LYS A 1 159 ? -6.398  16.680  1.426   1.00 75.52  ? 159 LYS A CA  1 
ATOM   1236 C  C   . LYS A 1 159 ? -5.162  16.551  0.576   1.00 65.93  ? 159 LYS A C   1 
ATOM   1237 O  O   . LYS A 1 159 ? -4.329  17.472  0.606   1.00 60.97  ? 159 LYS A O   1 
ATOM   1238 C  CB  . LYS A 1 159 ? -7.406  17.681  0.850   1.00 89.86  ? 159 LYS A CB  1 
ATOM   1239 C  CG  . LYS A 1 159 ? -8.882  17.344  1.087   1.00 115.11 ? 159 LYS A CG  1 
ATOM   1240 C  CD  . LYS A 1 159 ? -9.198  16.001  1.790   1.00 132.74 ? 159 LYS A CD  1 
ATOM   1241 C  CE  . LYS A 1 159 ? -8.733  14.718  1.109   1.00 150.64 ? 159 LYS A CE  1 
ATOM   1242 N  NZ  . LYS A 1 159 ? -8.475  14.864  -0.345  1.00 157.63 ? 159 LYS A NZ  1 
ATOM   1243 N  N   . VAL A 1 160 ? -5.042  15.414  -0.088  1.00 62.67  ? 160 VAL A N   1 
ATOM   1244 C  CA  . VAL A 1 160 ? -3.814  15.099  -0.854  1.00 68.80  ? 160 VAL A CA  1 
ATOM   1245 C  C   . VAL A 1 160 ? -4.240  14.850  -2.303  1.00 67.26  ? 160 VAL A C   1 
ATOM   1246 O  O   . VAL A 1 160 ? -4.974  13.867  -2.582  1.00 70.77  ? 160 VAL A O   1 
ATOM   1247 C  CB  . VAL A 1 160 ? -3.026  13.951  -0.193  1.00 68.84  ? 160 VAL A CB  1 
ATOM   1248 C  CG1 . VAL A 1 160 ? -3.854  12.686  -0.091  1.00 75.09  ? 160 VAL A CG1 1 
ATOM   1249 C  CG2 . VAL A 1 160 ? -1.722  13.682  -0.918  1.00 75.18  ? 160 VAL A CG2 1 
ATOM   1250 N  N   . GLU A 1 161 ? -3.843  15.767  -3.179  1.00 61.21  ? 161 GLU A N   1 
ATOM   1251 C  CA  . GLU A 1 161 ? -3.891  15.571  -4.640  1.00 67.76  ? 161 GLU A CA  1 
ATOM   1252 C  C   . GLU A 1 161 ? -2.588  14.906  -5.091  1.00 59.42  ? 161 GLU A C   1 
ATOM   1253 O  O   . GLU A 1 161 ? -1.511  15.472  -4.817  1.00 57.69  ? 161 GLU A O   1 
ATOM   1254 C  CB  . GLU A 1 161 ? -4.059  16.903  -5.352  1.00 76.83  ? 161 GLU A CB  1 
ATOM   1255 C  CG  . GLU A 1 161 ? -5.479  17.403  -5.415  1.00 89.29  ? 161 GLU A CG  1 
ATOM   1256 C  CD  . GLU A 1 161 ? -5.556  18.433  -6.523  1.00 108.02 ? 161 GLU A CD  1 
ATOM   1257 O  OE1 . GLU A 1 161 ? -5.694  18.019  -7.705  1.00 109.34 ? 161 GLU A OE1 1 
ATOM   1258 O  OE2 . GLU A 1 161 ? -5.363  19.629  -6.215  1.00 107.00 ? 161 GLU A OE2 1 
ATOM   1259 N  N   . VAL A 1 162 ? -2.704  13.779  -5.793  1.00 57.96  ? 162 VAL A N   1 
ATOM   1260 C  CA  . VAL A 1 162 ? -1.546  12.984  -6.291  1.00 61.65  ? 162 VAL A CA  1 
ATOM   1261 C  C   . VAL A 1 162 ? -1.673  12.799  -7.805  1.00 64.90  ? 162 VAL A C   1 
ATOM   1262 O  O   . VAL A 1 162 ? -2.659  12.167  -8.248  1.00 58.83  ? 162 VAL A O   1 
ATOM   1263 C  CB  . VAL A 1 162 ? -1.471  11.619  -5.595  1.00 57.24  ? 162 VAL A CB  1 
ATOM   1264 C  CG1 . VAL A 1 162 ? -0.228  10.874  -6.049  1.00 74.27  ? 162 VAL A CG1 1 
ATOM   1265 C  CG2 . VAL A 1 162 ? -1.514  11.748  -4.091  1.00 57.97  ? 162 VAL A CG2 1 
ATOM   1266 N  N   . THR A 1 163 ? -0.688  13.283  -8.561  1.00 58.98  ? 163 THR A N   1 
ATOM   1267 C  CA  . THR A 1 163 ? -0.462  12.871  -9.974  1.00 68.12  ? 163 THR A CA  1 
ATOM   1268 C  C   . THR A 1 163 ? 0.961   12.272  -10.121 1.00 60.46  ? 163 THR A C   1 
ATOM   1269 O  O   . THR A 1 163 ? 1.996   12.968  -9.847  1.00 52.97  ? 163 THR A O   1 
ATOM   1270 C  CB  . THR A 1 163 ? -0.839  14.022  -10.931 1.00 81.78  ? 163 THR A CB  1 
ATOM   1271 O  OG1 . THR A 1 163 ? 0.222   14.961  -11.127 1.00 70.15  ? 163 THR A OG1 1 
ATOM   1272 C  CG2 . THR A 1 163 ? -2.066  14.781  -10.463 1.00 87.24  ? 163 THR A CG2 1 
ATOM   1273 N  N   . GLN A 1 164 ? 1.031   11.012  -10.532 1.00 59.19  ? 164 GLN A N   1 
ATOM   1274 C  CA  . GLN A 1 164 ? 2.299   10.362  -10.975 1.00 60.74  ? 164 GLN A CA  1 
ATOM   1275 C  C   . GLN A 1 164 ? 2.883   11.094  -12.195 1.00 54.23  ? 164 GLN A C   1 
ATOM   1276 O  O   . GLN A 1 164 ? 2.225   11.108  -13.216 1.00 51.67  ? 164 GLN A O   1 
ATOM   1277 C  CB  . GLN A 1 164 ? 2.058   8.894   -11.309 1.00 59.08  ? 164 GLN A CB  1 
ATOM   1278 C  CG  . GLN A 1 164 ? 3.353   8.105   -11.269 1.00 57.19  ? 164 GLN A CG  1 
ATOM   1279 C  CD  . GLN A 1 164 ? 3.113   6.645   -11.515 1.00 53.30  ? 164 GLN A CD  1 
ATOM   1280 O  OE1 . GLN A 1 164 ? 2.010   6.150   -11.276 1.00 48.01  ? 164 GLN A OE1 1 
ATOM   1281 N  NE2 . GLN A 1 164 ? 4.148   5.978   -12.014 1.00 48.61  ? 164 GLN A NE2 1 
ATOM   1282 N  N   . THR A 1 165 ? 4.056   11.710  -12.041 1.00 53.11  ? 165 THR A N   1 
ATOM   1283 C  CA  . THR A 1 165 ? 4.786   12.476  -13.078 1.00 55.65  ? 165 THR A CA  1 
ATOM   1284 C  C   . THR A 1 165 ? 5.860   11.613  -13.774 1.00 65.84  ? 165 THR A C   1 
ATOM   1285 O  O   . THR A 1 165 ? 6.324   12.049  -14.852 1.00 56.79  ? 165 THR A O   1 
ATOM   1286 C  CB  . THR A 1 165 ? 5.435   13.745  -12.500 1.00 59.39  ? 165 THR A CB  1 
ATOM   1287 O  OG1 . THR A 1 165 ? 6.230   13.412  -11.363 1.00 53.30  ? 165 THR A OG1 1 
ATOM   1288 C  CG2 . THR A 1 165 ? 4.421   14.807  -12.121 1.00 61.50  ? 165 THR A CG2 1 
ATOM   1289 N  N   . ALA A 1 166 ? 6.289   10.473  -13.196 1.00 60.90  ? 166 ALA A N   1 
ATOM   1290 C  CA  . ALA A 1 166 ? 7.231   9.532   -13.857 1.00 58.57  ? 166 ALA A CA  1 
ATOM   1291 C  C   . ALA A 1 166 ? 6.773   8.085   -13.675 1.00 55.47  ? 166 ALA A C   1 
ATOM   1292 O  O   . ALA A 1 166 ? 6.271   7.710   -12.594 1.00 61.26  ? 166 ALA A O   1 
ATOM   1293 C  CB  . ALA A 1 166 ? 8.654   9.735   -13.381 1.00 56.75  ? 166 ALA A CB  1 
ATOM   1294 N  N   . PHE A 1 167 ? 7.009   7.300   -14.715 1.00 49.28  ? 167 PHE A N   1 
ATOM   1295 C  CA  . PHE A 1 167 ? 6.548   5.906   -14.880 1.00 55.43  ? 167 PHE A CA  1 
ATOM   1296 C  C   . PHE A 1 167 ? 7.751   5.046   -15.293 1.00 60.05  ? 167 PHE A C   1 
ATOM   1297 O  O   . PHE A 1 167 ? 8.414   5.349   -16.321 1.00 59.88  ? 167 PHE A O   1 
ATOM   1298 C  CB  . PHE A 1 167 ? 5.451   5.874   -15.944 1.00 56.31  ? 167 PHE A CB  1 
ATOM   1299 C  CG  . PHE A 1 167 ? 4.119   6.433   -15.520 1.00 56.75  ? 167 PHE A CG  1 
ATOM   1300 C  CD1 . PHE A 1 167 ? 3.831   7.785   -15.679 1.00 57.95  ? 167 PHE A CD1 1 
ATOM   1301 C  CD2 . PHE A 1 167 ? 3.145   5.605   -14.993 1.00 53.23  ? 167 PHE A CD2 1 
ATOM   1302 C  CE1 . PHE A 1 167 ? 2.596   8.302   -15.300 1.00 53.03  ? 167 PHE A CE1 1 
ATOM   1303 C  CE2 . PHE A 1 167 ? 1.921   6.130   -14.612 1.00 53.62  ? 167 PHE A CE2 1 
ATOM   1304 C  CZ  . PHE A 1 167 ? 1.653   7.473   -14.751 1.00 50.64  ? 167 PHE A CZ  1 
ATOM   1305 N  N   . ARG A 1 168 ? 8.028   3.997   -14.525 1.00 64.77  ? 168 ARG A N   1 
ATOM   1306 C  CA  . ARG A 1 168 ? 9.191   3.092   -14.744 1.00 66.45  ? 168 ARG A CA  1 
ATOM   1307 C  C   . ARG A 1 168 ? 9.075   2.392   -16.107 1.00 55.81  ? 168 ARG A C   1 
ATOM   1308 O  O   . ARG A 1 168 ? 10.075  2.283   -16.783 1.00 68.70  ? 168 ARG A O   1 
ATOM   1309 C  CB  . ARG A 1 168 ? 9.276   2.102   -13.583 1.00 68.91  ? 168 ARG A CB  1 
ATOM   1310 C  CG  . ARG A 1 168 ? 10.632  2.065   -12.900 1.00 82.74  ? 168 ARG A CG  1 
ATOM   1311 C  CD  . ARG A 1 168 ? 10.450  1.776   -11.434 1.00 95.60  ? 168 ARG A CD  1 
ATOM   1312 N  NE  . ARG A 1 168 ? 9.418   0.771   -11.202 1.00 109.46 ? 168 ARG A NE  1 
ATOM   1313 C  CZ  . ARG A 1 168 ? 8.747   0.614   -10.063 1.00 108.48 ? 168 ARG A CZ  1 
ATOM   1314 N  NH1 . ARG A 1 168 ? 7.822   -0.329  -9.974  1.00 89.81  ? 168 ARG A NH1 1 
ATOM   1315 N  NH2 . ARG A 1 168 ? 9.001   1.405   -9.028  1.00 115.68 ? 168 ARG A NH2 1 
ATOM   1316 N  N   . GLU A 1 169 ? 7.878   2.007   -16.526 1.00 61.76  ? 169 GLU A N   1 
ATOM   1317 C  CA  . GLU A 1 169 ? 7.640   1.217   -17.763 1.00 67.80  ? 169 GLU A CA  1 
ATOM   1318 C  C   . GLU A 1 169 ? 7.777   2.090   -19.029 1.00 63.38  ? 169 GLU A C   1 
ATOM   1319 O  O   . GLU A 1 169 ? 7.653   1.504   -20.130 1.00 65.70  ? 169 GLU A O   1 
ATOM   1320 C  CB  . GLU A 1 169 ? 6.290   0.479   -17.704 1.00 69.15  ? 169 GLU A CB  1 
ATOM   1321 C  CG  . GLU A 1 169 ? 5.099   1.327   -17.300 1.00 74.37  ? 169 GLU A CG  1 
ATOM   1322 C  CD  . GLU A 1 169 ? 4.907   1.445   -15.796 1.00 79.24  ? 169 GLU A CD  1 
ATOM   1323 O  OE1 . GLU A 1 169 ? 4.879   2.600   -15.317 1.00 84.52  ? 169 GLU A OE1 1 
ATOM   1324 O  OE2 . GLU A 1 169 ? 4.825   0.386   -15.104 1.00 69.88  ? 169 GLU A OE2 1 
ATOM   1325 N  N   . THR A 1 170 ? 7.992   3.407   -18.895 1.00 58.00  ? 170 THR A N   1 
ATOM   1326 C  CA  . THR A 1 170 ? 8.460   4.328   -19.980 1.00 59.87  ? 170 THR A CA  1 
ATOM   1327 C  C   . THR A 1 170 ? 9.993   4.496   -19.963 1.00 56.42  ? 170 THR A C   1 
ATOM   1328 O  O   . THR A 1 170 ? 10.519  5.232   -20.841 1.00 51.28  ? 170 THR A O   1 
ATOM   1329 C  CB  . THR A 1 170 ? 7.784   5.707   -19.918 1.00 57.05  ? 170 THR A CB  1 
ATOM   1330 O  OG1 . THR A 1 170 ? 8.149   6.397   -18.721 1.00 60.43  ? 170 THR A OG1 1 
ATOM   1331 C  CG2 . THR A 1 170 ? 6.278   5.599   -20.014 1.00 55.26  ? 170 THR A CG2 1 
ATOM   1332 N  N   . GLY A 1 171 ? 10.687  3.831   -19.033 1.00 52.11  ? 171 GLY A N   1 
ATOM   1333 C  CA  . GLY A 1 171 ? 12.156  3.763   -19.001 1.00 54.83  ? 171 GLY A CA  1 
ATOM   1334 C  C   . GLY A 1 171 ? 12.759  4.744   -18.031 1.00 55.91  ? 171 GLY A C   1 
ATOM   1335 O  O   . GLY A 1 171 ? 13.955  5.022   -18.150 1.00 52.92  ? 171 GLY A O   1 
ATOM   1336 N  N   . GLU A 1 172 ? 11.971  5.245   -17.084 1.00 60.23  ? 172 GLU A N   1 
ATOM   1337 C  CA  . GLU A 1 172 ? 12.472  6.120   -15.987 1.00 63.87  ? 172 GLU A CA  1 
ATOM   1338 C  C   . GLU A 1 172 ? 13.091  5.241   -14.898 1.00 54.28  ? 172 GLU A C   1 
ATOM   1339 O  O   . GLU A 1 172 ? 12.616  4.098   -14.744 1.00 50.07  ? 172 GLU A O   1 
ATOM   1340 C  CB  . GLU A 1 172 ? 11.345  6.976   -15.393 1.00 69.17  ? 172 GLU A CB  1 
ATOM   1341 C  CG  . GLU A 1 172 ? 10.799  8.034   -16.340 1.00 76.34  ? 172 GLU A CG  1 
ATOM   1342 C  CD  . GLU A 1 172 ? 11.789  9.111   -16.734 1.00 77.29  ? 172 GLU A CD  1 
ATOM   1343 O  OE1 . GLU A 1 172 ? 12.751  9.365   -15.966 1.00 83.55  ? 172 GLU A OE1 1 
ATOM   1344 O  OE2 . GLU A 1 172 ? 11.619  9.657   -17.825 1.00 79.01  ? 172 GLU A OE2 1 
ATOM   1345 N  N   . ASP A 1 173 ? 14.076  5.792   -14.176 1.00 61.64  ? 173 ASP A N   1 
ATOM   1346 C  CA  . ASP A 1 173 ? 14.676  5.247   -12.925 1.00 79.18  ? 173 ASP A CA  1 
ATOM   1347 C  C   . ASP A 1 173 ? 13.564  4.703   -12.020 1.00 78.93  ? 173 ASP A C   1 
ATOM   1348 O  O   . ASP A 1 173 ? 13.394  3.475   -11.951 1.00 77.09  ? 173 ASP A O   1 
ATOM   1349 C  CB  . ASP A 1 173 ? 15.459  6.322   -12.156 1.00 90.93  ? 173 ASP A CB  1 
ATOM   1350 C  CG  . ASP A 1 173 ? 16.973  6.227   -12.267 1.00 96.52  ? 173 ASP A CG  1 
ATOM   1351 O  OD1 . ASP A 1 173 ? 17.503  5.141   -11.983 1.00 101.34 ? 173 ASP A OD1 1 
ATOM   1352 O  OD2 . ASP A 1 173 ? 17.613  7.250   -12.629 1.00 100.57 ? 173 ASP A OD2 1 
ATOM   1353 N  N   . HIS A 1 174 ? 12.799  5.610   -11.413 1.00 70.71  ? 174 HIS A N   1 
ATOM   1354 C  CA  . HIS A 1 174 ? 11.731  5.280   -10.446 1.00 63.20  ? 174 HIS A CA  1 
ATOM   1355 C  C   . HIS A 1 174 ? 10.442  6.033   -10.760 1.00 59.09  ? 174 HIS A C   1 
ATOM   1356 O  O   . HIS A 1 174 ? 10.468  7.102   -11.380 1.00 54.06  ? 174 HIS A O   1 
ATOM   1357 C  CB  . HIS A 1 174 ? 12.184  5.577   -9.023  1.00 69.01  ? 174 HIS A CB  1 
ATOM   1358 C  CG  . HIS A 1 174 ? 12.998  6.807   -8.876  1.00 64.44  ? 174 HIS A CG  1 
ATOM   1359 N  ND1 . HIS A 1 174 ? 14.372  6.759   -8.758  1.00 75.85  ? 174 HIS A ND1 1 
ATOM   1360 C  CD2 . HIS A 1 174 ? 12.642  8.104   -8.786  1.00 67.77  ? 174 HIS A CD2 1 
ATOM   1361 C  CE1 . HIS A 1 174 ? 14.838  7.990   -8.641  1.00 76.17  ? 174 HIS A CE1 1 
ATOM   1362 N  NE2 . HIS A 1 174 ? 13.795  8.835   -8.643  1.00 72.89  ? 174 HIS A NE2 1 
ATOM   1363 N  N   . ASP A 1 175 ? 9.339   5.455   -10.314 1.00 60.08  ? 175 ASP A N   1 
ATOM   1364 C  CA  . ASP A 1 175 ? 8.033   6.131   -10.265 1.00 54.81  ? 175 ASP A CA  1 
ATOM   1365 C  C   . ASP A 1 175 ? 8.217   7.390   -9.424  1.00 56.38  ? 175 ASP A C   1 
ATOM   1366 O  O   . ASP A 1 175 ? 8.842   7.272   -8.368  1.00 51.10  ? 175 ASP A O   1 
ATOM   1367 C  CB  . ASP A 1 175 ? 6.988   5.179   -9.708  1.00 51.31  ? 175 ASP A CB  1 
ATOM   1368 C  CG  . ASP A 1 175 ? 6.745   3.997   -10.612 1.00 48.90  ? 175 ASP A CG  1 
ATOM   1369 O  OD1 . ASP A 1 175 ? 6.605   4.193   -11.830 1.00 56.08  ? 175 ASP A OD1 1 
ATOM   1370 O  OD2 . ASP A 1 175 ? 6.691   2.898   -10.089 1.00 55.53  ? 175 ASP A OD2 1 
ATOM   1371 N  N   . ILE A 1 176 ? 7.730   8.538   -9.916  1.00 56.71  ? 176 ILE A N   1 
ATOM   1372 C  CA  . ILE A 1 176 ? 7.680   9.839   -9.183  1.00 52.45  ? 176 ILE A CA  1 
ATOM   1373 C  C   . ILE A 1 176 ? 6.213   10.245  -9.028  1.00 56.58  ? 176 ILE A C   1 
ATOM   1374 O  O   . ILE A 1 176 ? 5.428   10.042  -9.967  1.00 53.75  ? 176 ILE A O   1 
ATOM   1375 C  CB  . ILE A 1 176 ? 8.510   10.913  -9.903  1.00 55.34  ? 176 ILE A CB  1 
ATOM   1376 C  CG1 . ILE A 1 176 ? 9.972   10.457  -10.015 1.00 61.47  ? 176 ILE A CG1 1 
ATOM   1377 C  CG2 . ILE A 1 176 ? 8.354   12.279  -9.226  1.00 49.76  ? 176 ILE A CG2 1 
ATOM   1378 C  CD1 . ILE A 1 176 ? 10.921  11.448  -10.677 1.00 58.68  ? 176 ILE A CD1 1 
ATOM   1379 N  N   . PHE A 1 177 ? 5.847   10.733  -7.844  1.00 63.36  ? 177 PHE A N   1 
ATOM   1380 C  CA  . PHE A 1 177 ? 4.480   11.215  -7.523  1.00 55.91  ? 177 PHE A CA  1 
ATOM   1381 C  C   . PHE A 1 177 ? 4.598   12.661  -7.091  1.00 51.35  ? 177 PHE A C   1 
ATOM   1382 O  O   . PHE A 1 177 ? 5.394   12.967  -6.203  1.00 49.24  ? 177 PHE A O   1 
ATOM   1383 C  CB  . PHE A 1 177 ? 3.831   10.377  -6.434  1.00 55.92  ? 177 PHE A CB  1 
ATOM   1384 C  CG  . PHE A 1 177 ? 3.723   8.931   -6.804  1.00 52.52  ? 177 PHE A CG  1 
ATOM   1385 C  CD1 . PHE A 1 177 ? 2.548   8.426   -7.334  1.00 53.59  ? 177 PHE A CD1 1 
ATOM   1386 C  CD2 . PHE A 1 177 ? 4.801   8.084   -6.635  1.00 57.25  ? 177 PHE A CD2 1 
ATOM   1387 C  CE1 . PHE A 1 177 ? 2.453   7.093   -7.700  1.00 51.92  ? 177 PHE A CE1 1 
ATOM   1388 C  CE2 . PHE A 1 177 ? 4.695   6.746   -6.972  1.00 55.83  ? 177 PHE A CE2 1 
ATOM   1389 C  CZ  . PHE A 1 177 ? 3.521   6.253   -7.501  1.00 55.04  ? 177 PHE A CZ  1 
ATOM   1390 N  N   . SER A 1 178 ? 3.902   13.518  -7.811  1.00 51.79  ? 178 SER A N   1 
ATOM   1391 C  CA  . SER A 1 178 ? 3.770   14.946  -7.492  1.00 59.76  ? 178 SER A CA  1 
ATOM   1392 C  C   . SER A 1 178 ? 2.561   15.088  -6.559  1.00 60.95  ? 178 SER A C   1 
ATOM   1393 O  O   . SER A 1 178 ? 1.454   14.559  -6.905  1.00 56.09  ? 178 SER A O   1 
ATOM   1394 C  CB  . SER A 1 178 ? 3.640   15.740  -8.744  1.00 64.59  ? 178 SER A CB  1 
ATOM   1395 O  OG  . SER A 1 178 ? 3.579   17.111  -8.417  1.00 76.44  ? 178 SER A OG  1 
ATOM   1396 N  N   . ILE A 1 179 ? 2.772   15.705  -5.396  1.00 57.33  ? 179 ILE A N   1 
ATOM   1397 C  CA  . ILE A 1 179 ? 1.801   15.632  -4.263  1.00 63.39  ? 179 ILE A CA  1 
ATOM   1398 C  C   . ILE A 1 179 ? 1.479   17.044  -3.779  1.00 60.22  ? 179 ILE A C   1 
ATOM   1399 O  O   . ILE A 1 179 ? 2.424   17.774  -3.438  1.00 73.06  ? 179 ILE A O   1 
ATOM   1400 C  CB  . ILE A 1 179 ? 2.363   14.748  -3.139  1.00 59.91  ? 179 ILE A CB  1 
ATOM   1401 C  CG1 . ILE A 1 179 ? 2.658   13.340  -3.650  1.00 62.19  ? 179 ILE A CG1 1 
ATOM   1402 C  CG2 . ILE A 1 179 ? 1.433   14.713  -1.937  1.00 60.34  ? 179 ILE A CG2 1 
ATOM   1403 C  CD1 . ILE A 1 179 ? 3.145   12.389  -2.569  1.00 65.88  ? 179 ILE A CD1 1 
ATOM   1404 N  N   . LYS A 1 180 ? 0.192   17.397  -3.772  1.00 60.22  ? 180 LYS A N   1 
ATOM   1405 C  CA  . LYS A 1 180 ? -0.327  18.691  -3.242  1.00 72.30  ? 180 LYS A CA  1 
ATOM   1406 C  C   . LYS A 1 180 ? -1.194  18.342  -2.032  1.00 69.79  ? 180 LYS A C   1 
ATOM   1407 O  O   . LYS A 1 180 ? -2.062  17.442  -2.145  1.00 67.44  ? 180 LYS A O   1 
ATOM   1408 C  CB  . LYS A 1 180 ? -1.121  19.483  -4.289  1.00 79.64  ? 180 LYS A CB  1 
ATOM   1409 C  CG  . LYS A 1 180 ? -0.363  19.896  -5.551  1.00 102.10 ? 180 LYS A CG  1 
ATOM   1410 C  CD  . LYS A 1 180 ? 0.007   18.745  -6.524  1.00 130.57 ? 180 LYS A CD  1 
ATOM   1411 C  CE  . LYS A 1 180 ? -1.162  18.069  -7.229  1.00 136.32 ? 180 LYS A CE  1 
ATOM   1412 N  NZ  . LYS A 1 180 ? -0.874  16.670  -7.657  1.00 116.09 ? 180 LYS A NZ  1 
ATOM   1413 N  N   . TYR A 1 181 ? -0.920  18.965  -0.894  1.00 64.05  ? 181 TYR A N   1 
ATOM   1414 C  CA  . TYR A 1 181 ? -1.531  18.575  0.396   1.00 68.14  ? 181 TYR A CA  1 
ATOM   1415 C  C   . TYR A 1 181 ? -1.885  19.852  1.151   1.00 71.63  ? 181 TYR A C   1 
ATOM   1416 O  O   . TYR A 1 181 ? -0.992  20.690  1.357   1.00 69.72  ? 181 TYR A O   1 
ATOM   1417 C  CB  . TYR A 1 181 ? -0.611  17.611  1.152   1.00 69.53  ? 181 TYR A CB  1 
ATOM   1418 C  CG  . TYR A 1 181 ? 0.688   18.175  1.679   1.00 67.92  ? 181 TYR A CG  1 
ATOM   1419 C  CD1 . TYR A 1 181 ? 1.864   18.127  0.947   1.00 66.48  ? 181 TYR A CD1 1 
ATOM   1420 C  CD2 . TYR A 1 181 ? 0.754   18.703  2.957   1.00 72.44  ? 181 TYR A CD2 1 
ATOM   1421 C  CE1 . TYR A 1 181 ? 3.050   18.634  1.450   1.00 67.63  ? 181 TYR A CE1 1 
ATOM   1422 C  CE2 . TYR A 1 181 ? 1.935   19.211  3.478   1.00 72.56  ? 181 TYR A CE2 1 
ATOM   1423 C  CZ  . TYR A 1 181 ? 3.093   19.172  2.726   1.00 69.45  ? 181 TYR A CZ  1 
ATOM   1424 O  OH  . TYR A 1 181 ? 4.248   19.656  3.285   1.00 67.59  ? 181 TYR A OH  1 
ATOM   1425 N  N   . GLU A 1 182 ? -3.161  20.010  1.501   1.00 84.93  ? 182 GLU A N   1 
ATOM   1426 C  CA  . GLU A 1 182 ? -3.680  21.203  2.219   1.00 95.17  ? 182 GLU A CA  1 
ATOM   1427 C  C   . GLU A 1 182 ? -4.667  20.740  3.298   1.00 84.11  ? 182 GLU A C   1 
ATOM   1428 O  O   . GLU A 1 182 ? -5.423  19.789  3.026   1.00 77.86  ? 182 GLU A O   1 
ATOM   1429 C  CB  . GLU A 1 182 ? -4.306  22.173  1.212   1.00 110.09 ? 182 GLU A CB  1 
ATOM   1430 C  CG  . GLU A 1 182 ? -4.734  23.497  1.831   1.00 128.86 ? 182 GLU A CG  1 
ATOM   1431 C  CD  . GLU A 1 182 ? -4.784  24.665  0.857   1.00 135.90 ? 182 GLU A CD  1 
ATOM   1432 O  OE1 . GLU A 1 182 ? -3.704  25.103  0.416   1.00 129.94 ? 182 GLU A OE1 1 
ATOM   1433 O  OE2 . GLU A 1 182 ? -5.901  25.127  0.532   1.00 145.25 ? 182 GLU A OE2 1 
ATOM   1434 N  N   . GLY A 1 183 ? -4.658  21.408  4.458   1.00 88.31  ? 183 GLY A N   1 
ATOM   1435 C  CA  . GLY A 1 183 ? -5.511  21.091  5.623   1.00 85.46  ? 183 GLY A CA  1 
ATOM   1436 C  C   . GLY A 1 183 ? -6.763  21.956  5.685   1.00 82.61  ? 183 GLY A C   1 
ATOM   1437 O  O   . GLY A 1 183 ? -7.572  21.903  4.746   1.00 73.43  ? 183 GLY A O   1 
ATOM   1438 N  N   . ALA A 1 184 ? -6.915  22.720  6.772   1.00 88.45  ? 184 ALA A N   1 
ATOM   1439 C  CA  . ALA A 1 184 ? -8.142  23.460  7.159   1.00 77.87  ? 184 ALA A CA  1 
ATOM   1440 C  C   . ALA A 1 184 ? -8.539  24.468  6.069   1.00 67.48  ? 184 ALA A C   1 
ATOM   1441 O  O   . ALA A 1 184 ? -9.748  24.633  5.843   1.00 75.89  ? 184 ALA A O   1 
ATOM   1442 C  CB  . ALA A 1 184 ? -7.907  24.142  8.482   1.00 79.39  ? 184 ALA A CB  1 
ATOM   1443 N  N   . GLU A 1 185 ? -7.560  25.092  5.414   1.00 54.96  ? 185 GLU A N   1 
ATOM   1444 C  CA  . GLU A 1 185 ? -7.775  26.132  4.378   1.00 64.81  ? 185 GLU A CA  1 
ATOM   1445 C  C   . GLU A 1 185 ? -8.646  25.622  3.221   1.00 69.01  ? 185 GLU A C   1 
ATOM   1446 O  O   . GLU A 1 185 ? -9.345  26.434  2.592   1.00 66.37  ? 185 GLU A O   1 
ATOM   1447 C  CB  . GLU A 1 185 ? -6.424  26.584  3.841   1.00 74.02  ? 185 GLU A CB  1 
ATOM   1448 C  CG  . GLU A 1 185 ? -5.606  27.346  4.861   1.00 81.52  ? 185 GLU A CG  1 
ATOM   1449 C  CD  . GLU A 1 185 ? -4.268  27.856  4.344   1.00 85.16  ? 185 GLU A CD  1 
ATOM   1450 O  OE1 . GLU A 1 185 ? -4.258  28.677  3.351   1.00 61.79  ? 185 GLU A OE1 1 
ATOM   1451 O  OE2 . GLU A 1 185 ? -3.238  27.435  4.943   1.00 88.17  ? 185 GLU A OE2 1 
ATOM   1452 N  N   . ASN A 1 186 ? -8.575  24.336  2.894   1.00 71.38  ? 186 ASN A N   1 
ATOM   1453 C  CA  . ASN A 1 186 ? -9.464  23.742  1.863   1.00 85.06  ? 186 ASN A CA  1 
ATOM   1454 C  C   . ASN A 1 186 ? -10.911 23.967  2.302   1.00 76.91  ? 186 ASN A C   1 
ATOM   1455 O  O   . ASN A 1 186 ? -11.723 24.400  1.438   1.00 86.69  ? 186 ASN A O   1 
ATOM   1456 C  CB  . ASN A 1 186 ? -9.168  22.257  1.597   1.00 95.07  ? 186 ASN A CB  1 
ATOM   1457 C  CG  . ASN A 1 186 ? -8.020  22.068  0.626   1.00 110.73 ? 186 ASN A CG  1 
ATOM   1458 O  OD1 . ASN A 1 186 ? -7.728  22.949  -0.189  1.00 107.22 ? 186 ASN A OD1 1 
ATOM   1459 N  ND2 . ASN A 1 186 ? -7.348  20.932  0.715   1.00 124.36 ? 186 ASN A ND2 1 
ATOM   1460 N  N   . LEU A 1 187 ? -11.194 23.732  3.592   1.00 69.50  ? 187 LEU A N   1 
ATOM   1461 C  CA  . LEU A 1 187 ? -12.562 23.769  4.166   1.00 66.60  ? 187 LEU A CA  1 
ATOM   1462 C  C   . LEU A 1 187 ? -13.046 25.219  4.213   1.00 62.00  ? 187 LEU A C   1 
ATOM   1463 O  O   . LEU A 1 187 ? -14.046 25.527  3.552   1.00 58.16  ? 187 LEU A O   1 
ATOM   1464 C  CB  . LEU A 1 187 ? -12.559 23.169  5.570   1.00 71.72  ? 187 LEU A CB  1 
ATOM   1465 C  CG  . LEU A 1 187 ? -12.103 21.715  5.676   1.00 87.50  ? 187 LEU A CG  1 
ATOM   1466 C  CD1 . LEU A 1 187 ? -11.999 21.295  7.137   1.00 98.68  ? 187 LEU A CD1 1 
ATOM   1467 C  CD2 . LEU A 1 187 ? -13.045 20.789  4.919   1.00 81.47  ? 187 LEU A CD2 1 
ATOM   1468 N  N   . TYR A 1 188 ? -12.352 26.074  4.963   1.00 59.49  ? 188 TYR A N   1 
ATOM   1469 C  CA  . TYR A 1 188 ? -12.902 27.366  5.445   1.00 56.24  ? 188 TYR A CA  1 
ATOM   1470 C  C   . TYR A 1 188 ? -12.933 28.388  4.310   1.00 49.62  ? 188 TYR A C   1 
ATOM   1471 O  O   . TYR A 1 188 ? -13.761 29.282  4.374   1.00 53.85  ? 188 TYR A O   1 
ATOM   1472 C  CB  . TYR A 1 188 ? -12.121 27.857  6.655   1.00 54.24  ? 188 TYR A CB  1 
ATOM   1473 C  CG  . TYR A 1 188 ? -12.271 26.957  7.848   1.00 56.17  ? 188 TYR A CG  1 
ATOM   1474 C  CD1 . TYR A 1 188 ? -13.505 26.749  8.439   1.00 54.87  ? 188 TYR A CD1 1 
ATOM   1475 C  CD2 . TYR A 1 188 ? -11.173 26.336  8.403   1.00 57.47  ? 188 TYR A CD2 1 
ATOM   1476 C  CE1 . TYR A 1 188 ? -13.639 25.923  9.544   1.00 54.98  ? 188 TYR A CE1 1 
ATOM   1477 C  CE2 . TYR A 1 188 ? -11.279 25.541  9.527   1.00 57.39  ? 188 TYR A CE2 1 
ATOM   1478 C  CZ  . TYR A 1 188 ? -12.522 25.313  10.090  1.00 62.98  ? 188 TYR A CZ  1 
ATOM   1479 O  OH  . TYR A 1 188 ? -12.608 24.504  11.196  1.00 65.29  ? 188 TYR A OH  1 
ATOM   1480 N  N   . PHE A 1 189 ? -12.076 28.250  3.306   1.00 51.19  ? 189 PHE A N   1 
ATOM   1481 C  CA  . PHE A 1 189 ? -12.027 29.184  2.148   1.00 61.08  ? 189 PHE A CA  1 
ATOM   1482 C  C   . PHE A 1 189 ? -12.156 28.393  0.842   1.00 60.02  ? 189 PHE A C   1 
ATOM   1483 O  O   . PHE A 1 189 ? -12.573 29.077  -0.092  1.00 78.75  ? 189 PHE A O   1 
ATOM   1484 C  CB  . PHE A 1 189 ? -10.751 30.029  2.241   1.00 61.38  ? 189 PHE A CB  1 
ATOM   1485 C  CG  . PHE A 1 189 ? -10.485 30.549  3.634   1.00 62.08  ? 189 PHE A CG  1 
ATOM   1486 C  CD1 . PHE A 1 189 ? -9.689  29.846  4.520   1.00 60.04  ? 189 PHE A CD1 1 
ATOM   1487 C  CD2 . PHE A 1 189 ? -11.089 31.711  4.087   1.00 63.12  ? 189 PHE A CD2 1 
ATOM   1488 C  CE1 . PHE A 1 189 ? -9.483  30.303  5.813   1.00 59.51  ? 189 PHE A CE1 1 
ATOM   1489 C  CE2 . PHE A 1 189 ? -10.873 32.175  5.375   1.00 59.95  ? 189 PHE A CE2 1 
ATOM   1490 C  CZ  . PHE A 1 189 ? -10.078 31.465  6.241   1.00 58.62  ? 189 PHE A CZ  1 
HETATM 1491 C  CHA . HEM B 2 .   ? 5.206   -3.712  1.416   1.00 50.39  ? 500 HEM A CHA 1 
HETATM 1492 C  CHB . HEM B 2 .   ? 4.768   -3.948  6.206   1.00 49.31  ? 500 HEM A CHB 1 
HETATM 1493 C  CHC . HEM B 2 .   ? 3.525   0.734   6.289   1.00 53.66  ? 500 HEM A CHC 1 
HETATM 1494 C  CHD . HEM B 2 .   ? 4.384   1.065   1.580   1.00 47.72  ? 500 HEM A CHD 1 
HETATM 1495 C  C1A . HEM B 2 .   ? 5.151   -4.138  2.717   1.00 47.27  ? 500 HEM A C1A 1 
HETATM 1496 C  C2A . HEM B 2 .   ? 5.250   -5.510  3.055   1.00 44.96  ? 500 HEM A C2A 1 
HETATM 1497 C  C3A . HEM B 2 .   ? 5.111   -5.571  4.410   1.00 46.90  ? 500 HEM A C3A 1 
HETATM 1498 C  C4A . HEM B 2 .   ? 4.962   -4.246  4.887   1.00 47.87  ? 500 HEM A C4A 1 
HETATM 1499 C  CMA . HEM B 2 .   ? 5.119   -6.837  5.276   1.00 47.55  ? 500 HEM A CMA 1 
HETATM 1500 C  CAA . HEM B 2 .   ? 5.450   -6.721  2.115   1.00 49.39  ? 500 HEM A CAA 1 
HETATM 1501 C  CBA . HEM B 2 .   ? 6.936   -6.905  1.656   1.00 48.77  ? 500 HEM A CBA 1 
HETATM 1502 C  CGA . HEM B 2 .   ? 7.547   -8.285  1.785   1.00 46.30  ? 500 HEM A CGA 1 
HETATM 1503 O  O1A . HEM B 2 .   ? 6.965   -9.243  2.394   1.00 40.76  ? 500 HEM A O1A 1 
HETATM 1504 O  O2A . HEM B 2 .   ? 8.702   -8.461  1.284   1.00 48.19  ? 500 HEM A O2A 1 
HETATM 1505 C  C1B . HEM B 2 .   ? 4.347   -2.680  6.622   1.00 53.85  ? 500 HEM A C1B 1 
HETATM 1506 C  C2B . HEM B 2 .   ? 3.884   -2.443  7.942   1.00 52.16  ? 500 HEM A C2B 1 
HETATM 1507 C  C3B . HEM B 2 .   ? 3.541   -1.113  7.946   1.00 53.27  ? 500 HEM A C3B 1 
HETATM 1508 C  C4B . HEM B 2 .   ? 3.820   -0.586  6.619   1.00 48.53  ? 500 HEM A C4B 1 
HETATM 1509 C  CMB . HEM B 2 .   ? 3.833   -3.494  9.077   1.00 45.47  ? 500 HEM A CMB 1 
HETATM 1510 C  CAB . HEM B 2 .   ? 3.072   -0.197  9.023   1.00 57.45  ? 500 HEM A CAB 1 
HETATM 1511 C  CBB . HEM B 2 .   ? 3.200   -0.541  10.282  1.00 63.66  ? 500 HEM A CBB 1 
HETATM 1512 C  C1C . HEM B 2 .   ? 3.615   1.232   5.004   1.00 53.51  ? 500 HEM A C1C 1 
HETATM 1513 C  C2C . HEM B 2 .   ? 3.337   2.542   4.650   1.00 46.12  ? 500 HEM A C2C 1 
HETATM 1514 C  C3C . HEM B 2 .   ? 3.574   2.693   3.320   1.00 49.05  ? 500 HEM A C3C 1 
HETATM 1515 C  C4C . HEM B 2 .   ? 4.054   1.419   2.845   1.00 48.14  ? 500 HEM A C4C 1 
HETATM 1516 C  CMC . HEM B 2 .   ? 2.786   3.625   5.532   1.00 56.70  ? 500 HEM A CMC 1 
HETATM 1517 C  CAC . HEM B 2 .   ? 3.292   4.039   2.764   1.00 56.41  ? 500 HEM A CAC 1 
HETATM 1518 C  CBC . HEM B 2 .   ? 3.598   4.411   1.554   1.00 64.38  ? 500 HEM A CBC 1 
HETATM 1519 C  C1D . HEM B 2 .   ? 4.619   -0.273  1.185   1.00 45.90  ? 500 HEM A C1D 1 
HETATM 1520 C  C2D . HEM B 2 .   ? 4.686   -0.635  -0.247  1.00 45.92  ? 500 HEM A C2D 1 
HETATM 1521 C  C3D . HEM B 2 .   ? 4.919   -1.950  -0.318  1.00 49.85  ? 500 HEM A C3D 1 
HETATM 1522 C  C4D . HEM B 2 .   ? 4.985   -2.388  1.101   1.00 45.18  ? 500 HEM A C4D 1 
HETATM 1523 C  CMD . HEM B 2 .   ? 4.547   0.270   -1.427  1.00 40.34  ? 500 HEM A CMD 1 
HETATM 1524 C  CAD . HEM B 2 .   ? 5.040   -2.757  -1.624  1.00 51.04  ? 500 HEM A CAD 1 
HETATM 1525 C  CBD . HEM B 2 .   ? 6.365   -3.497  -1.853  1.00 48.20  ? 500 HEM A CBD 1 
HETATM 1526 C  CGD . HEM B 2 .   ? 7.303   -2.963  -2.927  1.00 51.62  ? 500 HEM A CGD 1 
HETATM 1527 O  O1D . HEM B 2 .   ? 7.198   -1.792  -3.413  1.00 51.71  ? 500 HEM A O1D 1 
HETATM 1528 O  O2D . HEM B 2 .   ? 8.241   -3.718  -3.322  1.00 45.26  ? 500 HEM A O2D 1 
HETATM 1529 N  NA  . HEM B 2 .   ? 4.989   -3.373  3.850   1.00 41.99  ? 500 HEM A NA  1 
HETATM 1530 N  NB  . HEM B 2 .   ? 4.262   -1.571  5.884   1.00 52.21  ? 500 HEM A NB  1 
HETATM 1531 N  NC  . HEM B 2 .   ? 4.068   0.536   3.914   1.00 49.89  ? 500 HEM A NC  1 
HETATM 1532 N  ND  . HEM B 2 .   ? 4.816   -1.373  1.948   1.00 45.66  ? 500 HEM A ND  1 
HETATM 1533 FE FE  . HEM B 2 .   ? 4.801   -1.428  3.865   1.00 48.04  ? 500 HEM A FE  1 
HETATM 1534 O  O   . HOH C 3 .   ? 1.907   10.535  15.420  1.00 25.36  ? 601 HOH A O   1 
HETATM 1535 O  O   . HOH C 3 .   ? 13.816  0.369   4.995   1.00 46.73  ? 602 HOH A O   1 
HETATM 1536 O  O   . HOH C 3 .   ? -16.311 -11.593 -13.743 1.00 45.35  ? 603 HOH A O   1 
HETATM 1537 O  O   . HOH C 3 .   ? 10.055  2.630   2.807   1.00 49.87  ? 604 HOH A O   1 
HETATM 1538 O  O   . HOH C 3 .   ? -6.823  -6.594  -14.060 1.00 41.51  ? 605 HOH A O   1 
HETATM 1539 O  O   . HOH C 3 .   ? -1.072  -9.012  15.264  1.00 59.18  ? 606 HOH A O   1 
HETATM 1540 O  O   . HOH C 3 .   ? -11.821 -7.384  -14.439 1.00 41.02  ? 607 HOH A O   1 
HETATM 1541 O  O   . HOH C 3 .   ? -5.374  -16.431 5.821   1.00 75.61  ? 608 HOH A O   1 
HETATM 1542 O  O   . HOH C 3 .   ? 3.029   -13.541 -1.365  1.00 53.28  ? 609 HOH A O   1 
HETATM 1543 O  O   . HOH C 3 .   ? 14.539  7.912   2.518   1.00 50.11  ? 610 HOH A O   1 
HETATM 1544 O  O   . HOH C 3 .   ? 6.673   -1.627  -7.829  1.00 49.44  ? 611 HOH A O   1 
HETATM 1545 O  O   . HOH C 3 .   ? -20.316 -11.419 -3.416  1.00 56.21  ? 612 HOH A O   1 
HETATM 1546 O  O   . HOH C 3 .   ? -4.346  9.205   -4.087  1.00 57.77  ? 613 HOH A O   1 
HETATM 1547 O  O   . HOH C 3 .   ? -14.238 -20.351 -13.818 1.00 66.54  ? 614 HOH A O   1 
HETATM 1548 O  O   . HOH C 3 .   ? -13.246 9.214   0.016   1.00 42.57  ? 615 HOH A O   1 
HETATM 1549 O  O   . HOH C 3 .   ? 3.012   -1.118  17.114  1.00 61.48  ? 616 HOH A O   1 
HETATM 1550 O  O   . HOH C 3 .   ? 13.388  -4.033  6.279   1.00 51.09  ? 617 HOH A O   1 
HETATM 1551 O  O   . HOH C 3 .   ? 10.064  -17.513 -5.385  1.00 53.22  ? 618 HOH A O   1 
HETATM 1552 O  O   . HOH C 3 .   ? -0.663  -15.104 12.250  1.00 57.17  ? 619 HOH A O   1 
HETATM 1553 O  O   . HOH C 3 .   ? -13.154 7.064   5.144   1.00 54.98  ? 620 HOH A O   1 
# 
loop_
_pdbx_poly_seq_scheme.asym_id 
_pdbx_poly_seq_scheme.entity_id 
_pdbx_poly_seq_scheme.seq_id 
_pdbx_poly_seq_scheme.mon_id 
_pdbx_poly_seq_scheme.ndb_seq_num 
_pdbx_poly_seq_scheme.pdb_seq_num 
_pdbx_poly_seq_scheme.auth_seq_num 
_pdbx_poly_seq_scheme.pdb_mon_id 
_pdbx_poly_seq_scheme.auth_mon_id 
_pdbx_poly_seq_scheme.pdb_strand_id 
_pdbx_poly_seq_scheme.pdb_ins_code 
_pdbx_poly_seq_scheme.hetero 
A 1 1   MET 1   1   1   MET MET A . n 
A 1 2   TYR 2   2   2   TYR TYR A . n 
A 1 3   GLY 3   3   3   GLY GLY A . n 
A 1 4   LEU 4   4   4   LEU LEU A . n 
A 1 5   VAL 5   5   5   VAL VAL A . n 
A 1 6   ASN 6   6   6   ASN ASN A . n 
A 1 7   LYS 7   7   7   LYS LYS A . n 
A 1 8   ALA 8   8   8   ALA ALA A . n 
A 1 9   ILE 9   9   9   ILE ILE A . n 
A 1 10  GLN 10  10  10  GLN GLN A . n 
A 1 11  ASP 11  11  11  ASP ASP A . n 
A 1 12  MET 12  12  12  MET MET A . n 
A 1 13  ILE 13  13  13  ILE ILE A . n 
A 1 14  SER 14  14  14  SER SER A . n 
A 1 15  LYS 15  15  15  LYS LYS A . n 
A 1 16  HIS 16  16  16  HIS HIS A . n 
A 1 17  HIS 17  17  17  HIS HIS A . n 
A 1 18  GLY 18  18  18  GLY GLY A . n 
A 1 19  GLU 19  19  19  GLU GLU A . n 
A 1 20  ASP 20  20  20  ASP ASP A . n 
A 1 21  THR 21  21  21  THR THR A . n 
A 1 22  TRP 22  22  22  TRP TRP A . n 
A 1 23  GLU 23  23  23  GLU GLU A . n 
A 1 24  ALA 24  24  24  ALA ALA A . n 
A 1 25  ILE 25  25  25  ILE ILE A . n 
A 1 26  LYS 26  26  26  LYS LYS A . n 
A 1 27  GLN 27  27  27  GLN GLN A . n 
A 1 28  LYS 28  28  28  LYS LYS A . n 
A 1 29  ALA 29  29  29  ALA ALA A . n 
A 1 30  GLY 30  30  30  GLY GLY A . n 
A 1 31  LEU 31  31  31  LEU LEU A . n 
A 1 32  GLU 32  32  32  GLU GLU A . n 
A 1 33  ASP 33  33  33  ASP ASP A . n 
A 1 34  ILE 34  34  34  ILE ILE A . n 
A 1 35  ASP 35  35  35  ASP ASP A . n 
A 1 36  PHE 36  36  36  PHE PHE A . n 
A 1 37  PHE 37  37  37  PHE PHE A . n 
A 1 38  VAL 38  38  38  VAL VAL A . n 
A 1 39  GLY 39  39  39  GLY GLY A . n 
A 1 40  MET 40  40  40  MET MET A . n 
A 1 41  GLU 41  41  41  GLU GLU A . n 
A 1 42  ALA 42  42  42  ALA ALA A . n 
A 1 43  TYR 43  43  43  TYR TYR A . n 
A 1 44  SER 44  44  44  SER SER A . n 
A 1 45  ASP 45  45  45  ASP ASP A . n 
A 1 46  ASP 46  46  46  ASP ASP A . n 
A 1 47  VAL 47  47  47  VAL VAL A . n 
A 1 48  THR 48  48  48  THR THR A . n 
A 1 49  TYR 49  49  49  TYR TYR A . n 
A 1 50  HIS 50  50  50  HIS HIS A . n 
A 1 51  LEU 51  51  51  LEU LEU A . n 
A 1 52  VAL 52  52  52  VAL VAL A . n 
A 1 53  GLY 53  53  53  GLY GLY A . n 
A 1 54  ALA 54  54  54  ALA ALA A . n 
A 1 55  ALA 55  55  55  ALA ALA A . n 
A 1 56  SER 56  56  56  SER SER A . n 
A 1 57  GLU 57  57  57  GLU GLU A . n 
A 1 58  VAL 58  58  58  VAL VAL A . n 
A 1 59  LEU 59  59  59  LEU LEU A . n 
A 1 60  GLY 60  60  60  GLY GLY A . n 
A 1 61  LYS 61  61  61  LYS LYS A . n 
A 1 62  PRO 62  62  62  PRO PRO A . n 
A 1 63  ALA 63  63  63  ALA ALA A . n 
A 1 64  GLU 64  64  64  GLU GLU A . n 
A 1 65  GLU 65  65  65  GLU GLU A . n 
A 1 66  LEU 66  66  66  LEU LEU A . n 
A 1 67  LEU 67  67  67  LEU LEU A . n 
A 1 68  ILE 68  68  68  ILE ILE A . n 
A 1 69  ALA 69  69  69  ALA ALA A . n 
A 1 70  PHE 70  70  70  PHE PHE A . n 
A 1 71  GLY 71  71  71  GLY GLY A . n 
A 1 72  GLU 72  72  72  GLU GLU A . n 
A 1 73  TYR 73  73  73  TYR TYR A . n 
A 1 74  TRP 74  74  74  TRP TRP A . n 
A 1 75  VAL 75  75  75  VAL VAL A . n 
A 1 76  THR 76  76  76  THR THR A . n 
A 1 77  TYR 77  77  77  TYR TYR A . n 
A 1 78  THR 78  78  78  THR THR A . n 
A 1 79  SER 79  79  79  SER SER A . n 
A 1 80  GLU 80  80  80  GLU GLU A . n 
A 1 81  GLU 81  81  81  GLU GLU A . n 
A 1 82  GLY 82  82  82  GLY GLY A . n 
A 1 83  TYR 83  83  83  TYR TYR A . n 
A 1 84  GLY 84  84  84  GLY GLY A . n 
A 1 85  GLU 85  85  85  GLU GLU A . n 
A 1 86  LEU 86  86  86  LEU LEU A . n 
A 1 87  LEU 87  87  87  LEU LEU A . n 
A 1 88  ALA 88  88  88  ALA ALA A . n 
A 1 89  SER 89  89  89  SER SER A . n 
A 1 90  ALA 90  90  90  ALA ALA A . n 
A 1 91  GLY 91  91  91  GLY GLY A . n 
A 1 92  ASP 92  92  92  ASP ASP A . n 
A 1 93  SER 93  93  93  SER SER A . n 
A 1 94  LEU 94  94  94  LEU LEU A . n 
A 1 95  PRO 95  95  95  PRO PRO A . n 
A 1 96  GLU 96  96  96  GLU GLU A . n 
A 1 97  PHE 97  97  97  PHE PHE A . n 
A 1 98  MET 98  98  98  MET MET A . n 
A 1 99  GLU 99  99  99  GLU GLU A . n 
A 1 100 ASN 100 100 100 ASN ASN A . n 
A 1 101 LEU 101 101 101 LEU LEU A . n 
A 1 102 ASP 102 102 102 ASP ASP A . n 
A 1 103 ASN 103 103 103 ASN ASN A . n 
A 1 104 LEU 104 104 104 LEU LEU A . n 
A 1 105 HIS 105 105 105 HIS HIS A . n 
A 1 106 ALA 106 106 106 ALA ALA A . n 
A 1 107 ARG 107 107 107 ARG ARG A . n 
A 1 108 VAL 108 108 108 VAL VAL A . n 
A 1 109 GLY 109 109 109 GLY GLY A . n 
A 1 110 LEU 110 110 110 LEU LEU A . n 
A 1 111 SER 111 111 111 SER SER A . n 
A 1 112 PHE 112 112 112 PHE PHE A . n 
A 1 113 PRO 113 113 113 PRO PRO A . n 
A 1 114 GLN 114 114 114 GLN GLN A . n 
A 1 115 LEU 115 115 115 LEU LEU A . n 
A 1 116 ARG 116 116 116 ARG ARG A . n 
A 1 117 PRO 117 117 117 PRO PRO A . n 
A 1 118 PRO 118 118 118 PRO PRO A . n 
A 1 119 ALA 119 119 119 ALA ALA A . n 
A 1 120 PHE 120 120 120 PHE PHE A . n 
A 1 121 GLU 121 121 121 GLU GLU A . n 
A 1 122 CYS 122 122 122 CYS CYS A . n 
A 1 123 GLN 123 123 123 GLN GLN A . n 
A 1 124 HIS 124 124 124 HIS HIS A . n 
A 1 125 THR 125 125 125 THR THR A . n 
A 1 126 SER 126 126 126 SER SER A . n 
A 1 127 SER 127 127 127 SER SER A . n 
A 1 128 LYS 128 128 128 LYS LYS A . n 
A 1 129 SER 129 129 129 SER SER A . n 
A 1 130 MET 130 130 130 MET MET A . n 
A 1 131 GLU 131 131 131 GLU GLU A . n 
A 1 132 LEU 132 132 132 LEU LEU A . n 
A 1 133 HIS 133 133 133 HIS HIS A . n 
A 1 134 TYR 134 134 134 TYR TYR A . n 
A 1 135 GLN 135 135 135 GLN GLN A . n 
A 1 136 SER 136 136 136 SER SER A . n 
A 1 137 THR 137 137 137 THR THR A . n 
A 1 138 ARG 138 138 138 ARG ARG A . n 
A 1 139 CYS 139 139 139 CYS CYS A . n 
A 1 140 GLY 140 140 140 GLY GLY A . n 
A 1 141 LEU 141 141 141 LEU LEU A . n 
A 1 142 ALA 142 142 142 ALA ALA A . n 
A 1 143 PRO 143 143 143 PRO PRO A . n 
A 1 144 MET 144 144 144 MET MET A . n 
A 1 145 VAL 145 145 145 VAL VAL A . n 
A 1 146 LEU 146 146 146 LEU LEU A . n 
A 1 147 GLY 147 147 147 GLY GLY A . n 
A 1 148 LEU 148 148 148 LEU LEU A . n 
A 1 149 LEU 149 149 149 LEU LEU A . n 
A 1 150 HIS 150 150 150 HIS HIS A . n 
A 1 151 GLY 151 151 151 GLY GLY A . n 
A 1 152 LEU 152 152 152 LEU LEU A . n 
A 1 153 GLY 153 153 153 GLY GLY A . n 
A 1 154 LYS 154 154 154 LYS LYS A . n 
A 1 155 ARG 155 155 155 ARG ARG A . n 
A 1 156 PHE 156 156 156 PHE PHE A . n 
A 1 157 GLN 157 157 157 GLN GLN A . n 
A 1 158 THR 158 158 158 THR THR A . n 
A 1 159 LYS 159 159 159 LYS LYS A . n 
A 1 160 VAL 160 160 160 VAL VAL A . n 
A 1 161 GLU 161 161 161 GLU GLU A . n 
A 1 162 VAL 162 162 162 VAL VAL A . n 
A 1 163 THR 163 163 163 THR THR A . n 
A 1 164 GLN 164 164 164 GLN GLN A . n 
A 1 165 THR 165 165 165 THR THR A . n 
A 1 166 ALA 166 166 166 ALA ALA A . n 
A 1 167 PHE 167 167 167 PHE PHE A . n 
A 1 168 ARG 168 168 168 ARG ARG A . n 
A 1 169 GLU 169 169 169 GLU GLU A . n 
A 1 170 THR 170 170 170 THR THR A . n 
A 1 171 GLY 171 171 171 GLY GLY A . n 
A 1 172 GLU 172 172 172 GLU GLU A . n 
A 1 173 ASP 173 173 173 ASP ASP A . n 
A 1 174 HIS 174 174 174 HIS HIS A . n 
A 1 175 ASP 175 175 175 ASP ASP A . n 
A 1 176 ILE 176 176 176 ILE ILE A . n 
A 1 177 PHE 177 177 177 PHE PHE A . n 
A 1 178 SER 178 178 178 SER SER A . n 
A 1 179 ILE 179 179 179 ILE ILE A . n 
A 1 180 LYS 180 180 180 LYS LYS A . n 
A 1 181 TYR 181 181 181 TYR TYR A . n 
A 1 182 GLU 182 182 182 GLU GLU A . n 
A 1 183 GLY 183 183 183 GLY GLY A . n 
A 1 184 ALA 184 184 184 ALA ALA A . n 
A 1 185 GLU 185 185 185 GLU GLU A . n 
A 1 186 ASN 186 186 186 ASN ASN A . n 
A 1 187 LEU 187 187 187 LEU LEU A . n 
A 1 188 TYR 188 188 188 TYR TYR A . n 
A 1 189 PHE 189 189 189 PHE PHE A . n 
A 1 190 GLN 190 190 ?   ?   ?   A . n 
# 
loop_
_pdbx_nonpoly_scheme.asym_id 
_pdbx_nonpoly_scheme.entity_id 
_pdbx_nonpoly_scheme.mon_id 
_pdbx_nonpoly_scheme.ndb_seq_num 
_pdbx_nonpoly_scheme.pdb_seq_num 
_pdbx_nonpoly_scheme.auth_seq_num 
_pdbx_nonpoly_scheme.pdb_mon_id 
_pdbx_nonpoly_scheme.auth_mon_id 
_pdbx_nonpoly_scheme.pdb_strand_id 
_pdbx_nonpoly_scheme.pdb_ins_code 
B 2 HEM 1  500 500 HEM HEM A . 
C 3 HOH 1  601 601 HOH HOH A . 
C 3 HOH 2  602 602 HOH HOH A . 
C 3 HOH 3  603 603 HOH HOH A . 
C 3 HOH 4  604 608 HOH HOH A . 
C 3 HOH 5  605 606 HOH HOH A . 
C 3 HOH 6  606 604 HOH HOH A . 
C 3 HOH 7  607 609 HOH HOH A . 
C 3 HOH 8  608 607 HOH HOH A . 
C 3 HOH 9  609 605 HOH HOH A . 
C 3 HOH 10 610 611 HOH HOH A . 
C 3 HOH 11 611 610 HOH HOH A . 
C 3 HOH 12 612 614 HOH HOH A . 
C 3 HOH 13 613 612 HOH HOH A . 
C 3 HOH 14 614 615 HOH HOH A . 
C 3 HOH 15 615 616 HOH HOH A . 
C 3 HOH 16 616 613 HOH HOH A . 
C 3 HOH 17 617 617 HOH HOH A . 
C 3 HOH 18 618 618 HOH HOH A . 
C 3 HOH 19 619 619 HOH HOH A . 
C 3 HOH 20 620 620 HOH HOH A . 
# 
_pdbx_struct_assembly.id                   1 
_pdbx_struct_assembly.details              author_and_software_defined_assembly 
_pdbx_struct_assembly.method_details       PISA 
_pdbx_struct_assembly.oligomeric_details   monomeric 
_pdbx_struct_assembly.oligomeric_count     1 
# 
_pdbx_struct_assembly_gen.assembly_id       1 
_pdbx_struct_assembly_gen.oper_expression   1 
_pdbx_struct_assembly_gen.asym_id_list      A,B,C 
# 
_pdbx_struct_oper_list.id                   1 
_pdbx_struct_oper_list.type                 'identity operation' 
_pdbx_struct_oper_list.name                 1_555 
_pdbx_struct_oper_list.symmetry_operation   x,y,z 
_pdbx_struct_oper_list.matrix[1][1]         1.0000000000 
_pdbx_struct_oper_list.matrix[1][2]         0.0000000000 
_pdbx_struct_oper_list.matrix[1][3]         0.0000000000 
_pdbx_struct_oper_list.vector[1]            0.0000000000 
_pdbx_struct_oper_list.matrix[2][1]         0.0000000000 
_pdbx_struct_oper_list.matrix[2][2]         1.0000000000 
_pdbx_struct_oper_list.matrix[2][3]         0.0000000000 
_pdbx_struct_oper_list.vector[2]            0.0000000000 
_pdbx_struct_oper_list.matrix[3][1]         0.0000000000 
_pdbx_struct_oper_list.matrix[3][2]         0.0000000000 
_pdbx_struct_oper_list.matrix[3][3]         1.0000000000 
_pdbx_struct_oper_list.vector[3]            0.0000000000 
# 
loop_
_pdbx_struct_conn_angle.id 
_pdbx_struct_conn_angle.ptnr1_label_atom_id 
_pdbx_struct_conn_angle.ptnr1_label_alt_id 
_pdbx_struct_conn_angle.ptnr1_label_asym_id 
_pdbx_struct_conn_angle.ptnr1_label_comp_id 
_pdbx_struct_conn_angle.ptnr1_label_seq_id 
_pdbx_struct_conn_angle.ptnr1_auth_atom_id 
_pdbx_struct_conn_angle.ptnr1_auth_asym_id 
_pdbx_struct_conn_angle.ptnr1_auth_comp_id 
_pdbx_struct_conn_angle.ptnr1_auth_seq_id 
_pdbx_struct_conn_angle.ptnr1_PDB_ins_code 
_pdbx_struct_conn_angle.ptnr1_symmetry 
_pdbx_struct_conn_angle.ptnr2_label_atom_id 
_pdbx_struct_conn_angle.ptnr2_label_alt_id 
_pdbx_struct_conn_angle.ptnr2_label_asym_id 
_pdbx_struct_conn_angle.ptnr2_label_comp_id 
_pdbx_struct_conn_angle.ptnr2_label_seq_id 
_pdbx_struct_conn_angle.ptnr2_auth_atom_id 
_pdbx_struct_conn_angle.ptnr2_auth_asym_id 
_pdbx_struct_conn_angle.ptnr2_auth_comp_id 
_pdbx_struct_conn_angle.ptnr2_auth_seq_id 
_pdbx_struct_conn_angle.ptnr2_PDB_ins_code 
_pdbx_struct_conn_angle.ptnr2_symmetry 
_pdbx_struct_conn_angle.ptnr3_label_atom_id 
_pdbx_struct_conn_angle.ptnr3_label_alt_id 
_pdbx_struct_conn_angle.ptnr3_label_asym_id 
_pdbx_struct_conn_angle.ptnr3_label_comp_id 
_pdbx_struct_conn_angle.ptnr3_label_seq_id 
_pdbx_struct_conn_angle.ptnr3_auth_atom_id 
_pdbx_struct_conn_angle.ptnr3_auth_asym_id 
_pdbx_struct_conn_angle.ptnr3_auth_comp_id 
_pdbx_struct_conn_angle.ptnr3_auth_seq_id 
_pdbx_struct_conn_angle.ptnr3_PDB_ins_code 
_pdbx_struct_conn_angle.ptnr3_symmetry 
_pdbx_struct_conn_angle.value 
_pdbx_struct_conn_angle.value_esd 
1  NE2 ? A HIS 105 ? A HIS 105 ? 1_555 FE ? B HEM . ? A HEM 500 ? 1_555 NA ? B HEM . ? A HEM 500 ? 1_555 109.0 ? 
2  NE2 ? A HIS 105 ? A HIS 105 ? 1_555 FE ? B HEM . ? A HEM 500 ? 1_555 NB ? B HEM . ? A HEM 500 ? 1_555 95.4  ? 
3  NA  ? B HEM .   ? A HEM 500 ? 1_555 FE ? B HEM . ? A HEM 500 ? 1_555 NB ? B HEM . ? A HEM 500 ? 1_555 87.9  ? 
4  NE2 ? A HIS 105 ? A HIS 105 ? 1_555 FE ? B HEM . ? A HEM 500 ? 1_555 NC ? B HEM . ? A HEM 500 ? 1_555 85.6  ? 
5  NA  ? B HEM .   ? A HEM 500 ? 1_555 FE ? B HEM . ? A HEM 500 ? 1_555 NC ? B HEM . ? A HEM 500 ? 1_555 165.0 ? 
6  NB  ? B HEM .   ? A HEM 500 ? 1_555 FE ? B HEM . ? A HEM 500 ? 1_555 NC ? B HEM . ? A HEM 500 ? 1_555 87.2  ? 
7  NE2 ? A HIS 105 ? A HIS 105 ? 1_555 FE ? B HEM . ? A HEM 500 ? 1_555 ND ? B HEM . ? A HEM 500 ? 1_555 98.7  ? 
8  NA  ? B HEM .   ? A HEM 500 ? 1_555 FE ? B HEM . ? A HEM 500 ? 1_555 ND ? B HEM . ? A HEM 500 ? 1_555 91.2  ? 
9  NB  ? B HEM .   ? A HEM 500 ? 1_555 FE ? B HEM . ? A HEM 500 ? 1_555 ND ? B HEM . ? A HEM 500 ? 1_555 165.4 ? 
10 NC  ? B HEM .   ? A HEM 500 ? 1_555 FE ? B HEM . ? A HEM 500 ? 1_555 ND ? B HEM . ? A HEM 500 ? 1_555 90.0  ? 
# 
loop_
_pdbx_audit_revision_history.ordinal 
_pdbx_audit_revision_history.data_content_type 
_pdbx_audit_revision_history.major_revision 
_pdbx_audit_revision_history.minor_revision 
_pdbx_audit_revision_history.revision_date 
1 'Structure model' 1 0 2018-11-07 
2 'Structure model' 1 1 2019-12-18 
3 'Structure model' 1 2 2023-10-11 
# 
_pdbx_audit_revision_details.ordinal             1 
_pdbx_audit_revision_details.revision_ordinal    1 
_pdbx_audit_revision_details.data_content_type   'Structure model' 
_pdbx_audit_revision_details.provider            repository 
_pdbx_audit_revision_details.type                'Initial release' 
_pdbx_audit_revision_details.description         ? 
_pdbx_audit_revision_details.details             ? 
# 
loop_
_pdbx_audit_revision_group.ordinal 
_pdbx_audit_revision_group.revision_ordinal 
_pdbx_audit_revision_group.data_content_type 
_pdbx_audit_revision_group.group 
1 2 'Structure model' 'Author supporting evidence' 
2 3 'Structure model' 'Data collection'            
3 3 'Structure model' 'Database references'        
4 3 'Structure model' 'Refinement description'     
# 
loop_
_pdbx_audit_revision_category.ordinal 
_pdbx_audit_revision_category.revision_ordinal 
_pdbx_audit_revision_category.data_content_type 
_pdbx_audit_revision_category.category 
1 2 'Structure model' pdbx_audit_support            
2 3 'Structure model' chem_comp_atom                
3 3 'Structure model' chem_comp_bond                
4 3 'Structure model' database_2                    
5 3 'Structure model' pdbx_initial_refinement_model 
# 
loop_
_pdbx_audit_revision_item.ordinal 
_pdbx_audit_revision_item.revision_ordinal 
_pdbx_audit_revision_item.data_content_type 
_pdbx_audit_revision_item.item 
1 2 'Structure model' '_pdbx_audit_support.funding_organization' 
2 3 'Structure model' '_database_2.pdbx_DOI'                     
3 3 'Structure model' '_database_2.pdbx_database_accession'      
# 
loop_
_software.citation_id 
_software.classification 
_software.compiler_name 
_software.compiler_version 
_software.contact_author 
_software.contact_author_email 
_software.date 
_software.description 
_software.dependencies 
_software.hardware 
_software.language 
_software.location 
_software.mods 
_software.name 
_software.os 
_software.os_version 
_software.type 
_software.version 
_software.pdbx_ordinal 
? refinement       ? ? ? ? ? ? ? ? ? ? ? REFMAC ? ? ? 5.8.00049 1 
? 'data reduction' ? ? ? ? ? ? ? ? ? ? ? XDS    ? ? ? .         2 
? 'data scaling'   ? ? ? ? ? ? ? ? ? ? ? XDS    ? ? ? .         3 
? phasing          ? ? ? ? ? ? ? ? ? ? ? MOLREP ? ? ? .         4 
# 
loop_
_pdbx_validate_torsion.id 
_pdbx_validate_torsion.PDB_model_num 
_pdbx_validate_torsion.auth_comp_id 
_pdbx_validate_torsion.auth_asym_id 
_pdbx_validate_torsion.auth_seq_id 
_pdbx_validate_torsion.PDB_ins_code 
_pdbx_validate_torsion.label_alt_id 
_pdbx_validate_torsion.phi 
_pdbx_validate_torsion.psi 
1 1 ILE A 34  ? ? -54.23  105.28  
2 1 ARG A 116 ? ? -116.37 75.40   
3 1 SER A 126 ? ? 174.55  -172.47 
4 1 ASP A 173 ? ? -42.14  -73.14  
# 
_pdbx_unobs_or_zero_occ_residues.id               1 
_pdbx_unobs_or_zero_occ_residues.PDB_model_num    1 
_pdbx_unobs_or_zero_occ_residues.polymer_flag     Y 
_pdbx_unobs_or_zero_occ_residues.occupancy_flag   1 
_pdbx_unobs_or_zero_occ_residues.auth_asym_id     A 
_pdbx_unobs_or_zero_occ_residues.auth_comp_id     GLN 
_pdbx_unobs_or_zero_occ_residues.auth_seq_id      190 
_pdbx_unobs_or_zero_occ_residues.PDB_ins_code     ? 
_pdbx_unobs_or_zero_occ_residues.label_asym_id    A 
_pdbx_unobs_or_zero_occ_residues.label_comp_id    GLN 
_pdbx_unobs_or_zero_occ_residues.label_seq_id     190 
# 
loop_
_chem_comp_atom.comp_id 
_chem_comp_atom.atom_id 
_chem_comp_atom.type_symbol 
_chem_comp_atom.pdbx_aromatic_flag 
_chem_comp_atom.pdbx_stereo_config 
_chem_comp_atom.pdbx_ordinal 
ALA N    N  N N 1   
ALA CA   C  N S 2   
ALA C    C  N N 3   
ALA O    O  N N 4   
ALA CB   C  N N 5   
ALA OXT  O  N N 6   
ALA H    H  N N 7   
ALA H2   H  N N 8   
ALA HA   H  N N 9   
ALA HB1  H  N N 10  
ALA HB2  H  N N 11  
ALA HB3  H  N N 12  
ALA HXT  H  N N 13  
ARG N    N  N N 14  
ARG CA   C  N S 15  
ARG C    C  N N 16  
ARG O    O  N N 17  
ARG CB   C  N N 18  
ARG CG   C  N N 19  
ARG CD   C  N N 20  
ARG NE   N  N N 21  
ARG CZ   C  N N 22  
ARG NH1  N  N N 23  
ARG NH2  N  N N 24  
ARG OXT  O  N N 25  
ARG H    H  N N 26  
ARG H2   H  N N 27  
ARG HA   H  N N 28  
ARG HB2  H  N N 29  
ARG HB3  H  N N 30  
ARG HG2  H  N N 31  
ARG HG3  H  N N 32  
ARG HD2  H  N N 33  
ARG HD3  H  N N 34  
ARG HE   H  N N 35  
ARG HH11 H  N N 36  
ARG HH12 H  N N 37  
ARG HH21 H  N N 38  
ARG HH22 H  N N 39  
ARG HXT  H  N N 40  
ASN N    N  N N 41  
ASN CA   C  N S 42  
ASN C    C  N N 43  
ASN O    O  N N 44  
ASN CB   C  N N 45  
ASN CG   C  N N 46  
ASN OD1  O  N N 47  
ASN ND2  N  N N 48  
ASN OXT  O  N N 49  
ASN H    H  N N 50  
ASN H2   H  N N 51  
ASN HA   H  N N 52  
ASN HB2  H  N N 53  
ASN HB3  H  N N 54  
ASN HD21 H  N N 55  
ASN HD22 H  N N 56  
ASN HXT  H  N N 57  
ASP N    N  N N 58  
ASP CA   C  N S 59  
ASP C    C  N N 60  
ASP O    O  N N 61  
ASP CB   C  N N 62  
ASP CG   C  N N 63  
ASP OD1  O  N N 64  
ASP OD2  O  N N 65  
ASP OXT  O  N N 66  
ASP H    H  N N 67  
ASP H2   H  N N 68  
ASP HA   H  N N 69  
ASP HB2  H  N N 70  
ASP HB3  H  N N 71  
ASP HD2  H  N N 72  
ASP HXT  H  N N 73  
CYS N    N  N N 74  
CYS CA   C  N R 75  
CYS C    C  N N 76  
CYS O    O  N N 77  
CYS CB   C  N N 78  
CYS SG   S  N N 79  
CYS OXT  O  N N 80  
CYS H    H  N N 81  
CYS H2   H  N N 82  
CYS HA   H  N N 83  
CYS HB2  H  N N 84  
CYS HB3  H  N N 85  
CYS HG   H  N N 86  
CYS HXT  H  N N 87  
GLN N    N  N N 88  
GLN CA   C  N S 89  
GLN C    C  N N 90  
GLN O    O  N N 91  
GLN CB   C  N N 92  
GLN CG   C  N N 93  
GLN CD   C  N N 94  
GLN OE1  O  N N 95  
GLN NE2  N  N N 96  
GLN OXT  O  N N 97  
GLN H    H  N N 98  
GLN H2   H  N N 99  
GLN HA   H  N N 100 
GLN HB2  H  N N 101 
GLN HB3  H  N N 102 
GLN HG2  H  N N 103 
GLN HG3  H  N N 104 
GLN HE21 H  N N 105 
GLN HE22 H  N N 106 
GLN HXT  H  N N 107 
GLU N    N  N N 108 
GLU CA   C  N S 109 
GLU C    C  N N 110 
GLU O    O  N N 111 
GLU CB   C  N N 112 
GLU CG   C  N N 113 
GLU CD   C  N N 114 
GLU OE1  O  N N 115 
GLU OE2  O  N N 116 
GLU OXT  O  N N 117 
GLU H    H  N N 118 
GLU H2   H  N N 119 
GLU HA   H  N N 120 
GLU HB2  H  N N 121 
GLU HB3  H  N N 122 
GLU HG2  H  N N 123 
GLU HG3  H  N N 124 
GLU HE2  H  N N 125 
GLU HXT  H  N N 126 
GLY N    N  N N 127 
GLY CA   C  N N 128 
GLY C    C  N N 129 
GLY O    O  N N 130 
GLY OXT  O  N N 131 
GLY H    H  N N 132 
GLY H2   H  N N 133 
GLY HA2  H  N N 134 
GLY HA3  H  N N 135 
GLY HXT  H  N N 136 
HEM CHA  C  N N 137 
HEM CHB  C  N N 138 
HEM CHC  C  N N 139 
HEM CHD  C  N N 140 
HEM C1A  C  Y N 141 
HEM C2A  C  Y N 142 
HEM C3A  C  Y N 143 
HEM C4A  C  Y N 144 
HEM CMA  C  N N 145 
HEM CAA  C  N N 146 
HEM CBA  C  N N 147 
HEM CGA  C  N N 148 
HEM O1A  O  N N 149 
HEM O2A  O  N N 150 
HEM C1B  C  N N 151 
HEM C2B  C  N N 152 
HEM C3B  C  N N 153 
HEM C4B  C  N N 154 
HEM CMB  C  N N 155 
HEM CAB  C  N N 156 
HEM CBB  C  N N 157 
HEM C1C  C  Y N 158 
HEM C2C  C  Y N 159 
HEM C3C  C  Y N 160 
HEM C4C  C  Y N 161 
HEM CMC  C  N N 162 
HEM CAC  C  N N 163 
HEM CBC  C  N N 164 
HEM C1D  C  N N 165 
HEM C2D  C  N N 166 
HEM C3D  C  N N 167 
HEM C4D  C  N N 168 
HEM CMD  C  N N 169 
HEM CAD  C  N N 170 
HEM CBD  C  N N 171 
HEM CGD  C  N N 172 
HEM O1D  O  N N 173 
HEM O2D  O  N N 174 
HEM NA   N  Y N 175 
HEM NB   N  N N 176 
HEM NC   N  Y N 177 
HEM ND   N  N N 178 
HEM FE   FE N N 179 
HEM HHB  H  N N 180 
HEM HHC  H  N N 181 
HEM HHD  H  N N 182 
HEM HMA  H  N N 183 
HEM HMAA H  N N 184 
HEM HMAB H  N N 185 
HEM HAA  H  N N 186 
HEM HAAA H  N N 187 
HEM HBA  H  N N 188 
HEM HBAA H  N N 189 
HEM HMB  H  N N 190 
HEM HMBA H  N N 191 
HEM HMBB H  N N 192 
HEM HAB  H  N N 193 
HEM HBB  H  N N 194 
HEM HBBA H  N N 195 
HEM HMC  H  N N 196 
HEM HMCA H  N N 197 
HEM HMCB H  N N 198 
HEM HAC  H  N N 199 
HEM HBC  H  N N 200 
HEM HBCA H  N N 201 
HEM HMD  H  N N 202 
HEM HMDA H  N N 203 
HEM HMDB H  N N 204 
HEM HAD  H  N N 205 
HEM HADA H  N N 206 
HEM HBD  H  N N 207 
HEM HBDA H  N N 208 
HEM H2A  H  N N 209 
HEM H2D  H  N N 210 
HEM HHA  H  N N 211 
HIS N    N  N N 212 
HIS CA   C  N S 213 
HIS C    C  N N 214 
HIS O    O  N N 215 
HIS CB   C  N N 216 
HIS CG   C  Y N 217 
HIS ND1  N  Y N 218 
HIS CD2  C  Y N 219 
HIS CE1  C  Y N 220 
HIS NE2  N  Y N 221 
HIS OXT  O  N N 222 
HIS H    H  N N 223 
HIS H2   H  N N 224 
HIS HA   H  N N 225 
HIS HB2  H  N N 226 
HIS HB3  H  N N 227 
HIS HD1  H  N N 228 
HIS HD2  H  N N 229 
HIS HE1  H  N N 230 
HIS HE2  H  N N 231 
HIS HXT  H  N N 232 
HOH O    O  N N 233 
HOH H1   H  N N 234 
HOH H2   H  N N 235 
ILE N    N  N N 236 
ILE CA   C  N S 237 
ILE C    C  N N 238 
ILE O    O  N N 239 
ILE CB   C  N S 240 
ILE CG1  C  N N 241 
ILE CG2  C  N N 242 
ILE CD1  C  N N 243 
ILE OXT  O  N N 244 
ILE H    H  N N 245 
ILE H2   H  N N 246 
ILE HA   H  N N 247 
ILE HB   H  N N 248 
ILE HG12 H  N N 249 
ILE HG13 H  N N 250 
ILE HG21 H  N N 251 
ILE HG22 H  N N 252 
ILE HG23 H  N N 253 
ILE HD11 H  N N 254 
ILE HD12 H  N N 255 
ILE HD13 H  N N 256 
ILE HXT  H  N N 257 
LEU N    N  N N 258 
LEU CA   C  N S 259 
LEU C    C  N N 260 
LEU O    O  N N 261 
LEU CB   C  N N 262 
LEU CG   C  N N 263 
LEU CD1  C  N N 264 
LEU CD2  C  N N 265 
LEU OXT  O  N N 266 
LEU H    H  N N 267 
LEU H2   H  N N 268 
LEU HA   H  N N 269 
LEU HB2  H  N N 270 
LEU HB3  H  N N 271 
LEU HG   H  N N 272 
LEU HD11 H  N N 273 
LEU HD12 H  N N 274 
LEU HD13 H  N N 275 
LEU HD21 H  N N 276 
LEU HD22 H  N N 277 
LEU HD23 H  N N 278 
LEU HXT  H  N N 279 
LYS N    N  N N 280 
LYS CA   C  N S 281 
LYS C    C  N N 282 
LYS O    O  N N 283 
LYS CB   C  N N 284 
LYS CG   C  N N 285 
LYS CD   C  N N 286 
LYS CE   C  N N 287 
LYS NZ   N  N N 288 
LYS OXT  O  N N 289 
LYS H    H  N N 290 
LYS H2   H  N N 291 
LYS HA   H  N N 292 
LYS HB2  H  N N 293 
LYS HB3  H  N N 294 
LYS HG2  H  N N 295 
LYS HG3  H  N N 296 
LYS HD2  H  N N 297 
LYS HD3  H  N N 298 
LYS HE2  H  N N 299 
LYS HE3  H  N N 300 
LYS HZ1  H  N N 301 
LYS HZ2  H  N N 302 
LYS HZ3  H  N N 303 
LYS HXT  H  N N 304 
MET N    N  N N 305 
MET CA   C  N S 306 
MET C    C  N N 307 
MET O    O  N N 308 
MET CB   C  N N 309 
MET CG   C  N N 310 
MET SD   S  N N 311 
MET CE   C  N N 312 
MET OXT  O  N N 313 
MET H    H  N N 314 
MET H2   H  N N 315 
MET HA   H  N N 316 
MET HB2  H  N N 317 
MET HB3  H  N N 318 
MET HG2  H  N N 319 
MET HG3  H  N N 320 
MET HE1  H  N N 321 
MET HE2  H  N N 322 
MET HE3  H  N N 323 
MET HXT  H  N N 324 
PHE N    N  N N 325 
PHE CA   C  N S 326 
PHE C    C  N N 327 
PHE O    O  N N 328 
PHE CB   C  N N 329 
PHE CG   C  Y N 330 
PHE CD1  C  Y N 331 
PHE CD2  C  Y N 332 
PHE CE1  C  Y N 333 
PHE CE2  C  Y N 334 
PHE CZ   C  Y N 335 
PHE OXT  O  N N 336 
PHE H    H  N N 337 
PHE H2   H  N N 338 
PHE HA   H  N N 339 
PHE HB2  H  N N 340 
PHE HB3  H  N N 341 
PHE HD1  H  N N 342 
PHE HD2  H  N N 343 
PHE HE1  H  N N 344 
PHE HE2  H  N N 345 
PHE HZ   H  N N 346 
PHE HXT  H  N N 347 
PRO N    N  N N 348 
PRO CA   C  N S 349 
PRO C    C  N N 350 
PRO O    O  N N 351 
PRO CB   C  N N 352 
PRO CG   C  N N 353 
PRO CD   C  N N 354 
PRO OXT  O  N N 355 
PRO H    H  N N 356 
PRO HA   H  N N 357 
PRO HB2  H  N N 358 
PRO HB3  H  N N 359 
PRO HG2  H  N N 360 
PRO HG3  H  N N 361 
PRO HD2  H  N N 362 
PRO HD3  H  N N 363 
PRO HXT  H  N N 364 
SER N    N  N N 365 
SER CA   C  N S 366 
SER C    C  N N 367 
SER O    O  N N 368 
SER CB   C  N N 369 
SER OG   O  N N 370 
SER OXT  O  N N 371 
SER H    H  N N 372 
SER H2   H  N N 373 
SER HA   H  N N 374 
SER HB2  H  N N 375 
SER HB3  H  N N 376 
SER HG   H  N N 377 
SER HXT  H  N N 378 
THR N    N  N N 379 
THR CA   C  N S 380 
THR C    C  N N 381 
THR O    O  N N 382 
THR CB   C  N R 383 
THR OG1  O  N N 384 
THR CG2  C  N N 385 
THR OXT  O  N N 386 
THR H    H  N N 387 
THR H2   H  N N 388 
THR HA   H  N N 389 
THR HB   H  N N 390 
THR HG1  H  N N 391 
THR HG21 H  N N 392 
THR HG22 H  N N 393 
THR HG23 H  N N 394 
THR HXT  H  N N 395 
TRP N    N  N N 396 
TRP CA   C  N S 397 
TRP C    C  N N 398 
TRP O    O  N N 399 
TRP CB   C  N N 400 
TRP CG   C  Y N 401 
TRP CD1  C  Y N 402 
TRP CD2  C  Y N 403 
TRP NE1  N  Y N 404 
TRP CE2  C  Y N 405 
TRP CE3  C  Y N 406 
TRP CZ2  C  Y N 407 
TRP CZ3  C  Y N 408 
TRP CH2  C  Y N 409 
TRP OXT  O  N N 410 
TRP H    H  N N 411 
TRP H2   H  N N 412 
TRP HA   H  N N 413 
TRP HB2  H  N N 414 
TRP HB3  H  N N 415 
TRP HD1  H  N N 416 
TRP HE1  H  N N 417 
TRP HE3  H  N N 418 
TRP HZ2  H  N N 419 
TRP HZ3  H  N N 420 
TRP HH2  H  N N 421 
TRP HXT  H  N N 422 
TYR N    N  N N 423 
TYR CA   C  N S 424 
TYR C    C  N N 425 
TYR O    O  N N 426 
TYR CB   C  N N 427 
TYR CG   C  Y N 428 
TYR CD1  C  Y N 429 
TYR CD2  C  Y N 430 
TYR CE1  C  Y N 431 
TYR CE2  C  Y N 432 
TYR CZ   C  Y N 433 
TYR OH   O  N N 434 
TYR OXT  O  N N 435 
TYR H    H  N N 436 
TYR H2   H  N N 437 
TYR HA   H  N N 438 
TYR HB2  H  N N 439 
TYR HB3  H  N N 440 
TYR HD1  H  N N 441 
TYR HD2  H  N N 442 
TYR HE1  H  N N 443 
TYR HE2  H  N N 444 
TYR HH   H  N N 445 
TYR HXT  H  N N 446 
VAL N    N  N N 447 
VAL CA   C  N S 448 
VAL C    C  N N 449 
VAL O    O  N N 450 
VAL CB   C  N N 451 
VAL CG1  C  N N 452 
VAL CG2  C  N N 453 
VAL OXT  O  N N 454 
VAL H    H  N N 455 
VAL H2   H  N N 456 
VAL HA   H  N N 457 
VAL HB   H  N N 458 
VAL HG11 H  N N 459 
VAL HG12 H  N N 460 
VAL HG13 H  N N 461 
VAL HG21 H  N N 462 
VAL HG22 H  N N 463 
VAL HG23 H  N N 464 
VAL HXT  H  N N 465 
# 
loop_
_chem_comp_bond.comp_id 
_chem_comp_bond.atom_id_1 
_chem_comp_bond.atom_id_2 
_chem_comp_bond.value_order 
_chem_comp_bond.pdbx_aromatic_flag 
_chem_comp_bond.pdbx_stereo_config 
_chem_comp_bond.pdbx_ordinal 
ALA N   CA   sing N N 1   
ALA N   H    sing N N 2   
ALA N   H2   sing N N 3   
ALA CA  C    sing N N 4   
ALA CA  CB   sing N N 5   
ALA CA  HA   sing N N 6   
ALA C   O    doub N N 7   
ALA C   OXT  sing N N 8   
ALA CB  HB1  sing N N 9   
ALA CB  HB2  sing N N 10  
ALA CB  HB3  sing N N 11  
ALA OXT HXT  sing N N 12  
ARG N   CA   sing N N 13  
ARG N   H    sing N N 14  
ARG N   H2   sing N N 15  
ARG CA  C    sing N N 16  
ARG CA  CB   sing N N 17  
ARG CA  HA   sing N N 18  
ARG C   O    doub N N 19  
ARG C   OXT  sing N N 20  
ARG CB  CG   sing N N 21  
ARG CB  HB2  sing N N 22  
ARG CB  HB3  sing N N 23  
ARG CG  CD   sing N N 24  
ARG CG  HG2  sing N N 25  
ARG CG  HG3  sing N N 26  
ARG CD  NE   sing N N 27  
ARG CD  HD2  sing N N 28  
ARG CD  HD3  sing N N 29  
ARG NE  CZ   sing N N 30  
ARG NE  HE   sing N N 31  
ARG CZ  NH1  sing N N 32  
ARG CZ  NH2  doub N N 33  
ARG NH1 HH11 sing N N 34  
ARG NH1 HH12 sing N N 35  
ARG NH2 HH21 sing N N 36  
ARG NH2 HH22 sing N N 37  
ARG OXT HXT  sing N N 38  
ASN N   CA   sing N N 39  
ASN N   H    sing N N 40  
ASN N   H2   sing N N 41  
ASN CA  C    sing N N 42  
ASN CA  CB   sing N N 43  
ASN CA  HA   sing N N 44  
ASN C   O    doub N N 45  
ASN C   OXT  sing N N 46  
ASN CB  CG   sing N N 47  
ASN CB  HB2  sing N N 48  
ASN CB  HB3  sing N N 49  
ASN CG  OD1  doub N N 50  
ASN CG  ND2  sing N N 51  
ASN ND2 HD21 sing N N 52  
ASN ND2 HD22 sing N N 53  
ASN OXT HXT  sing N N 54  
ASP N   CA   sing N N 55  
ASP N   H    sing N N 56  
ASP N   H2   sing N N 57  
ASP CA  C    sing N N 58  
ASP CA  CB   sing N N 59  
ASP CA  HA   sing N N 60  
ASP C   O    doub N N 61  
ASP C   OXT  sing N N 62  
ASP CB  CG   sing N N 63  
ASP CB  HB2  sing N N 64  
ASP CB  HB3  sing N N 65  
ASP CG  OD1  doub N N 66  
ASP CG  OD2  sing N N 67  
ASP OD2 HD2  sing N N 68  
ASP OXT HXT  sing N N 69  
CYS N   CA   sing N N 70  
CYS N   H    sing N N 71  
CYS N   H2   sing N N 72  
CYS CA  C    sing N N 73  
CYS CA  CB   sing N N 74  
CYS CA  HA   sing N N 75  
CYS C   O    doub N N 76  
CYS C   OXT  sing N N 77  
CYS CB  SG   sing N N 78  
CYS CB  HB2  sing N N 79  
CYS CB  HB3  sing N N 80  
CYS SG  HG   sing N N 81  
CYS OXT HXT  sing N N 82  
GLN N   CA   sing N N 83  
GLN N   H    sing N N 84  
GLN N   H2   sing N N 85  
GLN CA  C    sing N N 86  
GLN CA  CB   sing N N 87  
GLN CA  HA   sing N N 88  
GLN C   O    doub N N 89  
GLN C   OXT  sing N N 90  
GLN CB  CG   sing N N 91  
GLN CB  HB2  sing N N 92  
GLN CB  HB3  sing N N 93  
GLN CG  CD   sing N N 94  
GLN CG  HG2  sing N N 95  
GLN CG  HG3  sing N N 96  
GLN CD  OE1  doub N N 97  
GLN CD  NE2  sing N N 98  
GLN NE2 HE21 sing N N 99  
GLN NE2 HE22 sing N N 100 
GLN OXT HXT  sing N N 101 
GLU N   CA   sing N N 102 
GLU N   H    sing N N 103 
GLU N   H2   sing N N 104 
GLU CA  C    sing N N 105 
GLU CA  CB   sing N N 106 
GLU CA  HA   sing N N 107 
GLU C   O    doub N N 108 
GLU C   OXT  sing N N 109 
GLU CB  CG   sing N N 110 
GLU CB  HB2  sing N N 111 
GLU CB  HB3  sing N N 112 
GLU CG  CD   sing N N 113 
GLU CG  HG2  sing N N 114 
GLU CG  HG3  sing N N 115 
GLU CD  OE1  doub N N 116 
GLU CD  OE2  sing N N 117 
GLU OE2 HE2  sing N N 118 
GLU OXT HXT  sing N N 119 
GLY N   CA   sing N N 120 
GLY N   H    sing N N 121 
GLY N   H2   sing N N 122 
GLY CA  C    sing N N 123 
GLY CA  HA2  sing N N 124 
GLY CA  HA3  sing N N 125 
GLY C   O    doub N N 126 
GLY C   OXT  sing N N 127 
GLY OXT HXT  sing N N 128 
HEM CHA C1A  sing N N 129 
HEM CHA C4D  doub N N 130 
HEM CHA HHA  sing N N 131 
HEM CHB C4A  sing N N 132 
HEM CHB C1B  doub N N 133 
HEM CHB HHB  sing N N 134 
HEM CHC C4B  sing N N 135 
HEM CHC C1C  doub N N 136 
HEM CHC HHC  sing N N 137 
HEM CHD C4C  doub N N 138 
HEM CHD C1D  sing N N 139 
HEM CHD HHD  sing N N 140 
HEM C1A C2A  doub Y N 141 
HEM C1A NA   sing Y N 142 
HEM C2A C3A  sing Y N 143 
HEM C2A CAA  sing N N 144 
HEM C3A C4A  doub Y N 145 
HEM C3A CMA  sing N N 146 
HEM C4A NA   sing Y N 147 
HEM CMA HMA  sing N N 148 
HEM CMA HMAA sing N N 149 
HEM CMA HMAB sing N N 150 
HEM CAA CBA  sing N N 151 
HEM CAA HAA  sing N N 152 
HEM CAA HAAA sing N N 153 
HEM CBA CGA  sing N N 154 
HEM CBA HBA  sing N N 155 
HEM CBA HBAA sing N N 156 
HEM CGA O1A  doub N N 157 
HEM CGA O2A  sing N N 158 
HEM C1B C2B  sing N N 159 
HEM C1B NB   sing N N 160 
HEM C2B C3B  doub N N 161 
HEM C2B CMB  sing N N 162 
HEM C3B C4B  sing N N 163 
HEM C3B CAB  sing N N 164 
HEM C4B NB   doub N N 165 
HEM CMB HMB  sing N N 166 
HEM CMB HMBA sing N N 167 
HEM CMB HMBB sing N N 168 
HEM CAB CBB  doub N N 169 
HEM CAB HAB  sing N N 170 
HEM CBB HBB  sing N N 171 
HEM CBB HBBA sing N N 172 
HEM C1C C2C  sing Y N 173 
HEM C1C NC   sing Y N 174 
HEM C2C C3C  doub Y N 175 
HEM C2C CMC  sing N N 176 
HEM C3C C4C  sing Y N 177 
HEM C3C CAC  sing N N 178 
HEM C4C NC   sing Y N 179 
HEM CMC HMC  sing N N 180 
HEM CMC HMCA sing N N 181 
HEM CMC HMCB sing N N 182 
HEM CAC CBC  doub N N 183 
HEM CAC HAC  sing N N 184 
HEM CBC HBC  sing N N 185 
HEM CBC HBCA sing N N 186 
HEM C1D C2D  sing N N 187 
HEM C1D ND   doub N N 188 
HEM C2D C3D  doub N N 189 
HEM C2D CMD  sing N N 190 
HEM C3D C4D  sing N N 191 
HEM C3D CAD  sing N N 192 
HEM C4D ND   sing N N 193 
HEM CMD HMD  sing N N 194 
HEM CMD HMDA sing N N 195 
HEM CMD HMDB sing N N 196 
HEM CAD CBD  sing N N 197 
HEM CAD HAD  sing N N 198 
HEM CAD HADA sing N N 199 
HEM CBD CGD  sing N N 200 
HEM CBD HBD  sing N N 201 
HEM CBD HBDA sing N N 202 
HEM CGD O1D  doub N N 203 
HEM CGD O2D  sing N N 204 
HEM O2A H2A  sing N N 205 
HEM O2D H2D  sing N N 206 
HEM FE  NA   sing N N 207 
HEM FE  NB   sing N N 208 
HEM FE  NC   sing N N 209 
HEM FE  ND   sing N N 210 
HIS N   CA   sing N N 211 
HIS N   H    sing N N 212 
HIS N   H2   sing N N 213 
HIS CA  C    sing N N 214 
HIS CA  CB   sing N N 215 
HIS CA  HA   sing N N 216 
HIS C   O    doub N N 217 
HIS C   OXT  sing N N 218 
HIS CB  CG   sing N N 219 
HIS CB  HB2  sing N N 220 
HIS CB  HB3  sing N N 221 
HIS CG  ND1  sing Y N 222 
HIS CG  CD2  doub Y N 223 
HIS ND1 CE1  doub Y N 224 
HIS ND1 HD1  sing N N 225 
HIS CD2 NE2  sing Y N 226 
HIS CD2 HD2  sing N N 227 
HIS CE1 NE2  sing Y N 228 
HIS CE1 HE1  sing N N 229 
HIS NE2 HE2  sing N N 230 
HIS OXT HXT  sing N N 231 
HOH O   H1   sing N N 232 
HOH O   H2   sing N N 233 
ILE N   CA   sing N N 234 
ILE N   H    sing N N 235 
ILE N   H2   sing N N 236 
ILE CA  C    sing N N 237 
ILE CA  CB   sing N N 238 
ILE CA  HA   sing N N 239 
ILE C   O    doub N N 240 
ILE C   OXT  sing N N 241 
ILE CB  CG1  sing N N 242 
ILE CB  CG2  sing N N 243 
ILE CB  HB   sing N N 244 
ILE CG1 CD1  sing N N 245 
ILE CG1 HG12 sing N N 246 
ILE CG1 HG13 sing N N 247 
ILE CG2 HG21 sing N N 248 
ILE CG2 HG22 sing N N 249 
ILE CG2 HG23 sing N N 250 
ILE CD1 HD11 sing N N 251 
ILE CD1 HD12 sing N N 252 
ILE CD1 HD13 sing N N 253 
ILE OXT HXT  sing N N 254 
LEU N   CA   sing N N 255 
LEU N   H    sing N N 256 
LEU N   H2   sing N N 257 
LEU CA  C    sing N N 258 
LEU CA  CB   sing N N 259 
LEU CA  HA   sing N N 260 
LEU C   O    doub N N 261 
LEU C   OXT  sing N N 262 
LEU CB  CG   sing N N 263 
LEU CB  HB2  sing N N 264 
LEU CB  HB3  sing N N 265 
LEU CG  CD1  sing N N 266 
LEU CG  CD2  sing N N 267 
LEU CG  HG   sing N N 268 
LEU CD1 HD11 sing N N 269 
LEU CD1 HD12 sing N N 270 
LEU CD1 HD13 sing N N 271 
LEU CD2 HD21 sing N N 272 
LEU CD2 HD22 sing N N 273 
LEU CD2 HD23 sing N N 274 
LEU OXT HXT  sing N N 275 
LYS N   CA   sing N N 276 
LYS N   H    sing N N 277 
LYS N   H2   sing N N 278 
LYS CA  C    sing N N 279 
LYS CA  CB   sing N N 280 
LYS CA  HA   sing N N 281 
LYS C   O    doub N N 282 
LYS C   OXT  sing N N 283 
LYS CB  CG   sing N N 284 
LYS CB  HB2  sing N N 285 
LYS CB  HB3  sing N N 286 
LYS CG  CD   sing N N 287 
LYS CG  HG2  sing N N 288 
LYS CG  HG3  sing N N 289 
LYS CD  CE   sing N N 290 
LYS CD  HD2  sing N N 291 
LYS CD  HD3  sing N N 292 
LYS CE  NZ   sing N N 293 
LYS CE  HE2  sing N N 294 
LYS CE  HE3  sing N N 295 
LYS NZ  HZ1  sing N N 296 
LYS NZ  HZ2  sing N N 297 
LYS NZ  HZ3  sing N N 298 
LYS OXT HXT  sing N N 299 
MET N   CA   sing N N 300 
MET N   H    sing N N 301 
MET N   H2   sing N N 302 
MET CA  C    sing N N 303 
MET CA  CB   sing N N 304 
MET CA  HA   sing N N 305 
MET C   O    doub N N 306 
MET C   OXT  sing N N 307 
MET CB  CG   sing N N 308 
MET CB  HB2  sing N N 309 
MET CB  HB3  sing N N 310 
MET CG  SD   sing N N 311 
MET CG  HG2  sing N N 312 
MET CG  HG3  sing N N 313 
MET SD  CE   sing N N 314 
MET CE  HE1  sing N N 315 
MET CE  HE2  sing N N 316 
MET CE  HE3  sing N N 317 
MET OXT HXT  sing N N 318 
PHE N   CA   sing N N 319 
PHE N   H    sing N N 320 
PHE N   H2   sing N N 321 
PHE CA  C    sing N N 322 
PHE CA  CB   sing N N 323 
PHE CA  HA   sing N N 324 
PHE C   O    doub N N 325 
PHE C   OXT  sing N N 326 
PHE CB  CG   sing N N 327 
PHE CB  HB2  sing N N 328 
PHE CB  HB3  sing N N 329 
PHE CG  CD1  doub Y N 330 
PHE CG  CD2  sing Y N 331 
PHE CD1 CE1  sing Y N 332 
PHE CD1 HD1  sing N N 333 
PHE CD2 CE2  doub Y N 334 
PHE CD2 HD2  sing N N 335 
PHE CE1 CZ   doub Y N 336 
PHE CE1 HE1  sing N N 337 
PHE CE2 CZ   sing Y N 338 
PHE CE2 HE2  sing N N 339 
PHE CZ  HZ   sing N N 340 
PHE OXT HXT  sing N N 341 
PRO N   CA   sing N N 342 
PRO N   CD   sing N N 343 
PRO N   H    sing N N 344 
PRO CA  C    sing N N 345 
PRO CA  CB   sing N N 346 
PRO CA  HA   sing N N 347 
PRO C   O    doub N N 348 
PRO C   OXT  sing N N 349 
PRO CB  CG   sing N N 350 
PRO CB  HB2  sing N N 351 
PRO CB  HB3  sing N N 352 
PRO CG  CD   sing N N 353 
PRO CG  HG2  sing N N 354 
PRO CG  HG3  sing N N 355 
PRO CD  HD2  sing N N 356 
PRO CD  HD3  sing N N 357 
PRO OXT HXT  sing N N 358 
SER N   CA   sing N N 359 
SER N   H    sing N N 360 
SER N   H2   sing N N 361 
SER CA  C    sing N N 362 
SER CA  CB   sing N N 363 
SER CA  HA   sing N N 364 
SER C   O    doub N N 365 
SER C   OXT  sing N N 366 
SER CB  OG   sing N N 367 
SER CB  HB2  sing N N 368 
SER CB  HB3  sing N N 369 
SER OG  HG   sing N N 370 
SER OXT HXT  sing N N 371 
THR N   CA   sing N N 372 
THR N   H    sing N N 373 
THR N   H2   sing N N 374 
THR CA  C    sing N N 375 
THR CA  CB   sing N N 376 
THR CA  HA   sing N N 377 
THR C   O    doub N N 378 
THR C   OXT  sing N N 379 
THR CB  OG1  sing N N 380 
THR CB  CG2  sing N N 381 
THR CB  HB   sing N N 382 
THR OG1 HG1  sing N N 383 
THR CG2 HG21 sing N N 384 
THR CG2 HG22 sing N N 385 
THR CG2 HG23 sing N N 386 
THR OXT HXT  sing N N 387 
TRP N   CA   sing N N 388 
TRP N   H    sing N N 389 
TRP N   H2   sing N N 390 
TRP CA  C    sing N N 391 
TRP CA  CB   sing N N 392 
TRP CA  HA   sing N N 393 
TRP C   O    doub N N 394 
TRP C   OXT  sing N N 395 
TRP CB  CG   sing N N 396 
TRP CB  HB2  sing N N 397 
TRP CB  HB3  sing N N 398 
TRP CG  CD1  doub Y N 399 
TRP CG  CD2  sing Y N 400 
TRP CD1 NE1  sing Y N 401 
TRP CD1 HD1  sing N N 402 
TRP CD2 CE2  doub Y N 403 
TRP CD2 CE3  sing Y N 404 
TRP NE1 CE2  sing Y N 405 
TRP NE1 HE1  sing N N 406 
TRP CE2 CZ2  sing Y N 407 
TRP CE3 CZ3  doub Y N 408 
TRP CE3 HE3  sing N N 409 
TRP CZ2 CH2  doub Y N 410 
TRP CZ2 HZ2  sing N N 411 
TRP CZ3 CH2  sing Y N 412 
TRP CZ3 HZ3  sing N N 413 
TRP CH2 HH2  sing N N 414 
TRP OXT HXT  sing N N 415 
TYR N   CA   sing N N 416 
TYR N   H    sing N N 417 
TYR N   H2   sing N N 418 
TYR CA  C    sing N N 419 
TYR CA  CB   sing N N 420 
TYR CA  HA   sing N N 421 
TYR C   O    doub N N 422 
TYR C   OXT  sing N N 423 
TYR CB  CG   sing N N 424 
TYR CB  HB2  sing N N 425 
TYR CB  HB3  sing N N 426 
TYR CG  CD1  doub Y N 427 
TYR CG  CD2  sing Y N 428 
TYR CD1 CE1  sing Y N 429 
TYR CD1 HD1  sing N N 430 
TYR CD2 CE2  doub Y N 431 
TYR CD2 HD2  sing N N 432 
TYR CE1 CZ   doub Y N 433 
TYR CE1 HE1  sing N N 434 
TYR CE2 CZ   sing Y N 435 
TYR CE2 HE2  sing N N 436 
TYR CZ  OH   sing N N 437 
TYR OH  HH   sing N N 438 
TYR OXT HXT  sing N N 439 
VAL N   CA   sing N N 440 
VAL N   H    sing N N 441 
VAL N   H2   sing N N 442 
VAL CA  C    sing N N 443 
VAL CA  CB   sing N N 444 
VAL CA  HA   sing N N 445 
VAL C   O    doub N N 446 
VAL C   OXT  sing N N 447 
VAL CB  CG1  sing N N 448 
VAL CB  CG2  sing N N 449 
VAL CB  HB   sing N N 450 
VAL CG1 HG11 sing N N 451 
VAL CG1 HG12 sing N N 452 
VAL CG1 HG13 sing N N 453 
VAL CG2 HG21 sing N N 454 
VAL CG2 HG22 sing N N 455 
VAL CG2 HG23 sing N N 456 
VAL OXT HXT  sing N N 457 
# 
loop_
_pdbx_audit_support.funding_organization 
_pdbx_audit_support.country 
_pdbx_audit_support.grant_number 
_pdbx_audit_support.ordinal 
'National Institutes of Health/National Human Genome Research Institute (NIH/NHGRI)' 'United States' 'R01 GM117357' 1 
'National Institutes of Health/National Human Genome Research Institute (NIH/NHGRI)' 'United States' 'P30 CA023074' 2 
'National Institutes of Health/National Human Genome Research Institute (NIH/NHGRI)' 'United States' 'T32 GM008804' 3 
'American Heart Association'                                                         'United States' 14GRNT20080006 4 
'American Heart Association'                                                         'United States' 16PRE31090034  5 
# 
loop_
_pdbx_entity_nonpoly.entity_id 
_pdbx_entity_nonpoly.name 
_pdbx_entity_nonpoly.comp_id 
2 'PROTOPORPHYRIN IX CONTAINING FE' HEM 
3 water                             HOH 
# 
_pdbx_initial_refinement_model.id               1 
_pdbx_initial_refinement_model.entity_id_list   ? 
_pdbx_initial_refinement_model.type             'experimental model' 
_pdbx_initial_refinement_model.source_name      PDB 
_pdbx_initial_refinement_model.accession_code   2O09 
_pdbx_initial_refinement_model.details          ? 
# 
_pdbx_struct_assembly_auth_evidence.id                     1 
_pdbx_struct_assembly_auth_evidence.assembly_id            1 
_pdbx_struct_assembly_auth_evidence.experimental_support   none 
_pdbx_struct_assembly_auth_evidence.details                ? 
# 
